data_2C3U
#
_entry.id   2C3U
#
_cell.length_a   86.176
_cell.length_b   146.810
_cell.length_c   212.860
_cell.angle_alpha   90.00
_cell.angle_beta   90.00
_cell.angle_gamma   90.00
#
_symmetry.space_group_name_H-M   'P 21 21 21'
#
loop_
_entity.id
_entity.type
_entity.pdbx_description
1 polymer 'PYRUVATE-FERREDOXIN OXIDOREDUCTASE'
2 non-polymer 'IRON/SULFUR CLUSTER'
3 non-polymer '2-(3-{[4-(HYDROXYAMINO)-2-METHYLPYRIMIDIN-5-YL]METHYL}-4-METHYL-2,3-DIHYDRO-1,3-THIAZOL-5-YL)ETHYL TRIHYDROGEN DIPHOSPHATE'
4 non-polymer 'PYRUVIC ACID'
5 non-polymer 'MAGNESIUM ION'
6 non-polymer 'CALCIUM ION'
7 water water
#
_entity_poly.entity_id   1
_entity_poly.type   'polypeptide(L)'
_entity_poly.pdbx_seq_one_letter_code
;GKKMMTTDGNTATAHVAYAMSEVAAIYPITPSSTMGEEADDWAAQGRKNIFGQTLTIREMQSEAGAAGAVHGALAAGALT
TTFTASQGLLLMIPNMYKISGELLPGVFHVTARAIAAHALSIFGDHQDIYAARQTGFAMLASSSVQEAHDMALVAHLAAI
ESNVPFMHFFDGFRTSHEIQKIEVLDYADMASLVNQKALAEFRAKSMNPEHPHVRGTAQNPDIYFQGREAANPYYLKVPG
IVAEYMQKVASLTGRSYKLFDYVGAPDAERVIVSMGSSCETIEEVINHLAAKGEKIGLIKVRLYRPFVSEAFFAALPASA
KVITVLDRTKEPGAPGDPLYLDVCSAFVERGEAMPKILAGRYGLGSKEFSPAMVKSVYDNMSGAKKNHFTVGIEDDVTGT
SLPVDNAFADTTPKGTIQCQFWGLGADGTVGANKQAIKIIGDNTDLFAQGYFSYDSKKSGGITISHLRFGEKPIQSTYLV
NRADYVACHNPAYVGIYDILEGIKDGGTFVLNSPWSSLEDMDKHLPSGIKRTIANKKLKFYNIDAVKIATDVGLGGRINM
IMQTAFFKLAGVLPFEKAVDLLKKSIHKAYGKKGEKIVKMNTDAVDQAVTSLQEFKYPDSWKDAPAETKAEPMTNEFFKN
VVKPILTQQGDKLPVSAFEADGRFPLGTSQFEKRGVAINVPQWVPENCIQCNQCAFVCPHSAILPVLAKEEELVGAPANF
TALEAKGKELKGYKFRIQINTLDCMGCGNCADICPPKEKALVMQPLDTQRDAQVPNLEYAARIPVKSEVLPRDSLKGSQF
QEPLMEFSGACSGCGETPYVRVITQLFGERMFIANATGCSSIWGASAPSMPYKTNRLGQGPAWGNSLFEDAAEYGFGMNM
SMFARRTHLADLAAKALESDASGDVKEALQGWLAGKNDPIKSKEYGDKLKKLLAGQKDGLLGQIAAMSDLYTKKSVWIFG
GDGWAYDIGYGGLDHVLASGEDVNVFVMDTEVYSNTGGQSSKATPTGAVAKFAAAGKRTGKKDLARMVMTYGYVYVATVS
MGYSKQQFLKVLKEAESFPGPSLVIAYATCINQGLRKGMGKSQDVMNTAVKSGYWPLFRYDPRLAAQGKNPFQLDSKAPD
GSVEEFLMAQNRFAVLDRSFPEDAKRLRAQVAHELDVRFKELEHMAATNIFESFAPAGGKADGSVDFGEGAEFCTRDDTP
MMARPDSGEACDQNRAGTSEQQGDLSKRTKK
;
_entity_poly.pdbx_strand_id   A,B
#
# COMPACT_ATOMS: atom_id res chain seq x y z
N GLY A 1 23.87 26.45 -22.88
CA GLY A 1 25.15 25.71 -23.03
C GLY A 1 25.49 24.81 -21.86
N LYS A 2 26.76 24.41 -21.81
CA LYS A 2 27.29 23.54 -20.76
C LYS A 2 27.54 24.29 -19.44
N LYS A 3 28.13 23.60 -18.48
CA LYS A 3 28.42 24.17 -17.17
C LYS A 3 29.00 23.08 -16.26
N MET A 4 30.17 23.33 -15.69
CA MET A 4 30.79 22.37 -14.79
C MET A 4 30.14 22.52 -13.41
N MET A 5 30.04 21.41 -12.70
CA MET A 5 29.38 21.40 -11.41
C MET A 5 29.83 20.19 -10.62
N THR A 6 29.94 20.31 -9.30
CA THR A 6 30.31 19.15 -8.50
C THR A 6 29.13 18.89 -7.58
N THR A 7 28.50 17.75 -7.78
CA THR A 7 27.33 17.35 -6.98
C THR A 7 27.22 15.85 -6.93
N ASP A 8 26.09 15.38 -6.43
CA ASP A 8 25.89 13.95 -6.35
C ASP A 8 24.83 13.50 -7.34
N GLY A 9 24.63 12.19 -7.41
CA GLY A 9 23.65 11.64 -8.32
C GLY A 9 22.28 12.23 -8.12
N ASN A 10 21.91 12.44 -6.86
CA ASN A 10 20.61 13.01 -6.52
C ASN A 10 20.42 14.41 -7.11
N THR A 11 21.23 15.36 -6.67
CA THR A 11 21.10 16.71 -7.15
C THR A 11 21.31 16.75 -8.67
N ALA A 12 22.19 15.90 -9.19
CA ALA A 12 22.41 15.87 -10.62
C ALA A 12 21.12 15.48 -11.35
N THR A 13 20.35 14.53 -10.79
CA THR A 13 19.12 14.15 -11.48
C THR A 13 17.97 15.10 -11.19
N ALA A 14 17.92 15.63 -9.97
CA ALA A 14 16.87 16.58 -9.60
C ALA A 14 17.02 17.84 -10.44
N HIS A 15 18.23 18.07 -10.93
CA HIS A 15 18.51 19.23 -11.75
C HIS A 15 17.63 19.16 -13.00
N VAL A 16 17.62 17.98 -13.63
CA VAL A 16 16.85 17.72 -14.83
C VAL A 16 15.36 17.57 -14.53
N ALA A 17 15.03 16.79 -13.50
CA ALA A 17 13.64 16.53 -13.14
C ALA A 17 12.85 17.81 -12.91
N TYR A 18 13.47 18.78 -12.23
CA TYR A 18 12.82 20.05 -11.94
C TYR A 18 12.49 20.76 -13.26
N ALA A 19 13.48 20.80 -14.14
CA ALA A 19 13.34 21.44 -15.43
C ALA A 19 12.23 20.86 -16.30
N MET A 20 12.13 19.53 -16.31
CA MET A 20 11.16 18.86 -17.17
C MET A 20 9.78 18.60 -16.62
N SER A 21 9.53 19.00 -15.38
CA SER A 21 8.23 18.75 -14.79
C SER A 21 7.44 19.97 -14.34
N GLU A 22 6.11 19.84 -14.39
CA GLU A 22 5.22 20.90 -13.97
C GLU A 22 4.74 20.57 -12.54
N VAL A 23 4.66 19.27 -12.25
CA VAL A 23 4.17 18.80 -10.97
C VAL A 23 4.99 17.66 -10.37
N ALA A 24 5.07 17.64 -9.04
CA ALA A 24 5.76 16.55 -8.34
C ALA A 24 4.96 16.20 -7.08
N ALA A 25 4.56 14.94 -6.96
CA ALA A 25 3.83 14.46 -5.77
C ALA A 25 4.94 13.68 -5.07
N ILE A 26 5.26 14.13 -3.88
CA ILE A 26 6.39 13.62 -3.13
C ILE A 26 6.18 12.99 -1.75
N TYR A 27 7.13 12.15 -1.36
CA TYR A 27 7.16 11.52 -0.03
C TYR A 27 8.61 11.18 0.24
N PRO A 28 9.11 11.48 1.45
CA PRO A 28 10.51 11.19 1.77
C PRO A 28 10.87 9.76 2.17
N ILE A 29 11.95 9.25 1.57
CA ILE A 29 12.49 7.94 1.90
C ILE A 29 13.98 7.94 1.53
N THR A 30 14.82 7.48 2.45
CA THR A 30 16.26 7.43 2.23
C THR A 30 16.53 6.34 1.20
N PRO A 31 17.46 6.57 0.27
CA PRO A 31 18.33 7.74 0.06
C PRO A 31 17.82 8.73 -0.98
N SER A 32 16.55 8.67 -1.32
CA SER A 32 16.04 9.58 -2.34
C SER A 32 15.59 10.95 -1.85
N SER A 33 15.43 11.10 -0.53
CA SER A 33 14.95 12.36 0.06
C SER A 33 15.53 13.65 -0.50
N THR A 34 16.85 13.69 -0.68
CA THR A 34 17.50 14.88 -1.21
C THR A 34 16.86 15.43 -2.47
N MET A 35 16.37 14.57 -3.35
CA MET A 35 15.80 15.08 -4.59
C MET A 35 14.59 15.95 -4.34
N GLY A 36 13.63 15.44 -3.60
CA GLY A 36 12.45 16.23 -3.32
C GLY A 36 12.77 17.49 -2.56
N GLU A 37 13.73 17.43 -1.64
CA GLU A 37 14.07 18.60 -0.87
C GLU A 37 14.75 19.68 -1.72
N GLU A 38 15.61 19.27 -2.66
CA GLU A 38 16.25 20.25 -3.53
C GLU A 38 15.19 20.93 -4.38
N ALA A 39 14.24 20.14 -4.89
CA ALA A 39 13.17 20.68 -5.73
C ALA A 39 12.39 21.74 -4.97
N ASP A 40 12.05 21.43 -3.73
CA ASP A 40 11.31 22.38 -2.91
C ASP A 40 12.16 23.64 -2.70
N ASP A 41 13.44 23.46 -2.41
CA ASP A 41 14.31 24.61 -2.20
C ASP A 41 14.35 25.49 -3.44
N TRP A 42 14.52 24.86 -4.60
CA TRP A 42 14.60 25.59 -5.84
C TRP A 42 13.32 26.32 -6.17
N ALA A 43 12.18 25.68 -5.89
CA ALA A 43 10.90 26.28 -6.17
C ALA A 43 10.76 27.55 -5.34
N ALA A 44 11.18 27.48 -4.10
CA ALA A 44 11.10 28.62 -3.20
C ALA A 44 12.04 29.76 -3.60
N GLN A 45 13.20 29.41 -4.15
CA GLN A 45 14.18 30.41 -4.58
C GLN A 45 13.76 31.11 -5.88
N GLY A 46 12.75 30.56 -6.56
CA GLY A 46 12.29 31.16 -7.79
C GLY A 46 12.79 30.48 -9.06
N ARG A 47 13.34 29.28 -8.92
CA ARG A 47 13.85 28.54 -10.08
C ARG A 47 12.68 28.23 -11.00
N LYS A 48 12.87 28.48 -12.30
CA LYS A 48 11.80 28.19 -13.27
C LYS A 48 12.11 26.94 -14.07
N ASN A 49 11.09 26.20 -14.47
CA ASN A 49 11.31 25.00 -15.27
C ASN A 49 11.36 25.43 -16.74
N ILE A 50 11.33 24.48 -17.66
CA ILE A 50 11.39 24.84 -19.08
C ILE A 50 10.18 25.63 -19.56
N PHE A 51 9.14 25.69 -18.75
CA PHE A 51 7.94 26.44 -19.15
C PHE A 51 7.95 27.81 -18.48
N GLY A 52 9.06 28.14 -17.80
CA GLY A 52 9.18 29.41 -17.11
C GLY A 52 8.37 29.46 -15.83
N GLN A 53 8.02 28.30 -15.29
CA GLN A 53 7.23 28.24 -14.05
C GLN A 53 7.96 27.61 -12.89
N THR A 54 7.52 27.93 -11.67
CA THR A 54 8.10 27.32 -10.49
C THR A 54 7.39 25.95 -10.40
N LEU A 55 8.11 24.92 -9.99
CA LEU A 55 7.53 23.59 -9.89
C LEU A 55 6.43 23.54 -8.84
N THR A 56 5.37 22.80 -9.12
CA THR A 56 4.27 22.65 -8.18
C THR A 56 4.51 21.35 -7.42
N ILE A 57 4.96 21.47 -6.18
CA ILE A 57 5.31 20.32 -5.33
C ILE A 57 4.42 20.17 -4.13
N ARG A 58 3.99 18.94 -3.85
CA ARG A 58 3.18 18.66 -2.69
C ARG A 58 3.66 17.39 -2.05
N GLU A 59 3.59 17.32 -0.72
CA GLU A 59 4.01 16.13 -0.02
C GLU A 59 2.74 15.36 0.34
N MET A 60 2.73 14.06 0.08
CA MET A 60 1.57 13.25 0.37
C MET A 60 1.73 12.50 1.70
N GLN A 61 0.78 11.64 2.04
CA GLN A 61 0.83 10.90 3.29
C GLN A 61 1.67 9.60 3.24
N SER A 62 1.97 9.14 2.03
CA SER A 62 2.78 7.94 1.84
C SER A 62 3.07 7.90 0.35
N GLU A 63 3.95 6.98 -0.07
CA GLU A 63 4.26 6.86 -1.49
C GLU A 63 3.05 6.35 -2.27
N ALA A 64 2.17 5.62 -1.60
CA ALA A 64 0.98 5.13 -2.28
C ALA A 64 0.18 6.39 -2.62
N GLY A 65 0.11 7.29 -1.66
CA GLY A 65 -0.61 8.55 -1.87
C GLY A 65 0.04 9.38 -2.96
N ALA A 66 1.38 9.38 -3.02
CA ALA A 66 2.08 10.17 -4.02
C ALA A 66 1.85 9.60 -5.42
N ALA A 67 1.93 8.28 -5.55
CA ALA A 67 1.73 7.62 -6.84
C ALA A 67 0.33 7.89 -7.39
N GLY A 68 -0.65 7.96 -6.49
CA GLY A 68 -2.00 8.25 -6.94
C GLY A 68 -2.14 9.69 -7.44
N ALA A 69 -1.50 10.63 -6.75
CA ALA A 69 -1.54 12.03 -7.14
C ALA A 69 -0.78 12.21 -8.46
N VAL A 70 0.30 11.43 -8.63
CA VAL A 70 1.09 11.50 -9.85
C VAL A 70 0.22 11.07 -11.01
N HIS A 71 -0.51 9.98 -10.79
CA HIS A 71 -1.41 9.45 -11.79
C HIS A 71 -2.48 10.52 -12.12
N GLY A 72 -2.98 11.18 -11.09
CA GLY A 72 -4.01 12.19 -11.30
C GLY A 72 -3.52 13.36 -12.14
N ALA A 73 -2.34 13.85 -11.79
CA ALA A 73 -1.79 15.00 -12.49
C ALA A 73 -1.52 14.67 -13.97
N LEU A 74 -1.04 13.46 -14.22
CA LEU A 74 -0.74 13.04 -15.58
C LEU A 74 -2.02 12.86 -16.37
N ALA A 75 -3.01 12.21 -15.75
CA ALA A 75 -4.28 12.00 -16.41
C ALA A 75 -4.88 13.35 -16.75
N ALA A 76 -4.60 14.35 -15.91
CA ALA A 76 -5.14 15.69 -16.11
C ALA A 76 -4.24 16.65 -16.92
N GLY A 77 -3.31 16.09 -17.70
CA GLY A 77 -2.49 16.90 -18.58
C GLY A 77 -1.26 17.65 -18.12
N ALA A 78 -0.63 17.24 -17.02
CA ALA A 78 0.56 17.90 -16.56
C ALA A 78 1.75 16.94 -16.47
N LEU A 79 2.92 17.38 -16.94
CA LEU A 79 4.10 16.53 -16.86
C LEU A 79 4.41 16.40 -15.35
N THR A 80 4.67 15.18 -14.90
CA THR A 80 4.88 14.93 -13.49
C THR A 80 6.00 13.94 -13.18
N THR A 81 6.65 14.14 -12.02
CA THR A 81 7.70 13.24 -11.52
C THR A 81 7.45 12.98 -10.06
N THR A 82 8.31 12.13 -9.52
CA THR A 82 8.33 11.79 -8.12
C THR A 82 9.69 11.13 -7.88
N PHE A 83 10.11 11.07 -6.63
CA PHE A 83 11.39 10.48 -6.30
C PHE A 83 11.14 9.44 -5.22
N THR A 84 11.69 8.25 -5.37
CA THR A 84 11.43 7.24 -4.38
C THR A 84 12.47 6.12 -4.32
N ALA A 85 12.18 5.11 -3.52
CA ALA A 85 13.07 3.98 -3.35
C ALA A 85 12.45 2.88 -2.52
N SER A 86 13.13 1.73 -2.54
CA SER A 86 12.79 0.58 -1.72
C SER A 86 11.30 0.40 -1.36
N GLN A 87 11.00 0.43 -0.07
CA GLN A 87 9.63 0.28 0.42
C GLN A 87 8.69 1.27 -0.27
N GLY A 88 9.22 2.47 -0.56
CA GLY A 88 8.42 3.50 -1.21
C GLY A 88 7.98 3.09 -2.60
N LEU A 89 8.91 2.57 -3.39
CA LEU A 89 8.58 2.17 -4.74
C LEU A 89 7.54 1.05 -4.73
N LEU A 90 7.68 0.13 -3.77
CA LEU A 90 6.73 -0.98 -3.68
C LEU A 90 5.31 -0.46 -3.55
N LEU A 91 5.12 0.60 -2.76
CA LEU A 91 3.80 1.19 -2.57
C LEU A 91 3.25 1.86 -3.83
N MET A 92 4.12 2.15 -4.79
CA MET A 92 3.68 2.78 -6.01
C MET A 92 3.26 1.78 -7.08
N ILE A 93 3.73 0.55 -6.91
CA ILE A 93 3.46 -0.52 -7.86
C ILE A 93 2.04 -0.56 -8.46
N PRO A 94 0.99 -0.55 -7.62
CA PRO A 94 -0.37 -0.59 -8.18
C PRO A 94 -0.66 0.54 -9.15
N ASN A 95 -0.18 1.74 -8.81
CA ASN A 95 -0.40 2.88 -9.68
C ASN A 95 0.51 2.83 -10.91
N MET A 96 1.63 2.14 -10.80
CA MET A 96 2.51 2.05 -11.96
C MET A 96 1.82 1.30 -13.10
N TYR A 97 1.10 0.23 -12.77
CA TYR A 97 0.37 -0.53 -13.80
C TYR A 97 -0.64 0.40 -14.47
N LYS A 98 -1.29 1.24 -13.65
CA LYS A 98 -2.28 2.19 -14.16
C LYS A 98 -1.65 3.28 -15.02
N ILE A 99 -0.49 3.77 -14.59
CA ILE A 99 0.18 4.84 -15.31
C ILE A 99 0.74 4.39 -16.67
N SER A 100 1.22 3.15 -16.76
CA SER A 100 1.72 2.62 -18.03
C SER A 100 0.52 2.12 -18.84
N GLY A 101 -0.42 1.52 -18.11
CA GLY A 101 -1.63 1.01 -18.74
C GLY A 101 -2.36 2.12 -19.47
N GLU A 102 -2.30 3.33 -18.93
CA GLU A 102 -2.97 4.49 -19.55
C GLU A 102 -2.03 5.33 -20.41
N LEU A 103 -0.89 4.74 -20.79
CA LEU A 103 0.12 5.43 -21.62
C LEU A 103 0.36 6.89 -21.24
N LEU A 104 0.78 7.11 -20.01
CA LEU A 104 1.03 8.46 -19.52
C LEU A 104 2.53 8.71 -19.40
N PRO A 105 3.00 9.89 -19.84
CA PRO A 105 4.42 10.27 -19.82
C PRO A 105 5.04 10.61 -18.46
N GLY A 106 4.76 9.81 -17.44
CA GLY A 106 5.35 10.07 -16.15
C GLY A 106 6.80 9.59 -16.06
N VAL A 107 7.55 10.17 -15.14
CA VAL A 107 8.93 9.79 -14.92
C VAL A 107 9.19 9.67 -13.42
N PHE A 108 9.65 8.50 -13.00
CA PHE A 108 9.97 8.25 -11.60
C PHE A 108 11.48 8.18 -11.54
N HIS A 109 12.10 8.90 -10.61
CA HIS A 109 13.54 8.80 -10.46
C HIS A 109 13.75 8.05 -9.17
N VAL A 110 14.48 6.93 -9.22
CA VAL A 110 14.68 6.18 -8.00
C VAL A 110 16.11 5.83 -7.66
N THR A 111 16.41 5.92 -6.38
CA THR A 111 17.72 5.58 -5.87
C THR A 111 17.51 4.10 -5.51
N ALA A 112 18.04 3.20 -6.32
CA ALA A 112 17.85 1.77 -6.09
C ALA A 112 18.31 1.38 -4.71
N ARG A 113 17.36 0.89 -3.92
CA ARG A 113 17.66 0.50 -2.54
C ARG A 113 17.06 -0.83 -2.14
N ALA A 114 17.81 -1.56 -1.33
CA ALA A 114 17.42 -2.86 -0.82
C ALA A 114 16.04 -2.90 -0.19
N ILE A 115 15.39 -4.05 -0.33
CA ILE A 115 14.08 -4.25 0.24
C ILE A 115 14.26 -4.99 1.58
N ALA A 116 13.41 -4.65 2.54
CA ALA A 116 13.50 -5.28 3.85
C ALA A 116 12.96 -6.71 3.83
N ALA A 117 13.79 -7.66 4.27
CA ALA A 117 13.39 -9.06 4.33
C ALA A 117 13.80 -9.57 5.72
N HIS A 118 14.96 -10.23 5.80
CA HIS A 118 15.42 -10.72 7.09
C HIS A 118 15.76 -9.49 7.95
N ALA A 119 16.01 -8.37 7.28
CA ALA A 119 16.36 -7.12 7.93
C ALA A 119 16.11 -5.95 7.00
N LEU A 120 16.13 -4.74 7.55
CA LEU A 120 15.93 -3.53 6.76
C LEU A 120 17.29 -2.97 6.39
N SER A 121 17.35 -2.33 5.23
CA SER A 121 18.59 -1.71 4.77
C SER A 121 18.27 -0.47 3.93
N ILE A 122 18.92 0.64 4.25
CA ILE A 122 18.71 1.86 3.49
C ILE A 122 19.72 1.91 2.35
N PHE A 123 20.57 0.89 2.27
CA PHE A 123 21.61 0.90 1.25
C PHE A 123 21.28 0.37 -0.12
N GLY A 124 22.20 0.59 -1.05
CA GLY A 124 21.95 0.25 -2.44
C GLY A 124 22.07 -1.11 -3.08
N ASP A 125 21.02 -1.41 -3.83
CA ASP A 125 20.94 -2.59 -4.65
C ASP A 125 19.67 -2.50 -5.51
N HIS A 126 19.47 -3.47 -6.40
CA HIS A 126 18.34 -3.44 -7.32
C HIS A 126 17.13 -4.24 -6.94
N GLN A 127 17.02 -4.64 -5.68
CA GLN A 127 15.87 -5.43 -5.26
C GLN A 127 14.57 -4.65 -5.50
N ASP A 128 14.62 -3.33 -5.34
CA ASP A 128 13.41 -2.57 -5.53
C ASP A 128 13.01 -2.37 -6.98
N ILE A 129 13.92 -1.85 -7.82
CA ILE A 129 13.54 -1.63 -9.21
C ILE A 129 13.13 -2.94 -9.92
N TYR A 130 13.78 -4.07 -9.60
CA TYR A 130 13.41 -5.34 -10.24
C TYR A 130 12.00 -5.77 -9.81
N ALA A 131 11.58 -5.33 -8.62
CA ALA A 131 10.25 -5.67 -8.14
C ALA A 131 9.18 -5.00 -8.99
N ALA A 132 9.56 -3.98 -9.74
CA ALA A 132 8.57 -3.30 -10.57
C ALA A 132 8.77 -3.52 -12.05
N ARG A 133 9.64 -4.47 -12.40
CA ARG A 133 9.94 -4.74 -13.79
C ARG A 133 8.76 -5.17 -14.63
N GLN A 134 7.67 -5.58 -14.00
CA GLN A 134 6.51 -6.03 -14.78
C GLN A 134 5.34 -5.05 -14.81
N THR A 135 5.55 -3.82 -14.34
CA THR A 135 4.50 -2.83 -14.31
C THR A 135 4.26 -2.15 -15.64
N GLY A 136 5.17 -2.33 -16.59
CA GLY A 136 5.01 -1.70 -17.89
C GLY A 136 5.80 -0.42 -18.00
N PHE A 137 6.56 -0.09 -16.97
CA PHE A 137 7.38 1.11 -17.03
C PHE A 137 8.61 0.81 -17.84
N ALA A 138 9.12 1.84 -18.53
CA ALA A 138 10.38 1.68 -19.24
C ALA A 138 11.39 1.83 -18.08
N MET A 139 12.54 1.18 -18.18
CA MET A 139 13.56 1.25 -17.13
C MET A 139 14.92 1.59 -17.73
N LEU A 140 15.48 2.73 -17.32
CA LEU A 140 16.77 3.21 -17.83
C LEU A 140 17.73 3.30 -16.65
N ALA A 141 18.89 2.69 -16.78
CA ALA A 141 19.86 2.73 -15.69
C ALA A 141 20.99 3.74 -15.94
N SER A 142 21.41 4.44 -14.91
CA SER A 142 22.56 5.34 -15.04
C SER A 142 23.56 4.71 -14.09
N SER A 143 24.84 4.68 -14.50
CA SER A 143 25.87 4.06 -13.67
C SER A 143 26.86 5.02 -13.03
N SER A 144 26.58 6.32 -13.03
CA SER A 144 27.49 7.29 -12.45
C SER A 144 26.82 8.64 -12.28
N VAL A 145 27.43 9.53 -11.49
CA VAL A 145 26.85 10.85 -11.30
C VAL A 145 26.61 11.55 -12.62
N GLN A 146 27.60 11.54 -13.51
CA GLN A 146 27.44 12.17 -14.83
C GLN A 146 26.30 11.51 -15.60
N GLU A 147 26.26 10.18 -15.57
CA GLU A 147 25.22 9.46 -16.28
C GLU A 147 23.83 9.72 -15.71
N ALA A 148 23.74 9.90 -14.40
CA ALA A 148 22.44 10.15 -13.78
C ALA A 148 21.81 11.40 -14.42
N HIS A 149 22.63 12.42 -14.65
CA HIS A 149 22.15 13.65 -15.26
C HIS A 149 21.67 13.40 -16.69
N ASP A 150 22.48 12.68 -17.47
CA ASP A 150 22.15 12.40 -18.86
C ASP A 150 20.93 11.51 -19.05
N MET A 151 20.87 10.42 -18.30
CA MET A 151 19.76 9.49 -18.39
C MET A 151 18.44 10.10 -17.90
N ALA A 152 18.53 11.00 -16.92
CA ALA A 152 17.32 11.65 -16.43
C ALA A 152 16.73 12.49 -17.57
N LEU A 153 17.59 13.12 -18.36
CA LEU A 153 17.14 13.93 -19.50
C LEU A 153 16.57 13.04 -20.59
N VAL A 154 17.25 11.93 -20.89
CA VAL A 154 16.73 11.03 -21.91
C VAL A 154 15.36 10.46 -21.49
N ALA A 155 15.23 10.09 -20.23
CA ALA A 155 13.99 9.51 -19.73
C ALA A 155 12.80 10.43 -19.91
N HIS A 156 12.95 11.68 -19.50
CA HIS A 156 11.87 12.64 -19.63
C HIS A 156 11.48 12.86 -21.07
N LEU A 157 12.47 13.10 -21.93
CA LEU A 157 12.18 13.33 -23.34
C LEU A 157 11.52 12.13 -24.00
N ALA A 158 12.04 10.93 -23.73
CA ALA A 158 11.51 9.72 -24.33
C ALA A 158 10.08 9.46 -23.86
N ALA A 159 9.85 9.73 -22.58
CA ALA A 159 8.53 9.55 -22.01
C ALA A 159 7.53 10.45 -22.72
N ILE A 160 7.90 11.72 -22.95
CA ILE A 160 7.00 12.66 -23.64
C ILE A 160 6.62 12.15 -25.03
N GLU A 161 7.60 11.69 -25.78
CA GLU A 161 7.32 11.25 -27.15
C GLU A 161 6.72 9.85 -27.29
N SER A 162 7.11 8.94 -26.42
CA SER A 162 6.65 7.56 -26.50
C SER A 162 5.34 7.25 -25.78
N ASN A 163 4.96 8.10 -24.83
CA ASN A 163 3.75 7.88 -24.03
C ASN A 163 3.90 6.66 -23.13
N VAL A 164 5.14 6.24 -22.89
CA VAL A 164 5.42 5.12 -22.00
C VAL A 164 6.13 5.73 -20.78
N PRO A 165 5.57 5.56 -19.58
CA PRO A 165 6.24 6.12 -18.39
C PRO A 165 7.61 5.49 -18.20
N PHE A 166 8.54 6.26 -17.63
CA PHE A 166 9.89 5.79 -17.39
C PHE A 166 10.29 5.78 -15.93
N MET A 167 11.13 4.82 -15.60
CA MET A 167 11.70 4.77 -14.27
C MET A 167 13.20 4.90 -14.53
N HIS A 168 13.77 6.04 -14.13
CA HIS A 168 15.18 6.28 -14.26
C HIS A 168 15.78 5.92 -12.90
N PHE A 169 16.75 5.03 -12.89
CA PHE A 169 17.31 4.66 -11.60
C PHE A 169 18.82 4.61 -11.57
N PHE A 170 19.35 4.82 -10.36
CA PHE A 170 20.78 4.79 -10.09
C PHE A 170 20.95 4.23 -8.68
N ASP A 171 22.10 3.60 -8.43
CA ASP A 171 22.38 2.96 -7.14
C ASP A 171 22.29 3.81 -5.89
N GLY A 172 21.52 3.34 -4.91
CA GLY A 172 21.38 4.05 -3.65
C GLY A 172 22.74 4.26 -3.01
N PHE A 173 23.01 5.50 -2.61
CA PHE A 173 24.27 5.89 -2.00
C PHE A 173 25.49 5.80 -2.94
N ARG A 174 25.80 4.62 -3.48
CA ARG A 174 26.97 4.44 -4.36
C ARG A 174 27.00 5.43 -5.53
N THR A 175 25.83 5.87 -5.98
CA THR A 175 25.75 6.87 -7.03
C THR A 175 24.99 8.11 -6.54
N SER A 176 23.94 7.91 -5.76
CA SER A 176 23.13 9.03 -5.27
C SER A 176 23.87 9.97 -4.31
N HIS A 177 24.77 9.41 -3.49
CA HIS A 177 25.49 10.23 -2.53
C HIS A 177 26.96 10.42 -2.83
N GLU A 178 27.40 9.95 -4.00
CA GLU A 178 28.79 10.13 -4.41
C GLU A 178 28.86 11.50 -5.07
N ILE A 179 29.86 12.30 -4.76
CA ILE A 179 29.93 13.58 -5.44
C ILE A 179 31.06 13.54 -6.49
N GLN A 180 30.76 14.08 -7.66
CA GLN A 180 31.72 14.14 -8.76
C GLN A 180 31.61 15.45 -9.47
N LYS A 181 32.68 15.83 -10.17
CA LYS A 181 32.67 17.05 -10.95
C LYS A 181 32.12 16.58 -12.28
N ILE A 182 30.96 17.08 -12.65
CA ILE A 182 30.35 16.68 -13.89
C ILE A 182 29.90 17.90 -14.69
N GLU A 183 29.30 17.63 -15.85
CA GLU A 183 28.81 18.71 -16.69
C GLU A 183 27.30 18.60 -16.83
N VAL A 184 26.61 19.72 -16.64
CA VAL A 184 25.16 19.75 -16.75
C VAL A 184 24.73 20.64 -17.92
N LEU A 185 23.49 20.47 -18.37
CA LEU A 185 22.96 21.28 -19.47
C LEU A 185 22.07 22.37 -18.90
N ASP A 186 21.96 23.48 -19.62
CA ASP A 186 21.09 24.59 -19.23
C ASP A 186 19.70 24.09 -19.50
N TYR A 187 18.72 24.74 -18.87
CA TYR A 187 17.33 24.37 -19.07
C TYR A 187 16.86 24.65 -20.50
N ALA A 188 17.37 25.72 -21.10
CA ALA A 188 17.00 26.08 -22.46
C ALA A 188 17.37 24.98 -23.47
N ASP A 189 18.51 24.33 -23.25
CA ASP A 189 18.93 23.25 -24.14
C ASP A 189 18.01 22.04 -23.97
N MET A 190 17.64 21.74 -22.72
CA MET A 190 16.75 20.63 -22.46
C MET A 190 15.43 20.90 -23.18
N ALA A 191 14.97 22.15 -23.07
CA ALA A 191 13.72 22.57 -23.67
C ALA A 191 13.74 22.38 -25.18
N SER A 192 14.88 22.70 -25.80
CA SER A 192 14.99 22.61 -27.25
C SER A 192 14.82 21.19 -27.80
N LEU A 193 14.98 20.18 -26.96
CA LEU A 193 14.83 18.79 -27.43
C LEU A 193 13.43 18.22 -27.29
N VAL A 194 12.57 18.94 -26.58
CA VAL A 194 11.20 18.45 -26.39
C VAL A 194 10.43 18.38 -27.69
N ASN A 195 9.77 17.25 -27.91
CA ASN A 195 8.97 17.05 -29.09
C ASN A 195 7.66 17.82 -28.85
N GLN A 196 7.54 19.02 -29.43
CA GLN A 196 6.36 19.86 -29.23
C GLN A 196 5.03 19.24 -29.69
N LYS A 197 5.02 18.55 -30.83
CA LYS A 197 3.80 17.93 -31.32
C LYS A 197 3.29 16.92 -30.30
N ALA A 198 4.18 16.05 -29.84
CA ALA A 198 3.80 15.03 -28.88
C ALA A 198 3.31 15.68 -27.58
N LEU A 199 3.97 16.76 -27.16
CA LEU A 199 3.55 17.43 -25.93
C LEU A 199 2.15 18.01 -26.05
N ALA A 200 1.83 18.55 -27.22
CA ALA A 200 0.51 19.15 -27.46
C ALA A 200 -0.55 18.06 -27.47
N GLU A 201 -0.19 16.89 -27.99
CA GLU A 201 -1.10 15.75 -28.04
C GLU A 201 -1.38 15.25 -26.64
N PHE A 202 -0.35 15.26 -25.79
CA PHE A 202 -0.51 14.82 -24.41
C PHE A 202 -1.60 15.69 -23.76
N ARG A 203 -1.45 17.00 -23.87
CA ARG A 203 -2.44 17.90 -23.28
C ARG A 203 -3.85 17.75 -23.85
N ALA A 204 -3.94 17.54 -25.17
CA ALA A 204 -5.23 17.40 -25.85
C ALA A 204 -5.96 16.09 -25.53
N LYS A 205 -5.22 15.04 -25.22
CA LYS A 205 -5.89 13.77 -24.91
C LYS A 205 -6.20 13.68 -23.42
N SER A 206 -5.74 14.67 -22.67
CA SER A 206 -5.96 14.65 -21.22
C SER A 206 -7.38 14.89 -20.76
N MET A 207 -7.63 14.56 -19.49
CA MET A 207 -8.94 14.72 -18.89
C MET A 207 -9.29 16.20 -18.88
N ASN A 208 -10.52 16.52 -19.26
CA ASN A 208 -11.02 17.89 -19.28
C ASN A 208 -12.51 17.81 -19.61
N PRO A 209 -13.35 18.49 -18.82
CA PRO A 209 -14.80 18.47 -19.07
C PRO A 209 -15.25 19.13 -20.36
N GLU A 210 -14.37 19.88 -20.99
CA GLU A 210 -14.80 20.48 -22.24
C GLU A 210 -14.67 19.52 -23.43
N HIS A 211 -13.97 18.40 -23.23
CA HIS A 211 -13.81 17.35 -24.23
C HIS A 211 -13.47 16.07 -23.45
N PRO A 212 -14.40 15.63 -22.59
CA PRO A 212 -14.26 14.45 -21.75
C PRO A 212 -14.35 13.08 -22.38
N HIS A 213 -13.82 12.11 -21.66
CA HIS A 213 -13.85 10.70 -22.03
C HIS A 213 -13.90 9.99 -20.69
N VAL A 214 -13.95 8.67 -20.70
CA VAL A 214 -13.94 7.98 -19.43
C VAL A 214 -12.78 7.02 -19.45
N ARG A 215 -11.96 7.07 -18.39
CA ARG A 215 -10.81 6.18 -18.27
C ARG A 215 -11.01 5.29 -17.06
N GLY A 216 -10.35 4.14 -17.04
CA GLY A 216 -10.48 3.23 -15.92
C GLY A 216 -11.82 2.51 -15.91
N THR A 217 -12.17 1.89 -17.02
CA THR A 217 -13.41 1.16 -17.10
C THR A 217 -13.15 -0.22 -16.48
N ALA A 218 -14.21 -0.98 -16.31
CA ALA A 218 -14.11 -2.33 -15.76
C ALA A 218 -14.48 -3.20 -16.96
N GLN A 219 -13.63 -4.17 -17.29
CA GLN A 219 -13.90 -5.01 -18.45
C GLN A 219 -14.08 -6.50 -18.17
N ASN A 220 -14.91 -7.14 -18.99
CA ASN A 220 -15.22 -8.56 -18.87
C ASN A 220 -14.31 -9.40 -19.77
N PRO A 221 -14.43 -10.73 -19.69
CA PRO A 221 -13.55 -11.55 -20.53
C PRO A 221 -13.65 -11.29 -22.04
N ASP A 222 -14.79 -10.78 -22.48
CA ASP A 222 -14.98 -10.53 -23.90
C ASP A 222 -13.99 -9.55 -24.51
N ILE A 223 -13.55 -8.54 -23.76
CA ILE A 223 -12.63 -7.57 -24.36
C ILE A 223 -11.34 -7.22 -23.63
N TYR A 224 -11.21 -7.58 -22.36
CA TYR A 224 -10.00 -7.22 -21.59
C TYR A 224 -8.65 -7.58 -22.25
N PHE A 225 -8.50 -8.82 -22.69
CA PHE A 225 -7.27 -9.29 -23.33
C PHE A 225 -6.89 -8.42 -24.53
N GLN A 226 -7.86 -8.12 -25.40
CA GLN A 226 -7.59 -7.26 -26.57
C GLN A 226 -7.19 -5.88 -26.10
N GLY A 227 -7.83 -5.40 -25.05
CA GLY A 227 -7.52 -4.09 -24.55
C GLY A 227 -6.10 -4.00 -24.04
N ARG A 228 -5.63 -5.07 -23.40
CA ARG A 228 -4.27 -5.13 -22.85
C ARG A 228 -3.20 -5.12 -23.94
N GLU A 229 -3.50 -5.71 -25.10
CA GLU A 229 -2.55 -5.84 -26.21
C GLU A 229 -2.48 -4.64 -27.17
N ALA A 230 -3.49 -3.78 -27.11
CA ALA A 230 -3.58 -2.62 -27.98
C ALA A 230 -2.46 -1.60 -27.85
N ALA A 231 -1.70 -1.65 -26.76
CA ALA A 231 -0.60 -0.71 -26.56
C ALA A 231 0.70 -1.17 -27.20
N ASN A 232 0.73 -2.41 -27.68
CA ASN A 232 1.93 -3.00 -28.30
C ASN A 232 2.73 -2.06 -29.19
N PRO A 233 2.06 -1.35 -30.11
CA PRO A 233 2.82 -0.46 -30.99
C PRO A 233 3.68 0.53 -30.22
N TYR A 234 3.16 1.02 -29.09
CA TYR A 234 3.89 2.00 -28.28
C TYR A 234 5.14 1.43 -27.68
N TYR A 235 5.09 0.19 -27.20
CA TYR A 235 6.26 -0.44 -26.63
C TYR A 235 7.30 -0.86 -27.66
N LEU A 236 6.86 -1.12 -28.88
CA LEU A 236 7.78 -1.49 -29.96
C LEU A 236 8.62 -0.27 -30.36
N LYS A 237 8.06 0.93 -30.21
CA LYS A 237 8.78 2.14 -30.60
C LYS A 237 9.62 2.83 -29.52
N VAL A 238 9.32 2.60 -28.25
CA VAL A 238 10.10 3.30 -27.21
C VAL A 238 11.63 3.08 -27.32
N PRO A 239 12.06 1.86 -27.65
CA PRO A 239 13.52 1.67 -27.74
C PRO A 239 14.16 2.60 -28.78
N GLY A 240 13.50 2.76 -29.92
CA GLY A 240 14.06 3.62 -30.96
C GLY A 240 14.00 5.09 -30.56
N ILE A 241 13.00 5.43 -29.74
CA ILE A 241 12.84 6.80 -29.26
C ILE A 241 13.97 7.09 -28.28
N VAL A 242 14.27 6.12 -27.43
CA VAL A 242 15.34 6.27 -26.45
C VAL A 242 16.70 6.40 -27.12
N ALA A 243 16.99 5.52 -28.09
CA ALA A 243 18.28 5.59 -28.80
C ALA A 243 18.39 6.94 -29.48
N GLU A 244 17.30 7.38 -30.11
CA GLU A 244 17.26 8.67 -30.79
C GLU A 244 17.58 9.83 -29.85
N TYR A 245 17.01 9.80 -28.64
CA TYR A 245 17.26 10.86 -27.67
C TYR A 245 18.65 10.79 -27.04
N MET A 246 19.26 9.61 -27.00
CA MET A 246 20.60 9.52 -26.45
C MET A 246 21.52 10.26 -27.42
N GLN A 247 21.22 10.13 -28.73
CA GLN A 247 22.00 10.78 -29.77
C GLN A 247 21.76 12.29 -29.80
N LYS A 248 20.51 12.71 -29.64
CA LYS A 248 20.23 14.14 -29.64
C LYS A 248 20.93 14.81 -28.46
N VAL A 249 20.87 14.17 -27.30
CA VAL A 249 21.53 14.73 -26.12
C VAL A 249 23.05 14.72 -26.34
N ALA A 250 23.55 13.64 -26.96
CA ALA A 250 24.97 13.51 -27.23
C ALA A 250 25.44 14.63 -28.17
N SER A 251 24.57 15.07 -29.08
CA SER A 251 24.96 16.13 -30.02
C SER A 251 25.19 17.44 -29.27
N LEU A 252 24.69 17.52 -28.05
CA LEU A 252 24.85 18.71 -27.22
C LEU A 252 25.96 18.51 -26.19
N THR A 253 26.15 17.27 -25.75
CA THR A 253 27.14 16.99 -24.70
C THR A 253 28.43 16.32 -25.09
N GLY A 254 28.43 15.58 -26.19
CA GLY A 254 29.64 14.89 -26.59
C GLY A 254 29.77 13.53 -25.89
N ARG A 255 28.75 13.17 -25.10
CA ARG A 255 28.74 11.89 -24.42
C ARG A 255 27.67 11.00 -25.07
N SER A 256 28.11 9.99 -25.81
CA SER A 256 27.19 9.08 -26.51
C SER A 256 26.82 7.85 -25.71
N TYR A 257 25.61 7.34 -25.92
CA TYR A 257 25.18 6.13 -25.24
C TYR A 257 24.37 5.28 -26.19
N LYS A 258 24.23 4.01 -25.85
CA LYS A 258 23.45 3.05 -26.61
C LYS A 258 22.58 2.28 -25.62
N LEU A 259 21.58 1.55 -26.12
CA LEU A 259 20.72 0.75 -25.26
C LEU A 259 21.61 -0.17 -24.44
N PHE A 260 22.63 -0.72 -25.10
CA PHE A 260 23.64 -1.58 -24.47
C PHE A 260 24.99 -1.09 -25.03
N ASP A 261 25.94 -0.78 -24.15
CA ASP A 261 27.25 -0.32 -24.61
C ASP A 261 28.33 -1.32 -24.25
N TYR A 262 29.31 -1.45 -25.12
CA TYR A 262 30.41 -2.37 -24.90
C TYR A 262 31.72 -1.67 -24.64
N VAL A 263 32.49 -2.21 -23.70
CA VAL A 263 33.79 -1.65 -23.37
C VAL A 263 34.78 -2.81 -23.20
N GLY A 264 36.02 -2.63 -23.66
CA GLY A 264 37.03 -3.69 -23.54
C GLY A 264 37.62 -4.21 -24.85
N ALA A 265 38.23 -5.39 -24.79
CA ALA A 265 38.86 -5.98 -25.97
C ALA A 265 37.84 -6.42 -27.01
N PRO A 266 38.04 -6.00 -28.27
CA PRO A 266 37.13 -6.35 -29.37
C PRO A 266 37.09 -7.85 -29.60
N ASP A 267 38.15 -8.53 -29.20
CA ASP A 267 38.24 -9.97 -29.35
C ASP A 267 38.20 -10.65 -27.98
N ALA A 268 37.53 -10.01 -27.03
CA ALA A 268 37.42 -10.55 -25.68
C ALA A 268 36.76 -11.93 -25.71
N GLU A 269 37.28 -12.83 -24.89
CA GLU A 269 36.76 -14.19 -24.79
C GLU A 269 35.84 -14.35 -23.58
N ARG A 270 36.07 -13.53 -22.56
CA ARG A 270 35.32 -13.54 -21.31
C ARG A 270 34.66 -12.18 -21.08
N VAL A 271 33.34 -12.14 -21.09
CA VAL A 271 32.60 -10.90 -20.95
C VAL A 271 31.64 -10.82 -19.75
N ILE A 272 31.52 -9.62 -19.18
CA ILE A 272 30.62 -9.37 -18.05
C ILE A 272 29.44 -8.54 -18.58
N VAL A 273 28.24 -8.80 -18.04
CA VAL A 273 27.04 -8.03 -18.39
C VAL A 273 26.61 -7.47 -17.04
N SER A 274 26.56 -6.15 -16.89
CA SER A 274 26.18 -5.57 -15.60
C SER A 274 25.36 -4.29 -15.75
N MET A 275 24.91 -3.76 -14.61
CA MET A 275 24.05 -2.58 -14.64
C MET A 275 24.25 -1.76 -13.37
N GLY A 276 24.33 -0.44 -13.51
CA GLY A 276 24.51 0.39 -12.35
C GLY A 276 25.97 0.75 -12.16
N SER A 277 26.28 1.36 -11.03
CA SER A 277 27.61 1.81 -10.70
C SER A 277 28.73 0.79 -10.85
N SER A 278 28.41 -0.48 -10.73
CA SER A 278 29.40 -1.55 -10.87
C SER A 278 30.12 -1.49 -12.21
N CYS A 279 29.44 -1.01 -13.25
CA CYS A 279 30.05 -0.93 -14.57
C CYS A 279 31.28 -0.03 -14.61
N GLU A 280 31.27 1.03 -13.81
CA GLU A 280 32.39 1.96 -13.74
C GLU A 280 33.65 1.24 -13.25
N THR A 281 33.53 0.57 -12.12
CA THR A 281 34.62 -0.19 -11.51
C THR A 281 34.98 -1.36 -12.43
N ILE A 282 33.99 -2.00 -13.06
CA ILE A 282 34.32 -3.09 -13.96
C ILE A 282 35.23 -2.55 -15.08
N GLU A 283 34.86 -1.40 -15.66
CA GLU A 283 35.65 -0.82 -16.73
C GLU A 283 37.06 -0.40 -16.30
N GLU A 284 37.17 0.15 -15.10
CA GLU A 284 38.47 0.59 -14.60
C GLU A 284 39.39 -0.60 -14.62
N VAL A 285 38.87 -1.74 -14.16
CA VAL A 285 39.63 -2.98 -14.09
C VAL A 285 39.97 -3.49 -15.48
N ILE A 286 39.02 -3.38 -16.42
CA ILE A 286 39.25 -3.81 -17.79
C ILE A 286 40.48 -3.10 -18.37
N ASN A 287 40.50 -1.77 -18.26
CA ASN A 287 41.61 -0.98 -18.77
C ASN A 287 42.92 -1.51 -18.21
N HIS A 288 42.93 -1.77 -16.91
CA HIS A 288 44.11 -2.26 -16.24
C HIS A 288 44.55 -3.63 -16.76
N LEU A 289 43.65 -4.59 -16.69
CA LEU A 289 43.90 -5.97 -17.11
C LEU A 289 44.18 -6.11 -18.61
N ALA A 290 43.39 -5.42 -19.43
CA ALA A 290 43.52 -5.48 -20.88
C ALA A 290 44.90 -5.03 -21.35
N ALA A 291 45.43 -4.00 -20.70
CA ALA A 291 46.74 -3.46 -21.04
C ALA A 291 47.83 -4.51 -20.76
N LYS A 292 47.42 -5.64 -20.19
CA LYS A 292 48.34 -6.73 -19.87
C LYS A 292 48.05 -7.90 -20.80
N GLY A 293 47.18 -7.69 -21.77
CA GLY A 293 46.87 -8.76 -22.71
C GLY A 293 45.60 -9.57 -22.45
N GLU A 294 44.98 -9.41 -21.29
CA GLU A 294 43.76 -10.17 -21.02
C GLU A 294 42.64 -9.79 -21.97
N LYS A 295 41.96 -10.81 -22.48
CA LYS A 295 40.88 -10.65 -23.44
C LYS A 295 39.49 -10.60 -22.80
N ILE A 296 39.25 -9.56 -22.01
CA ILE A 296 37.97 -9.43 -21.36
C ILE A 296 37.24 -8.15 -21.79
N GLY A 297 35.95 -8.08 -21.45
CA GLY A 297 35.14 -6.93 -21.81
C GLY A 297 33.92 -6.83 -20.92
N LEU A 298 33.08 -5.82 -21.20
CA LEU A 298 31.88 -5.57 -20.43
C LEU A 298 30.75 -4.98 -21.26
N ILE A 299 29.53 -5.44 -21.00
CA ILE A 299 28.39 -4.89 -21.68
C ILE A 299 27.61 -4.12 -20.63
N LYS A 300 27.53 -2.82 -20.80
CA LYS A 300 26.80 -1.97 -19.86
C LYS A 300 25.36 -1.92 -20.33
N VAL A 301 24.42 -2.31 -19.49
CA VAL A 301 23.04 -2.20 -19.94
C VAL A 301 22.46 -0.87 -19.49
N ARG A 302 21.92 -0.13 -20.45
CA ARG A 302 21.29 1.17 -20.21
C ARG A 302 19.78 0.97 -20.12
N LEU A 303 19.18 0.52 -21.22
CA LEU A 303 17.76 0.28 -21.22
C LEU A 303 17.48 -1.17 -20.81
N TYR A 304 17.01 -1.37 -19.58
CA TYR A 304 16.69 -2.70 -19.08
C TYR A 304 15.27 -3.15 -19.53
N ARG A 305 14.38 -2.17 -19.74
CA ARG A 305 13.00 -2.44 -20.21
C ARG A 305 12.51 -1.30 -21.11
N PRO A 306 12.06 -1.61 -22.34
CA PRO A 306 11.99 -2.93 -22.96
C PRO A 306 13.39 -3.46 -23.19
N PHE A 307 13.53 -4.78 -23.16
CA PHE A 307 14.82 -5.43 -23.36
C PHE A 307 14.91 -5.77 -24.85
N VAL A 308 15.77 -5.06 -25.57
CA VAL A 308 15.92 -5.30 -27.00
C VAL A 308 17.09 -6.24 -27.24
N SER A 309 16.78 -7.49 -27.55
CA SER A 309 17.81 -8.50 -27.79
C SER A 309 18.77 -8.08 -28.89
N GLU A 310 18.24 -7.43 -29.92
CA GLU A 310 19.04 -6.98 -31.04
C GLU A 310 20.15 -6.02 -30.60
N ALA A 311 19.80 -5.02 -29.79
CA ALA A 311 20.81 -4.08 -29.31
C ALA A 311 21.81 -4.79 -28.42
N PHE A 312 21.37 -5.81 -27.70
CA PHE A 312 22.28 -6.53 -26.81
C PHE A 312 23.31 -7.28 -27.63
N PHE A 313 22.88 -7.93 -28.71
CA PHE A 313 23.83 -8.66 -29.53
C PHE A 313 24.71 -7.69 -30.28
N ALA A 314 24.18 -6.51 -30.58
CA ALA A 314 24.98 -5.51 -31.29
C ALA A 314 26.22 -5.16 -30.47
N ALA A 315 26.16 -5.40 -29.16
CA ALA A 315 27.30 -5.09 -28.30
C ALA A 315 28.11 -6.29 -27.86
N LEU A 316 27.71 -7.49 -28.29
CA LEU A 316 28.41 -8.71 -27.88
C LEU A 316 29.52 -9.14 -28.83
N PRO A 317 30.76 -9.21 -28.34
CA PRO A 317 31.90 -9.63 -29.17
C PRO A 317 31.68 -11.07 -29.64
N ALA A 318 31.88 -11.33 -30.93
CA ALA A 318 31.66 -12.68 -31.48
C ALA A 318 32.63 -13.70 -30.88
N SER A 319 33.75 -13.21 -30.36
CA SER A 319 34.77 -14.06 -29.77
C SER A 319 34.45 -14.46 -28.33
N ALA A 320 33.42 -13.87 -27.74
CA ALA A 320 33.10 -14.21 -26.37
C ALA A 320 32.75 -15.68 -26.25
N LYS A 321 33.47 -16.40 -25.39
CA LYS A 321 33.21 -17.82 -25.20
C LYS A 321 32.53 -18.04 -23.85
N VAL A 322 32.72 -17.11 -22.93
CA VAL A 322 32.13 -17.21 -21.62
C VAL A 322 31.62 -15.86 -21.17
N ILE A 323 30.38 -15.82 -20.68
CA ILE A 323 29.87 -14.57 -20.22
C ILE A 323 29.13 -14.71 -18.90
N THR A 324 29.35 -13.77 -17.99
CA THR A 324 28.62 -13.82 -16.74
C THR A 324 27.82 -12.55 -16.55
N VAL A 325 26.56 -12.77 -16.20
CA VAL A 325 25.60 -11.73 -15.98
C VAL A 325 25.58 -11.42 -14.49
N LEU A 326 25.86 -10.18 -14.13
CA LEU A 326 25.84 -9.79 -12.73
C LEU A 326 24.49 -9.17 -12.36
N ASP A 327 23.83 -9.75 -11.35
CA ASP A 327 22.53 -9.26 -10.90
C ASP A 327 22.72 -8.72 -9.49
N ARG A 328 22.27 -7.50 -9.25
CA ARG A 328 22.41 -6.90 -7.93
C ARG A 328 21.15 -7.11 -7.07
N THR A 329 20.67 -8.35 -7.03
CA THR A 329 19.48 -8.69 -6.26
C THR A 329 19.48 -10.20 -5.96
N LYS A 330 18.50 -10.63 -5.19
CA LYS A 330 18.34 -12.04 -4.82
C LYS A 330 16.85 -12.35 -4.88
N GLU A 331 16.45 -13.28 -5.76
CA GLU A 331 15.04 -13.67 -5.84
C GLU A 331 15.02 -15.14 -5.42
N PRO A 332 14.78 -15.38 -4.13
CA PRO A 332 14.73 -16.73 -3.57
C PRO A 332 13.86 -17.70 -4.34
N GLY A 333 14.43 -18.85 -4.66
CA GLY A 333 13.71 -19.87 -5.39
C GLY A 333 13.68 -19.75 -6.89
N ALA A 334 14.04 -18.58 -7.44
CA ALA A 334 14.04 -18.42 -8.90
C ALA A 334 15.19 -19.18 -9.51
N PRO A 335 15.04 -19.69 -10.74
CA PRO A 335 16.15 -20.43 -11.35
C PRO A 335 17.36 -19.52 -11.61
N GLY A 336 17.13 -18.22 -11.50
CA GLY A 336 18.19 -17.25 -11.71
C GLY A 336 17.62 -15.84 -11.55
N ASP A 337 18.48 -14.86 -11.33
CA ASP A 337 17.99 -13.51 -11.16
C ASP A 337 17.56 -12.86 -12.48
N PRO A 338 16.84 -11.72 -12.40
CA PRO A 338 16.34 -11.01 -13.57
C PRO A 338 17.17 -10.83 -14.85
N LEU A 339 18.30 -10.14 -14.73
CA LEU A 339 19.13 -9.89 -15.90
C LEU A 339 19.64 -11.19 -16.52
N TYR A 340 20.10 -12.12 -15.69
CA TYR A 340 20.59 -13.39 -16.18
C TYR A 340 19.51 -14.06 -17.03
N LEU A 341 18.29 -14.13 -16.49
CA LEU A 341 17.17 -14.73 -17.21
C LEU A 341 16.92 -14.06 -18.57
N ASP A 342 16.98 -12.73 -18.60
CA ASP A 342 16.76 -12.02 -19.85
C ASP A 342 17.83 -12.38 -20.87
N VAL A 343 19.07 -12.38 -20.43
CA VAL A 343 20.17 -12.70 -21.32
C VAL A 343 20.05 -14.14 -21.81
N CYS A 344 19.70 -15.06 -20.92
CA CYS A 344 19.56 -16.44 -21.34
C CYS A 344 18.55 -16.50 -22.48
N SER A 345 17.43 -15.80 -22.32
CA SER A 345 16.38 -15.81 -23.34
C SER A 345 16.89 -15.28 -24.68
N ALA A 346 17.71 -14.23 -24.66
CA ALA A 346 18.25 -13.71 -25.92
C ALA A 346 19.03 -14.82 -26.67
N PHE A 347 19.86 -15.57 -25.97
CA PHE A 347 20.61 -16.63 -26.63
C PHE A 347 19.78 -17.79 -27.16
N VAL A 348 18.80 -18.28 -26.39
CA VAL A 348 18.03 -19.39 -26.91
C VAL A 348 17.18 -18.93 -28.08
N GLU A 349 16.79 -17.67 -28.06
CA GLU A 349 15.95 -17.16 -29.13
C GLU A 349 16.78 -16.97 -30.39
N ARG A 350 18.04 -16.59 -30.20
CA ARG A 350 18.94 -16.40 -31.34
C ARG A 350 19.15 -17.75 -32.01
N GLY A 351 19.20 -18.81 -31.20
CA GLY A 351 19.36 -20.16 -31.70
C GLY A 351 20.60 -20.44 -32.53
N GLU A 352 21.74 -19.90 -32.10
CA GLU A 352 22.99 -20.12 -32.80
C GLU A 352 24.05 -20.53 -31.78
N ALA A 353 25.18 -19.82 -31.75
CA ALA A 353 26.24 -20.15 -30.81
C ALA A 353 25.77 -19.93 -29.37
N MET A 354 26.07 -20.88 -28.50
CA MET A 354 25.71 -20.80 -27.09
C MET A 354 27.00 -20.72 -26.28
N PRO A 355 27.49 -19.49 -26.03
CA PRO A 355 28.72 -19.24 -25.28
C PRO A 355 28.83 -19.48 -23.78
N LYS A 356 28.04 -20.35 -23.19
CA LYS A 356 28.21 -20.60 -21.75
C LYS A 356 28.01 -19.35 -20.88
N ILE A 357 26.86 -19.31 -20.24
CA ILE A 357 26.51 -18.19 -19.42
C ILE A 357 26.51 -18.56 -17.96
N LEU A 358 27.04 -17.66 -17.15
CA LEU A 358 27.14 -17.83 -15.70
C LEU A 358 26.40 -16.68 -15.05
N ALA A 359 25.82 -16.94 -13.88
CA ALA A 359 25.10 -15.91 -13.15
C ALA A 359 25.85 -15.61 -11.87
N GLY A 360 25.97 -14.33 -11.54
CA GLY A 360 26.65 -13.94 -10.33
C GLY A 360 25.87 -12.85 -9.61
N ARG A 361 25.86 -12.91 -8.28
CA ARG A 361 25.17 -11.93 -7.44
C ARG A 361 26.21 -11.11 -6.66
N TYR A 362 25.97 -9.82 -6.57
CA TYR A 362 26.90 -8.92 -5.90
C TYR A 362 26.19 -7.71 -5.29
N GLY A 363 26.96 -6.95 -4.51
CA GLY A 363 26.51 -5.71 -3.90
C GLY A 363 25.19 -5.48 -3.15
N LEU A 364 24.58 -6.53 -2.63
CA LEU A 364 23.34 -6.34 -1.89
C LEU A 364 23.61 -5.32 -0.75
N GLY A 365 22.68 -4.40 -0.53
CA GLY A 365 22.84 -3.41 0.54
C GLY A 365 24.14 -2.63 0.50
N SER A 366 24.50 -2.15 -0.69
CA SER A 366 25.75 -1.41 -0.90
C SER A 366 27.00 -2.17 -0.53
N LYS A 367 26.93 -3.50 -0.53
CA LYS A 367 28.12 -4.29 -0.23
C LYS A 367 29.19 -3.88 -1.24
N GLU A 368 30.43 -3.70 -0.79
CA GLU A 368 31.52 -3.32 -1.68
C GLU A 368 31.64 -4.22 -2.89
N PHE A 369 31.93 -3.62 -4.03
CA PHE A 369 32.17 -4.37 -5.24
C PHE A 369 33.46 -3.73 -5.76
N SER A 370 34.57 -4.21 -5.25
CA SER A 370 35.89 -3.70 -5.56
C SER A 370 36.58 -4.33 -6.77
N PRO A 371 37.73 -3.76 -7.16
CA PRO A 371 38.46 -4.30 -8.30
C PRO A 371 38.86 -5.76 -8.09
N ALA A 372 39.22 -6.12 -6.86
CA ALA A 372 39.62 -7.50 -6.55
C ALA A 372 38.47 -8.45 -6.83
N MET A 373 37.26 -7.98 -6.57
CA MET A 373 36.07 -8.79 -6.80
C MET A 373 35.83 -8.94 -8.29
N VAL A 374 36.09 -7.89 -9.06
CA VAL A 374 35.91 -7.97 -10.50
C VAL A 374 36.91 -8.98 -11.01
N LYS A 375 38.12 -8.93 -10.45
CA LYS A 375 39.18 -9.87 -10.81
C LYS A 375 38.66 -11.29 -10.56
N SER A 376 38.06 -11.52 -9.39
CA SER A 376 37.51 -12.84 -9.05
C SER A 376 36.55 -13.27 -10.14
N VAL A 377 35.60 -12.40 -10.50
CA VAL A 377 34.63 -12.74 -11.53
C VAL A 377 35.33 -13.12 -12.82
N TYR A 378 36.31 -12.33 -13.24
CA TYR A 378 37.02 -12.65 -14.49
C TYR A 378 37.82 -13.95 -14.40
N ASP A 379 38.47 -14.19 -13.27
CA ASP A 379 39.24 -15.43 -13.10
C ASP A 379 38.29 -16.61 -13.09
N ASN A 380 37.08 -16.39 -12.59
CA ASN A 380 36.12 -17.47 -12.55
C ASN A 380 35.79 -18.02 -13.93
N MET A 381 35.65 -17.14 -14.91
CA MET A 381 35.34 -17.55 -16.27
C MET A 381 36.46 -18.38 -16.95
N SER A 382 37.70 -18.19 -16.51
CA SER A 382 38.79 -18.96 -17.08
C SER A 382 39.14 -20.14 -16.17
N GLY A 383 38.66 -20.11 -14.92
CA GLY A 383 38.93 -21.17 -13.97
C GLY A 383 37.79 -22.15 -13.71
N ALA A 384 37.36 -22.25 -12.47
CA ALA A 384 36.28 -23.18 -12.07
C ALA A 384 34.95 -22.95 -12.80
N LYS A 385 34.65 -21.70 -13.08
CA LYS A 385 33.42 -21.35 -13.76
C LYS A 385 32.22 -21.72 -12.88
N LYS A 386 32.30 -21.36 -11.59
CA LYS A 386 31.20 -21.64 -10.68
C LYS A 386 30.01 -20.80 -11.15
N ASN A 387 28.83 -21.41 -11.16
CA ASN A 387 27.62 -20.74 -11.59
C ASN A 387 26.79 -20.36 -10.37
N HIS A 388 25.88 -19.41 -10.55
CA HIS A 388 25.03 -18.93 -9.46
C HIS A 388 25.86 -18.64 -8.23
N PHE A 389 26.92 -17.85 -8.40
CA PHE A 389 27.82 -17.50 -7.30
C PHE A 389 27.48 -16.16 -6.67
N THR A 390 28.18 -15.87 -5.57
CA THR A 390 28.04 -14.60 -4.87
C THR A 390 29.46 -14.06 -4.69
N VAL A 391 29.63 -12.74 -4.75
CA VAL A 391 30.94 -12.11 -4.58
C VAL A 391 30.83 -10.98 -3.58
N GLY A 392 31.75 -10.93 -2.62
CA GLY A 392 31.68 -9.88 -1.64
C GLY A 392 31.43 -10.44 -0.26
N ILE A 393 31.11 -11.73 -0.16
CA ILE A 393 30.91 -12.36 1.13
C ILE A 393 31.59 -13.72 1.13
N GLU A 394 31.66 -14.33 2.31
CA GLU A 394 32.21 -15.67 2.40
C GLU A 394 31.01 -16.56 2.73
N ASP A 395 30.53 -17.30 1.74
CA ASP A 395 29.39 -18.17 1.93
C ASP A 395 29.89 -19.53 2.34
N ASP A 396 30.14 -19.68 3.65
CA ASP A 396 30.65 -20.92 4.16
C ASP A 396 29.56 -21.91 4.53
N VAL A 397 28.29 -21.54 4.37
CA VAL A 397 27.25 -22.53 4.68
C VAL A 397 26.79 -23.21 3.38
N THR A 398 26.65 -22.48 2.28
CA THR A 398 26.25 -23.14 1.04
C THR A 398 27.35 -23.18 -0.03
N GLY A 399 28.45 -22.47 0.23
CA GLY A 399 29.59 -22.47 -0.69
C GLY A 399 29.38 -21.87 -2.06
N THR A 400 28.57 -20.83 -2.15
CA THR A 400 28.31 -20.19 -3.44
C THR A 400 29.26 -19.03 -3.73
N SER A 401 30.09 -18.66 -2.76
CA SER A 401 30.99 -17.53 -2.94
C SER A 401 32.31 -17.78 -3.67
N LEU A 402 32.75 -16.74 -4.38
CA LEU A 402 33.99 -16.76 -5.11
C LEU A 402 35.05 -16.25 -4.14
N PRO A 403 36.20 -16.91 -4.09
CA PRO A 403 37.23 -16.40 -3.17
C PRO A 403 37.77 -15.06 -3.71
N VAL A 404 38.13 -14.15 -2.81
CA VAL A 404 38.64 -12.85 -3.24
C VAL A 404 40.03 -12.56 -2.67
N ASP A 405 40.95 -12.25 -3.58
CA ASP A 405 42.34 -11.95 -3.26
C ASP A 405 42.57 -10.43 -3.20
N ASN A 406 42.65 -9.90 -1.99
CA ASN A 406 42.85 -8.45 -1.80
C ASN A 406 44.24 -7.94 -2.08
N ALA A 407 45.12 -8.81 -2.55
CA ALA A 407 46.47 -8.40 -2.87
C ALA A 407 46.45 -7.87 -4.29
N PHE A 408 45.25 -7.85 -4.88
CA PHE A 408 45.10 -7.34 -6.24
C PHE A 408 45.67 -5.94 -6.23
N ALA A 409 46.33 -5.57 -7.31
CA ALA A 409 46.95 -4.26 -7.44
C ALA A 409 45.95 -3.12 -7.59
N ASP A 410 46.36 -1.92 -7.17
CA ASP A 410 45.51 -0.74 -7.31
C ASP A 410 45.27 -0.56 -8.79
N THR A 411 44.03 -0.25 -9.17
CA THR A 411 43.72 -0.06 -10.58
C THR A 411 43.31 1.36 -10.95
N THR A 412 43.40 2.31 -10.02
CA THR A 412 43.03 3.69 -10.34
C THR A 412 44.01 4.20 -11.38
N PRO A 413 43.55 5.08 -12.29
CA PRO A 413 44.38 5.66 -13.37
C PRO A 413 45.66 6.32 -12.87
N LYS A 414 46.65 6.37 -13.75
CA LYS A 414 47.93 6.97 -13.40
C LYS A 414 47.70 8.40 -12.91
N GLY A 415 48.29 8.72 -11.76
CA GLY A 415 48.16 10.06 -11.22
C GLY A 415 46.96 10.36 -10.32
N THR A 416 46.28 9.33 -9.82
CA THR A 416 45.14 9.58 -8.95
C THR A 416 45.56 9.63 -7.49
N ILE A 417 45.23 10.73 -6.81
CA ILE A 417 45.56 10.88 -5.40
C ILE A 417 44.34 10.37 -4.61
N GLN A 418 44.55 9.51 -3.62
CA GLN A 418 43.45 8.95 -2.85
C GLN A 418 43.58 9.24 -1.38
N CYS A 419 42.55 9.85 -0.81
CA CYS A 419 42.57 10.22 0.59
C CYS A 419 41.46 9.65 1.47
N GLN A 420 41.79 9.42 2.73
CA GLN A 420 40.85 8.91 3.72
C GLN A 420 40.93 9.80 4.96
N PHE A 421 39.78 10.15 5.50
CA PHE A 421 39.70 10.97 6.72
C PHE A 421 38.78 10.29 7.74
N TRP A 422 39.28 10.10 8.95
CA TRP A 422 38.51 9.50 10.04
C TRP A 422 38.11 10.64 10.97
N GLY A 423 36.82 10.93 11.05
CA GLY A 423 36.41 12.02 11.92
C GLY A 423 35.35 11.67 12.94
N LEU A 424 35.06 12.61 13.83
CA LEU A 424 34.05 12.44 14.85
C LEU A 424 32.85 13.28 14.43
N GLY A 425 31.67 12.69 14.45
CA GLY A 425 30.47 13.42 14.05
C GLY A 425 30.38 14.77 14.73
N ALA A 426 30.10 15.80 13.93
CA ALA A 426 29.98 17.17 14.42
C ALA A 426 31.33 17.90 14.59
N ASP A 427 32.41 17.31 14.11
CA ASP A 427 33.71 17.96 14.21
C ASP A 427 34.06 18.72 12.93
N GLY A 428 33.14 18.66 11.96
CA GLY A 428 33.30 19.39 10.72
C GLY A 428 34.17 18.80 9.63
N THR A 429 34.60 17.55 9.79
CA THR A 429 35.43 16.92 8.79
C THR A 429 34.72 16.79 7.43
N VAL A 430 33.52 16.22 7.43
CA VAL A 430 32.76 16.05 6.20
C VAL A 430 32.60 17.38 5.49
N GLY A 431 32.12 18.38 6.22
CA GLY A 431 31.93 19.69 5.64
C GLY A 431 33.18 20.21 4.96
N ALA A 432 34.30 20.13 5.66
CA ALA A 432 35.56 20.61 5.10
C ALA A 432 35.93 19.85 3.84
N ASN A 433 35.66 18.54 3.83
CA ASN A 433 35.99 17.71 2.67
C ASN A 433 35.15 18.12 1.48
N LYS A 434 33.85 18.31 1.69
CA LYS A 434 32.96 18.72 0.62
C LYS A 434 33.43 20.06 0.09
N GLN A 435 33.89 20.94 0.97
CA GLN A 435 34.41 22.25 0.57
C GLN A 435 35.71 22.10 -0.21
N ALA A 436 36.54 21.14 0.19
CA ALA A 436 37.80 20.90 -0.48
C ALA A 436 37.55 20.35 -1.88
N ILE A 437 36.43 19.65 -2.06
CA ILE A 437 36.10 19.10 -3.37
C ILE A 437 35.76 20.25 -4.32
N LYS A 438 35.02 21.24 -3.80
CA LYS A 438 34.63 22.40 -4.59
C LYS A 438 35.86 23.21 -4.96
N ILE A 439 36.58 23.66 -3.94
CA ILE A 439 37.79 24.46 -4.13
C ILE A 439 38.65 23.88 -5.27
N ILE A 440 39.06 22.63 -5.11
CA ILE A 440 39.90 21.95 -6.09
C ILE A 440 39.22 21.79 -7.45
N GLY A 441 37.94 21.43 -7.43
CA GLY A 441 37.21 21.23 -8.67
C GLY A 441 37.03 22.50 -9.46
N ASP A 442 36.73 23.60 -8.77
CA ASP A 442 36.50 24.88 -9.41
C ASP A 442 37.79 25.59 -9.84
N ASN A 443 38.93 25.17 -9.33
CA ASN A 443 40.17 25.85 -9.68
C ASN A 443 41.29 25.04 -10.32
N THR A 444 40.97 23.84 -10.80
CA THR A 444 41.96 22.98 -11.46
C THR A 444 41.25 22.17 -12.52
N ASP A 445 42.01 21.43 -13.33
CA ASP A 445 41.41 20.59 -14.37
C ASP A 445 41.24 19.18 -13.82
N LEU A 446 41.50 19.03 -12.53
CA LEU A 446 41.39 17.72 -11.88
C LEU A 446 39.93 17.28 -11.70
N PHE A 447 39.68 15.98 -11.85
CA PHE A 447 38.35 15.44 -11.63
C PHE A 447 38.36 15.17 -10.14
N ALA A 448 37.24 15.32 -9.48
CA ALA A 448 37.16 15.10 -8.04
C ALA A 448 36.04 14.14 -7.68
N GLN A 449 36.27 13.32 -6.65
CA GLN A 449 35.28 12.37 -6.20
C GLN A 449 35.28 12.25 -4.69
N GLY A 450 34.09 12.20 -4.11
CA GLY A 450 33.98 12.08 -2.67
C GLY A 450 32.85 11.15 -2.30
N TYR A 451 33.07 10.34 -1.27
CA TYR A 451 32.05 9.41 -0.81
C TYR A 451 32.19 9.34 0.70
N PHE A 452 31.07 9.30 1.42
CA PHE A 452 31.14 9.26 2.87
C PHE A 452 30.42 8.11 3.57
N SER A 453 31.09 7.52 4.56
CA SER A 453 30.53 6.44 5.37
C SER A 453 30.20 7.03 6.71
N TYR A 454 29.03 6.73 7.24
CA TYR A 454 28.67 7.28 8.54
C TYR A 454 28.56 6.24 9.63
N ASP A 455 27.76 6.54 10.64
CA ASP A 455 27.60 5.66 11.77
C ASP A 455 26.13 5.40 12.05
N SER A 456 25.83 4.24 12.64
CA SER A 456 24.44 3.93 13.01
C SER A 456 24.19 4.76 14.27
N LYS A 457 25.29 5.17 14.90
CA LYS A 457 25.22 6.00 16.11
C LYS A 457 24.84 7.39 15.65
N LYS A 458 23.97 8.04 16.41
CA LYS A 458 23.52 9.37 16.05
C LYS A 458 24.38 10.48 16.64
N SER A 459 25.07 10.17 17.73
CA SER A 459 25.91 11.15 18.41
C SER A 459 27.30 10.58 18.66
N GLY A 460 28.32 11.41 18.49
CA GLY A 460 29.67 10.96 18.70
C GLY A 460 30.01 9.80 17.79
N GLY A 461 29.36 9.76 16.63
CA GLY A 461 29.61 8.67 15.70
C GLY A 461 30.85 8.89 14.86
N ILE A 462 31.36 7.83 14.26
CA ILE A 462 32.56 7.99 13.44
C ILE A 462 32.17 8.21 11.99
N THR A 463 32.93 9.06 11.34
CA THR A 463 32.71 9.38 9.94
C THR A 463 34.02 9.05 9.26
N ILE A 464 33.97 8.41 8.10
CA ILE A 464 35.20 8.13 7.40
C ILE A 464 35.04 8.53 5.93
N SER A 465 35.81 9.54 5.54
CA SER A 465 35.76 10.11 4.19
C SER A 465 36.69 9.48 3.16
N HIS A 466 36.19 9.32 1.93
CA HIS A 466 36.99 8.78 0.85
C HIS A 466 37.02 9.78 -0.29
N LEU A 467 38.16 10.44 -0.48
CA LEU A 467 38.26 11.41 -1.57
C LEU A 467 39.30 11.04 -2.61
N ARG A 468 39.00 11.34 -3.86
CA ARG A 468 39.93 11.04 -4.95
C ARG A 468 40.03 12.22 -5.90
N PHE A 469 41.25 12.48 -6.37
CA PHE A 469 41.50 13.55 -7.32
C PHE A 469 42.44 13.00 -8.38
N GLY A 470 42.18 13.34 -9.64
CA GLY A 470 43.03 12.84 -10.70
C GLY A 470 42.91 13.58 -12.01
N GLU A 471 43.88 13.32 -12.89
CA GLU A 471 43.90 13.95 -14.20
C GLU A 471 42.95 13.24 -15.13
N LYS A 472 42.63 11.98 -14.81
CA LYS A 472 41.72 11.19 -15.63
C LYS A 472 40.38 10.98 -14.90
N PRO A 473 39.29 10.76 -15.66
CA PRO A 473 37.96 10.55 -15.07
C PRO A 473 38.05 9.49 -13.96
N ILE A 474 37.34 9.72 -12.86
CA ILE A 474 37.33 8.78 -11.74
C ILE A 474 36.16 7.79 -11.85
N GLN A 475 36.48 6.53 -12.13
CA GLN A 475 35.47 5.48 -12.25
C GLN A 475 35.46 4.55 -11.04
N SER A 476 36.17 4.94 -9.99
CA SER A 476 36.28 4.11 -8.79
C SER A 476 35.05 4.14 -7.88
N THR A 477 34.01 3.39 -8.23
CA THR A 477 32.81 3.36 -7.41
C THR A 477 32.95 2.29 -6.33
N TYR A 478 33.93 2.50 -5.48
CA TYR A 478 34.22 1.61 -4.36
C TYR A 478 35.08 2.47 -3.44
N LEU A 479 35.16 2.10 -2.18
CA LEU A 479 35.94 2.86 -1.21
C LEU A 479 37.44 2.81 -1.53
N VAL A 480 38.18 3.75 -0.95
CA VAL A 480 39.62 3.80 -1.12
C VAL A 480 40.21 2.70 -0.25
N ASN A 481 41.12 1.90 -0.81
CA ASN A 481 41.74 0.83 -0.01
C ASN A 481 43.26 0.99 0.08
N ARG A 482 43.82 1.85 -0.77
CA ARG A 482 45.25 2.12 -0.79
C ARG A 482 45.39 3.63 -0.86
N ALA A 483 45.35 4.26 0.30
CA ALA A 483 45.43 5.71 0.36
C ALA A 483 46.85 6.26 0.25
N ASP A 484 46.93 7.48 -0.25
CA ASP A 484 48.20 8.20 -0.38
C ASP A 484 48.24 9.11 0.85
N TYR A 485 47.07 9.49 1.32
CA TYR A 485 46.95 10.39 2.46
C TYR A 485 45.87 9.91 3.42
N VAL A 486 46.25 9.73 4.68
CA VAL A 486 45.32 9.29 5.72
C VAL A 486 45.35 10.29 6.87
N ALA A 487 44.18 10.68 7.35
CA ALA A 487 44.09 11.61 8.46
C ALA A 487 43.17 11.06 9.54
N CYS A 488 43.62 11.15 10.78
CA CYS A 488 42.81 10.69 11.90
C CYS A 488 42.54 11.92 12.76
N HIS A 489 41.32 12.46 12.65
CA HIS A 489 40.95 13.67 13.36
C HIS A 489 40.56 13.49 14.81
N ASN A 490 40.56 12.25 15.29
CA ASN A 490 40.23 11.98 16.68
C ASN A 490 41.25 11.02 17.26
N PRO A 491 42.12 11.53 18.16
CA PRO A 491 43.14 10.70 18.78
C PRO A 491 42.62 9.38 19.34
N ALA A 492 41.44 9.39 19.93
CA ALA A 492 40.85 8.17 20.51
C ALA A 492 40.79 6.99 19.53
N TYR A 493 40.48 7.27 18.26
CA TYR A 493 40.39 6.21 17.26
C TYR A 493 41.71 5.44 17.12
N VAL A 494 42.81 6.15 17.32
CA VAL A 494 44.16 5.59 17.18
C VAL A 494 44.33 4.17 17.69
N GLY A 495 43.79 3.86 18.86
CA GLY A 495 43.94 2.52 19.39
C GLY A 495 42.69 1.67 19.41
N ILE A 496 41.81 1.80 18.42
CA ILE A 496 40.60 0.99 18.38
C ILE A 496 40.18 0.63 16.96
N TYR A 497 40.70 1.38 15.98
CA TYR A 497 40.37 1.14 14.58
C TYR A 497 41.66 1.01 13.77
N ASP A 498 41.62 0.20 12.72
CA ASP A 498 42.78 0.00 11.87
C ASP A 498 42.95 1.20 10.94
N ILE A 499 43.37 2.33 11.51
CA ILE A 499 43.56 3.57 10.77
C ILE A 499 44.41 3.51 9.51
N LEU A 500 45.56 2.84 9.59
CA LEU A 500 46.49 2.78 8.46
C LEU A 500 46.30 1.65 7.47
N GLU A 501 45.27 0.83 7.67
CA GLU A 501 45.01 -0.28 6.76
C GLU A 501 45.20 0.11 5.29
N GLY A 502 46.05 -0.61 4.58
CA GLY A 502 46.28 -0.35 3.17
C GLY A 502 47.02 0.91 2.74
N ILE A 503 47.38 1.76 3.70
CA ILE A 503 48.10 2.99 3.38
C ILE A 503 49.34 2.63 2.54
N LYS A 504 49.57 3.39 1.46
CA LYS A 504 50.71 3.16 0.58
C LYS A 504 52.05 3.53 1.22
N ASP A 505 53.12 2.87 0.77
CA ASP A 505 54.44 3.15 1.29
C ASP A 505 54.81 4.59 0.93
N GLY A 506 55.43 5.29 1.86
CA GLY A 506 55.81 6.66 1.62
C GLY A 506 54.59 7.55 1.68
N GLY A 507 53.44 6.93 1.93
CA GLY A 507 52.20 7.69 2.03
C GLY A 507 52.33 8.58 3.24
N THR A 508 51.40 9.53 3.40
CA THR A 508 51.49 10.41 4.56
C THR A 508 50.28 10.23 5.47
N PHE A 509 50.54 10.19 6.77
CA PHE A 509 49.50 9.99 7.77
C PHE A 509 49.55 11.10 8.80
N VAL A 510 48.51 11.93 8.84
CA VAL A 510 48.45 13.01 9.80
C VAL A 510 47.51 12.65 10.94
N LEU A 511 47.90 13.00 12.15
CA LEU A 511 47.12 12.69 13.34
C LEU A 511 46.90 13.92 14.19
N ASN A 512 45.70 14.01 14.74
CA ASN A 512 45.33 15.10 15.62
C ASN A 512 45.47 14.55 17.03
N SER A 513 46.32 15.17 17.84
CA SER A 513 46.53 14.75 19.21
C SER A 513 47.46 15.72 19.93
N PRO A 514 47.55 15.62 21.26
CA PRO A 514 48.41 16.50 22.06
C PRO A 514 49.74 15.80 22.36
N TRP A 515 49.96 14.64 21.73
CA TRP A 515 51.16 13.86 21.95
C TRP A 515 52.36 14.36 21.13
N SER A 516 52.65 15.65 21.28
CA SER A 516 53.74 16.30 20.57
C SER A 516 55.12 15.74 20.90
N SER A 517 55.32 15.34 22.15
CA SER A 517 56.60 14.81 22.61
C SER A 517 56.80 13.33 22.33
N LEU A 518 58.02 12.96 21.97
CA LEU A 518 58.34 11.56 21.68
C LEU A 518 57.94 10.65 22.84
N GLU A 519 57.95 11.21 24.06
CA GLU A 519 57.59 10.41 25.22
C GLU A 519 56.10 10.11 25.20
N ASP A 520 55.29 11.15 25.01
CA ASP A 520 53.85 10.97 24.96
C ASP A 520 53.48 10.10 23.77
N MET A 521 54.00 10.46 22.60
CA MET A 521 53.72 9.71 21.39
C MET A 521 53.97 8.22 21.58
N ASP A 522 55.10 7.87 22.17
CA ASP A 522 55.42 6.46 22.40
C ASP A 522 54.48 5.84 23.42
N LYS A 523 53.95 6.67 24.31
CA LYS A 523 53.06 6.18 25.36
C LYS A 523 51.65 5.88 24.86
N HIS A 524 51.04 6.83 24.15
CA HIS A 524 49.68 6.66 23.66
C HIS A 524 49.54 5.93 22.33
N LEU A 525 50.48 6.18 21.42
CA LEU A 525 50.45 5.54 20.12
C LEU A 525 50.71 4.05 20.27
N PRO A 526 49.79 3.20 19.79
CA PRO A 526 49.95 1.75 19.88
C PRO A 526 51.22 1.26 19.16
N SER A 527 51.59 0.00 19.37
CA SER A 527 52.78 -0.54 18.74
C SER A 527 52.59 -0.87 17.25
N GLY A 528 51.47 -1.48 16.91
CA GLY A 528 51.21 -1.81 15.52
C GLY A 528 51.35 -0.61 14.60
N ILE A 529 50.87 0.55 15.05
CA ILE A 529 50.95 1.77 14.26
C ILE A 529 52.41 2.20 14.09
N LYS A 530 53.18 2.11 15.18
CA LYS A 530 54.58 2.50 15.11
C LYS A 530 55.27 1.61 14.09
N ARG A 531 55.02 0.31 14.22
CA ARG A 531 55.59 -0.69 13.33
C ARG A 531 55.23 -0.36 11.90
N THR A 532 54.00 0.06 11.67
CA THR A 532 53.53 0.41 10.34
C THR A 532 54.15 1.73 9.86
N ILE A 533 54.16 2.73 10.74
CA ILE A 533 54.74 4.03 10.39
C ILE A 533 56.17 3.81 9.94
N ALA A 534 56.87 2.97 10.69
CA ALA A 534 58.28 2.66 10.43
C ALA A 534 58.56 1.86 9.16
N ASN A 535 58.03 0.66 9.10
CA ASN A 535 58.26 -0.20 7.96
C ASN A 535 57.82 0.37 6.61
N LYS A 536 56.88 1.29 6.61
CA LYS A 536 56.43 1.87 5.35
C LYS A 536 57.05 3.24 5.07
N LYS A 537 57.92 3.68 5.96
CA LYS A 537 58.57 4.98 5.78
C LYS A 537 57.51 6.05 5.50
N LEU A 538 56.43 6.01 6.27
CA LEU A 538 55.35 6.98 6.09
C LEU A 538 55.80 8.34 6.58
N LYS A 539 55.14 9.38 6.08
CA LYS A 539 55.45 10.73 6.49
C LYS A 539 54.41 11.06 7.56
N PHE A 540 54.77 10.79 8.81
CA PHE A 540 53.90 11.02 9.95
C PHE A 540 53.93 12.48 10.42
N TYR A 541 52.77 13.03 10.73
CA TYR A 541 52.66 14.41 11.20
C TYR A 541 51.69 14.52 12.37
N ASN A 542 52.13 15.06 13.48
CA ASN A 542 51.20 15.24 14.60
C ASN A 542 50.91 16.72 14.67
N ILE A 543 49.71 17.07 15.11
CA ILE A 543 49.30 18.46 15.21
C ILE A 543 48.26 18.56 16.33
N ASP A 544 48.52 19.38 17.34
CA ASP A 544 47.57 19.53 18.41
C ASP A 544 46.53 20.53 17.95
N ALA A 545 45.64 20.07 17.09
CA ALA A 545 44.60 20.91 16.53
C ALA A 545 43.74 21.57 17.61
N VAL A 546 43.52 20.88 18.72
CA VAL A 546 42.72 21.46 19.78
C VAL A 546 43.42 22.67 20.39
N LYS A 547 44.74 22.57 20.56
CA LYS A 547 45.55 23.63 21.15
C LYS A 547 45.65 24.83 20.20
N ILE A 548 46.03 24.57 18.95
CA ILE A 548 46.14 25.63 17.95
C ILE A 548 44.83 26.40 17.91
N ALA A 549 43.73 25.67 17.71
CA ALA A 549 42.42 26.28 17.62
C ALA A 549 42.16 27.19 18.81
N THR A 550 42.38 26.68 20.01
CA THR A 550 42.17 27.49 21.20
C THR A 550 43.06 28.72 21.15
N ASP A 551 44.34 28.52 20.81
CA ASP A 551 45.31 29.61 20.73
C ASP A 551 44.88 30.79 19.85
N VAL A 552 44.53 30.50 18.60
CA VAL A 552 44.11 31.56 17.69
C VAL A 552 42.70 32.04 18.01
N GLY A 553 42.07 31.40 18.99
CA GLY A 553 40.74 31.79 19.40
C GLY A 553 39.56 31.06 18.80
N LEU A 554 39.80 30.12 17.90
CA LEU A 554 38.69 29.38 17.29
C LEU A 554 37.94 28.53 18.31
N GLY A 555 38.38 28.63 19.57
CA GLY A 555 37.73 27.90 20.64
C GLY A 555 37.83 26.39 20.58
N GLY A 556 38.94 25.87 20.09
CA GLY A 556 39.09 24.42 20.03
C GLY A 556 38.52 23.68 18.83
N ARG A 557 37.86 24.38 17.91
CA ARG A 557 37.31 23.72 16.73
C ARG A 557 38.44 23.43 15.76
N ILE A 558 38.67 22.14 15.53
CA ILE A 558 39.76 21.65 14.69
C ILE A 558 39.57 21.55 13.17
N ASN A 559 38.36 21.83 12.67
CA ASN A 559 38.13 21.70 11.23
C ASN A 559 39.07 22.52 10.36
N MET A 560 39.26 23.78 10.69
CA MET A 560 40.13 24.63 9.89
C MET A 560 41.58 24.16 9.88
N ILE A 561 42.09 23.67 11.01
CA ILE A 561 43.46 23.20 11.06
C ILE A 561 43.64 21.94 10.20
N MET A 562 42.75 20.96 10.37
CA MET A 562 42.84 19.72 9.58
C MET A 562 42.65 19.99 8.10
N GLN A 563 41.84 21.00 7.78
CA GLN A 563 41.62 21.38 6.40
C GLN A 563 42.96 21.87 5.87
N THR A 564 43.65 22.67 6.66
CA THR A 564 44.95 23.19 6.25
C THR A 564 45.89 22.01 6.03
N ALA A 565 45.93 21.10 7.00
CA ALA A 565 46.75 19.90 6.87
C ALA A 565 46.55 19.27 5.50
N PHE A 566 45.29 19.04 5.14
CA PHE A 566 44.97 18.45 3.85
C PHE A 566 45.56 19.23 2.68
N PHE A 567 45.25 20.52 2.59
CA PHE A 567 45.77 21.33 1.50
C PHE A 567 47.28 21.34 1.40
N LYS A 568 47.98 21.40 2.53
CA LYS A 568 49.44 21.44 2.51
C LYS A 568 50.14 20.10 2.24
N LEU A 569 49.64 19.01 2.83
CA LEU A 569 50.27 17.71 2.69
C LEU A 569 49.64 16.65 1.77
N ALA A 570 48.43 16.89 1.26
CA ALA A 570 47.77 15.90 0.40
C ALA A 570 48.52 15.65 -0.89
N GLY A 571 49.11 16.71 -1.45
CA GLY A 571 49.86 16.57 -2.68
C GLY A 571 49.00 16.67 -3.92
N VAL A 572 47.80 17.21 -3.77
CA VAL A 572 46.90 17.36 -4.90
C VAL A 572 47.22 18.67 -5.62
N LEU A 573 47.69 19.64 -4.85
CA LEU A 573 48.04 20.94 -5.39
C LEU A 573 49.33 21.45 -4.81
N PRO A 574 50.02 22.31 -5.57
CA PRO A 574 51.28 22.88 -5.08
C PRO A 574 50.99 23.86 -3.96
N PHE A 575 51.82 23.82 -2.91
CA PHE A 575 51.70 24.68 -1.74
C PHE A 575 51.22 26.10 -2.06
N GLU A 576 51.91 26.76 -2.98
CA GLU A 576 51.56 28.12 -3.35
C GLU A 576 50.07 28.30 -3.65
N LYS A 577 49.61 27.68 -4.72
CA LYS A 577 48.20 27.76 -5.10
C LYS A 577 47.29 27.25 -3.98
N ALA A 578 47.66 26.11 -3.39
CA ALA A 578 46.88 25.51 -2.32
C ALA A 578 46.51 26.50 -1.22
N VAL A 579 47.48 26.82 -0.36
CA VAL A 579 47.25 27.74 0.74
C VAL A 579 46.62 29.05 0.27
N ASP A 580 47.05 29.50 -0.91
CA ASP A 580 46.51 30.73 -1.48
C ASP A 580 45.00 30.55 -1.66
N LEU A 581 44.63 29.48 -2.37
CA LEU A 581 43.24 29.16 -2.63
C LEU A 581 42.42 29.02 -1.36
N LEU A 582 42.93 28.25 -0.41
CA LEU A 582 42.23 28.03 0.85
C LEU A 582 41.88 29.39 1.46
N LYS A 583 42.86 30.28 1.52
CA LYS A 583 42.64 31.59 2.10
C LYS A 583 41.56 32.42 1.38
N LYS A 584 41.54 32.36 0.06
CA LYS A 584 40.53 33.12 -0.69
C LYS A 584 39.15 32.60 -0.32
N SER A 585 39.04 31.30 -0.12
CA SER A 585 37.76 30.69 0.24
C SER A 585 37.37 31.06 1.66
N ILE A 586 38.37 31.37 2.49
CA ILE A 586 38.11 31.77 3.87
C ILE A 586 37.31 33.07 3.85
N HIS A 587 37.69 33.97 2.96
CA HIS A 587 37.02 35.24 2.82
C HIS A 587 35.66 35.03 2.18
N LYS A 588 35.63 34.26 1.10
CA LYS A 588 34.38 33.95 0.40
C LYS A 588 33.38 33.47 1.46
N ALA A 589 33.69 32.35 2.08
CA ALA A 589 32.84 31.81 3.14
C ALA A 589 33.07 32.73 4.33
N TYR A 590 32.49 32.43 5.48
CA TYR A 590 32.65 33.27 6.65
C TYR A 590 32.41 34.72 6.23
N GLY A 591 33.25 35.64 6.71
CA GLY A 591 33.08 37.04 6.36
C GLY A 591 31.71 37.54 6.77
N LYS A 592 30.95 36.65 7.43
CA LYS A 592 29.60 36.94 7.90
C LYS A 592 29.64 38.00 8.98
N LYS A 593 30.55 37.85 9.94
CA LYS A 593 30.69 38.81 11.02
C LYS A 593 32.06 39.49 11.01
N GLY A 594 32.09 40.68 10.41
CA GLY A 594 33.31 41.44 10.31
C GLY A 594 34.50 40.62 9.82
N GLU A 595 35.69 41.16 10.03
CA GLU A 595 36.93 40.50 9.64
C GLU A 595 37.51 39.80 10.86
N LYS A 596 36.86 39.96 12.00
CA LYS A 596 37.33 39.34 13.23
C LYS A 596 37.33 37.81 13.11
N ILE A 597 36.18 37.24 12.81
CA ILE A 597 36.07 35.80 12.67
C ILE A 597 36.95 35.33 11.53
N VAL A 598 37.10 36.17 10.51
CA VAL A 598 37.93 35.83 9.36
C VAL A 598 39.38 35.66 9.80
N LYS A 599 39.93 36.71 10.41
CA LYS A 599 41.31 36.70 10.88
C LYS A 599 41.65 35.45 11.68
N MET A 600 40.77 35.06 12.59
CA MET A 600 40.98 33.87 13.40
C MET A 600 41.24 32.65 12.53
N ASN A 601 40.52 32.55 11.42
CA ASN A 601 40.69 31.44 10.49
C ASN A 601 41.97 31.58 9.68
N THR A 602 42.21 32.78 9.16
CA THR A 602 43.41 33.04 8.38
C THR A 602 44.59 32.68 9.29
N ASP A 603 44.51 33.16 10.53
CA ASP A 603 45.53 32.90 11.54
C ASP A 603 45.70 31.40 11.75
N ALA A 604 44.57 30.70 11.90
CA ALA A 604 44.58 29.26 12.11
C ALA A 604 45.39 28.58 11.01
N VAL A 605 45.13 28.97 9.77
CA VAL A 605 45.82 28.41 8.61
C VAL A 605 47.32 28.65 8.73
N ASP A 606 47.68 29.92 8.82
CA ASP A 606 49.07 30.33 8.95
C ASP A 606 49.80 29.52 10.00
N GLN A 607 49.23 29.48 11.22
CA GLN A 607 49.87 28.75 12.30
C GLN A 607 49.86 27.25 12.06
N ALA A 608 48.90 26.79 11.28
CA ALA A 608 48.80 25.37 10.98
C ALA A 608 49.94 24.95 10.06
N VAL A 609 50.18 25.78 9.04
CA VAL A 609 51.23 25.51 8.08
C VAL A 609 52.60 25.47 8.77
N THR A 610 52.82 26.39 9.70
CA THR A 610 54.07 26.46 10.42
C THR A 610 54.30 25.25 11.31
N SER A 611 53.31 24.93 12.14
CA SER A 611 53.39 23.80 13.07
C SER A 611 53.40 22.44 12.41
N LEU A 612 52.89 22.38 11.18
CA LEU A 612 52.82 21.11 10.48
C LEU A 612 54.17 20.63 9.95
N GLN A 613 54.92 19.95 10.82
CA GLN A 613 56.24 19.43 10.45
C GLN A 613 56.31 17.92 10.62
N GLU A 614 57.08 17.28 9.76
CA GLU A 614 57.22 15.82 9.80
C GLU A 614 57.70 15.29 11.15
N PHE A 615 56.81 14.64 11.88
CA PHE A 615 57.16 14.07 13.18
C PHE A 615 58.24 13.01 12.95
N LYS A 616 59.41 13.20 13.53
CA LYS A 616 60.48 12.23 13.36
C LYS A 616 60.46 11.15 14.43
N TYR A 617 60.39 9.90 13.95
CA TYR A 617 60.34 8.74 14.82
C TYR A 617 61.62 7.92 14.69
N PRO A 618 62.01 7.23 15.78
CA PRO A 618 63.22 6.41 15.80
C PRO A 618 63.02 5.13 14.98
N ASP A 619 64.11 4.58 14.46
CA ASP A 619 64.05 3.35 13.67
C ASP A 619 63.65 2.19 14.58
N SER A 620 63.56 2.46 15.88
CA SER A 620 63.19 1.48 16.89
C SER A 620 61.76 0.99 16.73
N TRP A 621 60.91 1.86 16.22
CA TRP A 621 59.51 1.53 16.02
C TRP A 621 59.35 0.28 15.15
N LYS A 622 60.27 0.09 14.20
CA LYS A 622 60.21 -1.07 13.30
C LYS A 622 59.95 -2.37 14.01
N ASP A 623 60.11 -2.38 15.33
CA ASP A 623 59.87 -3.58 16.09
C ASP A 623 59.46 -3.29 17.53
N ALA A 624 58.72 -2.22 17.73
CA ALA A 624 58.24 -1.88 19.05
C ALA A 624 57.50 -3.12 19.55
N PRO A 625 57.70 -3.48 20.83
CA PRO A 625 57.08 -4.66 21.44
C PRO A 625 55.55 -4.66 21.42
N ALA A 626 54.97 -5.77 20.96
CA ALA A 626 53.52 -5.92 20.91
C ALA A 626 53.01 -5.79 22.34
N GLU A 627 51.78 -5.32 22.51
CA GLU A 627 51.22 -5.14 23.84
C GLU A 627 50.48 -6.38 24.32
N THR A 628 49.80 -6.24 25.46
CA THR A 628 49.03 -7.32 26.04
C THR A 628 47.60 -7.27 25.52
N LYS A 629 46.63 -7.49 26.40
CA LYS A 629 45.21 -7.48 26.01
C LYS A 629 44.29 -7.28 27.20
N ALA A 630 44.31 -6.08 27.79
CA ALA A 630 43.47 -5.77 28.94
C ALA A 630 41.99 -5.71 28.56
N GLU A 631 41.54 -6.71 27.80
CA GLU A 631 40.15 -6.81 27.34
C GLU A 631 39.20 -7.36 28.40
N PRO A 632 38.14 -6.59 28.73
CA PRO A 632 37.14 -6.99 29.73
C PRO A 632 36.35 -8.25 29.37
N MET A 633 35.66 -8.81 30.36
CA MET A 633 34.84 -10.00 30.14
C MET A 633 33.55 -9.58 29.47
N THR A 634 33.03 -10.43 28.60
CA THR A 634 31.81 -10.14 27.88
C THR A 634 31.28 -11.38 27.17
N ASN A 635 30.16 -11.23 26.47
CA ASN A 635 29.53 -12.32 25.72
C ASN A 635 30.42 -12.93 24.65
N GLU A 636 30.08 -14.15 24.26
CA GLU A 636 30.79 -14.85 23.21
C GLU A 636 30.19 -14.25 21.93
N PHE A 637 28.90 -13.91 21.99
CA PHE A 637 28.23 -13.30 20.84
C PHE A 637 28.82 -11.92 20.64
N PHE A 638 29.04 -11.21 21.74
CA PHE A 638 29.62 -9.88 21.68
C PHE A 638 31.06 -9.97 21.24
N LYS A 639 31.70 -11.05 21.64
CA LYS A 639 33.11 -11.28 21.32
C LYS A 639 33.29 -11.65 19.87
N ASN A 640 32.46 -12.55 19.38
CA ASN A 640 32.58 -13.03 18.01
C ASN A 640 31.75 -12.29 16.98
N VAL A 641 30.65 -11.64 17.40
CA VAL A 641 29.81 -10.94 16.43
C VAL A 641 29.75 -9.42 16.51
N VAL A 642 29.23 -8.87 17.59
CA VAL A 642 29.10 -7.42 17.66
C VAL A 642 30.39 -6.58 17.73
N LYS A 643 31.40 -7.00 18.48
CA LYS A 643 32.62 -6.20 18.53
C LYS A 643 33.29 -6.19 17.16
N PRO A 644 33.33 -7.35 16.48
CA PRO A 644 33.95 -7.34 15.16
C PRO A 644 33.25 -6.30 14.25
N ILE A 645 31.94 -6.18 14.41
CA ILE A 645 31.15 -5.24 13.62
C ILE A 645 31.38 -3.82 14.08
N LEU A 646 31.38 -3.60 15.39
CA LEU A 646 31.59 -2.26 15.94
C LEU A 646 32.95 -1.69 15.58
N THR A 647 33.88 -2.57 15.21
CA THR A 647 35.23 -2.14 14.85
C THR A 647 35.43 -2.16 13.33
N GLN A 648 34.34 -2.04 12.58
CA GLN A 648 34.40 -1.98 11.12
C GLN A 648 34.95 -3.24 10.43
N GLN A 649 34.73 -4.40 11.05
CA GLN A 649 35.19 -5.67 10.50
C GLN A 649 34.01 -6.56 10.10
N GLY A 650 32.81 -5.99 10.17
CA GLY A 650 31.63 -6.75 9.82
C GLY A 650 31.78 -7.51 8.51
N ASP A 651 32.40 -6.87 7.52
CA ASP A 651 32.58 -7.47 6.20
C ASP A 651 33.28 -8.82 6.22
N LYS A 652 34.03 -9.10 7.28
CA LYS A 652 34.74 -10.38 7.34
C LYS A 652 33.95 -11.52 7.98
N LEU A 653 32.78 -11.20 8.52
CA LEU A 653 31.93 -12.21 9.12
C LEU A 653 31.30 -13.03 7.98
N PRO A 654 31.43 -14.38 8.01
CA PRO A 654 30.88 -15.28 6.99
C PRO A 654 29.39 -15.46 7.24
N VAL A 655 28.64 -15.93 6.24
CA VAL A 655 27.20 -16.06 6.46
C VAL A 655 26.83 -17.02 7.58
N SER A 656 27.76 -17.88 7.97
CA SER A 656 27.51 -18.85 9.03
C SER A 656 27.36 -18.16 10.36
N ALA A 657 27.79 -16.90 10.43
CA ALA A 657 27.71 -16.15 11.68
C ALA A 657 26.32 -15.58 11.98
N PHE A 658 25.41 -15.65 11.02
CA PHE A 658 24.08 -15.09 11.23
C PHE A 658 22.92 -16.07 11.28
N GLU A 659 21.85 -15.63 11.92
CA GLU A 659 20.62 -16.39 12.04
C GLU A 659 19.89 -16.28 10.72
N ALA A 660 19.43 -17.41 10.18
CA ALA A 660 18.73 -17.39 8.90
C ALA A 660 17.58 -16.40 8.83
N ASP A 661 16.85 -16.22 9.93
CA ASP A 661 15.72 -15.31 9.94
C ASP A 661 16.07 -13.87 10.38
N GLY A 662 17.36 -13.53 10.38
CA GLY A 662 17.80 -12.20 10.74
C GLY A 662 17.67 -11.74 12.19
N ARG A 663 17.23 -12.61 13.09
CA ARG A 663 17.06 -12.22 14.48
C ARG A 663 18.37 -11.94 15.22
N PHE A 664 18.29 -11.09 16.25
CA PHE A 664 19.42 -10.75 17.10
C PHE A 664 19.05 -10.97 18.56
N PRO A 665 20.04 -11.28 19.42
CA PRO A 665 19.76 -11.50 20.85
C PRO A 665 19.63 -10.17 21.55
N LEU A 666 18.93 -10.15 22.68
CA LEU A 666 18.73 -8.92 23.43
C LEU A 666 19.94 -8.46 24.25
N GLY A 667 19.98 -7.16 24.58
CA GLY A 667 21.02 -6.58 25.41
C GLY A 667 22.49 -6.50 25.00
N THR A 668 22.79 -6.51 23.71
CA THR A 668 24.20 -6.42 23.31
C THR A 668 24.81 -5.03 23.58
N SER A 669 24.00 -4.05 23.93
CA SER A 669 24.52 -2.70 24.16
C SER A 669 25.17 -2.59 25.52
N GLN A 670 24.92 -3.58 26.37
CA GLN A 670 25.48 -3.59 27.71
C GLN A 670 27.00 -3.46 27.73
N PHE A 671 27.66 -4.00 26.72
CA PHE A 671 29.11 -4.00 26.67
C PHE A 671 29.77 -2.97 25.76
N GLU A 672 28.97 -2.10 25.14
CA GLU A 672 29.53 -1.08 24.26
C GLU A 672 30.34 -0.02 25.00
N LYS A 673 29.83 0.47 26.13
CA LYS A 673 30.52 1.47 26.94
C LYS A 673 31.38 2.38 26.05
N ARG A 674 30.73 3.20 25.22
CA ARG A 674 31.44 4.07 24.29
C ARG A 674 32.28 5.21 24.88
N GLY A 675 31.82 5.77 26.00
CA GLY A 675 32.53 6.87 26.62
C GLY A 675 32.76 8.05 25.69
N VAL A 676 31.69 8.55 25.06
CA VAL A 676 31.82 9.69 24.14
C VAL A 676 31.32 11.03 24.69
N ALA A 677 30.82 11.03 25.93
CA ALA A 677 30.35 12.29 26.50
C ALA A 677 31.55 13.17 26.84
N ILE A 678 31.41 14.47 26.61
CA ILE A 678 32.50 15.40 26.93
C ILE A 678 32.43 15.62 28.45
N ASN A 679 31.22 15.90 28.95
CA ASN A 679 31.01 16.13 30.37
C ASN A 679 29.94 15.19 30.93
N VAL A 680 30.17 14.65 32.11
CA VAL A 680 29.21 13.75 32.77
C VAL A 680 28.85 14.27 34.15
N PRO A 681 27.65 13.94 34.65
CA PRO A 681 27.26 14.42 35.98
C PRO A 681 28.06 13.78 37.12
N GLN A 682 28.30 14.57 38.17
CA GLN A 682 29.01 14.13 39.37
C GLN A 682 28.08 14.28 40.56
N TRP A 683 27.77 13.18 41.22
CA TRP A 683 26.86 13.21 42.37
C TRP A 683 27.50 13.89 43.58
N VAL A 684 26.72 14.74 44.25
CA VAL A 684 27.14 15.48 45.43
C VAL A 684 26.13 15.06 46.51
N PRO A 685 26.40 13.92 47.16
CA PRO A 685 25.53 13.34 48.20
C PRO A 685 25.13 14.25 49.36
N GLU A 686 25.81 15.38 49.52
CA GLU A 686 25.51 16.31 50.60
C GLU A 686 24.22 17.09 50.34
N ASN A 687 23.84 17.20 49.07
CA ASN A 687 22.66 17.96 48.67
C ASN A 687 21.53 17.10 48.11
N CYS A 688 21.77 15.80 47.97
CA CYS A 688 20.78 14.90 47.41
C CYS A 688 19.60 14.62 48.34
N ILE A 689 18.38 14.84 47.85
CA ILE A 689 17.19 14.60 48.63
C ILE A 689 16.59 13.21 48.36
N GLN A 690 17.34 12.38 47.64
CA GLN A 690 16.93 11.01 47.32
C GLN A 690 15.53 10.94 46.72
N CYS A 691 15.35 11.62 45.59
CA CYS A 691 14.06 11.67 44.93
C CYS A 691 13.93 10.74 43.70
N ASN A 692 15.06 10.42 43.09
CA ASN A 692 15.12 9.55 41.90
C ASN A 692 14.64 10.19 40.59
N GLN A 693 14.58 11.52 40.54
CA GLN A 693 14.16 12.21 39.33
C GLN A 693 15.24 12.13 38.24
N CYS A 694 16.51 12.18 38.65
CA CYS A 694 17.60 12.12 37.68
C CYS A 694 17.56 10.85 36.83
N ALA A 695 17.40 9.71 37.49
CA ALA A 695 17.36 8.43 36.79
C ALA A 695 16.11 8.30 35.91
N PHE A 696 15.01 8.86 36.38
CA PHE A 696 13.73 8.81 35.65
C PHE A 696 13.86 9.53 34.31
N VAL A 697 14.59 10.63 34.32
CA VAL A 697 14.79 11.53 33.19
C VAL A 697 15.87 11.18 32.16
N CYS A 698 16.81 10.31 32.52
CA CYS A 698 17.92 9.99 31.61
C CYS A 698 17.56 9.30 30.29
N PRO A 699 17.98 9.89 29.16
CA PRO A 699 17.69 9.33 27.83
C PRO A 699 18.51 8.09 27.53
N HIS A 700 19.33 7.65 28.47
CA HIS A 700 20.15 6.46 28.21
C HIS A 700 20.33 5.45 29.34
N SER A 701 19.67 5.67 30.47
CA SER A 701 19.75 4.76 31.62
C SER A 701 21.16 4.83 32.24
N ALA A 702 21.82 5.98 32.06
CA ALA A 702 23.16 6.18 32.60
C ALA A 702 23.21 6.50 34.11
N ILE A 703 22.06 6.54 34.76
CA ILE A 703 22.01 6.80 36.21
C ILE A 703 21.37 5.61 36.93
N LEU A 704 22.18 4.94 37.76
CA LEU A 704 21.72 3.78 38.50
C LEU A 704 21.49 4.03 39.98
N PRO A 705 20.22 4.12 40.42
CA PRO A 705 19.95 4.34 41.83
C PRO A 705 20.37 3.07 42.58
N VAL A 706 20.98 3.24 43.76
CA VAL A 706 21.39 2.08 44.54
C VAL A 706 20.75 2.13 45.92
N LEU A 707 20.13 1.02 46.30
CA LEU A 707 19.48 0.90 47.58
C LEU A 707 19.97 -0.44 48.15
N ALA A 708 20.94 -0.36 49.04
CA ALA A 708 21.52 -1.55 49.63
C ALA A 708 21.47 -1.58 51.15
N LYS A 709 21.51 -2.79 51.69
CA LYS A 709 21.52 -2.99 53.14
C LYS A 709 23.00 -3.25 53.47
N GLU A 710 23.52 -2.50 54.43
CA GLU A 710 24.92 -2.58 54.85
C GLU A 710 25.71 -3.85 54.51
N GLU A 711 25.05 -5.00 54.54
CA GLU A 711 25.71 -6.26 54.22
C GLU A 711 26.23 -6.29 52.78
N GLU A 712 25.54 -5.61 51.88
CA GLU A 712 25.90 -5.58 50.47
C GLU A 712 27.05 -4.65 50.11
N LEU A 713 27.43 -3.77 51.03
CA LEU A 713 28.52 -2.82 50.78
C LEU A 713 29.85 -3.24 51.42
N VAL A 714 29.88 -4.45 51.98
CA VAL A 714 31.09 -4.95 52.62
C VAL A 714 32.36 -4.70 51.80
N GLY A 715 32.39 -5.20 50.58
CA GLY A 715 33.58 -5.02 49.74
C GLY A 715 33.49 -3.85 48.78
N ALA A 716 32.65 -2.87 49.09
CA ALA A 716 32.47 -1.71 48.23
C ALA A 716 33.69 -0.79 48.28
N PRO A 717 34.06 -0.20 47.14
CA PRO A 717 35.23 0.69 47.11
C PRO A 717 35.13 1.71 48.25
N ALA A 718 36.27 2.28 48.62
CA ALA A 718 36.31 3.26 49.68
C ALA A 718 35.39 4.45 49.38
N ASN A 719 35.37 4.86 48.12
CA ASN A 719 34.56 6.00 47.69
C ASN A 719 33.14 5.69 47.22
N PHE A 720 32.56 4.60 47.71
CA PHE A 720 31.18 4.23 47.37
C PHE A 720 30.28 4.87 48.41
N THR A 721 30.35 6.19 48.51
CA THR A 721 29.56 6.96 49.47
C THR A 721 28.07 6.68 49.33
N ALA A 722 27.41 6.45 50.45
CA ALA A 722 25.98 6.18 50.44
C ALA A 722 25.27 6.81 51.65
N LEU A 723 24.25 7.61 51.38
CA LEU A 723 23.50 8.27 52.43
C LEU A 723 22.59 7.25 53.11
N GLU A 724 22.03 7.59 54.27
CA GLU A 724 21.13 6.67 54.93
C GLU A 724 19.78 6.92 54.28
N ALA A 725 19.19 5.86 53.73
CA ALA A 725 17.91 5.96 53.02
C ALA A 725 16.77 6.67 53.75
N LYS A 726 16.21 7.67 53.08
CA LYS A 726 15.11 8.45 53.61
C LYS A 726 13.84 7.67 53.34
N GLY A 727 12.83 7.91 54.16
CA GLY A 727 11.57 7.22 53.98
C GLY A 727 11.33 6.12 54.98
N LYS A 728 10.13 6.11 55.55
CA LYS A 728 9.72 5.12 56.53
C LYS A 728 9.83 3.68 56.02
N GLU A 729 9.67 3.49 54.70
CA GLU A 729 9.74 2.16 54.10
C GLU A 729 11.17 1.71 53.80
N LEU A 730 12.11 2.64 53.80
CA LEU A 730 13.52 2.31 53.53
C LEU A 730 14.34 2.68 54.76
N LYS A 731 14.08 2.01 55.88
CA LYS A 731 14.81 2.34 57.10
C LYS A 731 16.26 1.89 57.15
N GLY A 732 16.49 0.59 57.19
CA GLY A 732 17.86 0.10 57.26
C GLY A 732 18.68 0.17 55.98
N TYR A 733 18.11 0.72 54.91
CA TYR A 733 18.82 0.81 53.64
C TYR A 733 19.73 2.01 53.49
N LYS A 734 20.74 1.84 52.64
CA LYS A 734 21.69 2.89 52.34
C LYS A 734 21.34 3.30 50.91
N PHE A 735 21.45 4.59 50.61
CA PHE A 735 21.11 5.09 49.29
C PHE A 735 22.29 5.69 48.56
N ARG A 736 22.34 5.51 47.23
CA ARG A 736 23.41 6.08 46.42
C ARG A 736 23.00 6.24 44.96
N ILE A 737 23.37 7.37 44.38
CA ILE A 737 23.10 7.66 42.98
C ILE A 737 24.39 7.39 42.21
N GLN A 738 24.48 6.22 41.59
CA GLN A 738 25.68 5.89 40.83
C GLN A 738 25.60 6.35 39.37
N ILE A 739 26.63 7.07 38.95
CA ILE A 739 26.71 7.58 37.58
C ILE A 739 27.50 6.62 36.71
N ASN A 740 26.91 6.28 35.56
CA ASN A 740 27.52 5.40 34.57
C ASN A 740 28.15 6.38 33.57
N THR A 741 29.38 6.80 33.90
CA THR A 741 30.10 7.76 33.08
C THR A 741 30.40 7.32 31.64
N LEU A 742 30.63 6.03 31.43
CA LEU A 742 30.92 5.58 30.06
C LEU A 742 29.69 5.51 29.17
N ASP A 743 28.53 5.28 29.75
CA ASP A 743 27.30 5.22 28.94
C ASP A 743 26.61 6.57 28.84
N CYS A 744 26.94 7.49 29.74
CA CYS A 744 26.36 8.82 29.73
C CYS A 744 26.71 9.51 28.42
N MET A 745 25.80 10.34 27.92
CA MET A 745 26.05 11.04 26.66
C MET A 745 26.32 12.52 26.89
N GLY A 746 26.26 12.93 28.16
CA GLY A 746 26.55 14.32 28.51
C GLY A 746 25.55 15.37 28.08
N CYS A 747 24.28 15.00 28.08
CA CYS A 747 23.25 15.94 27.67
C CYS A 747 22.95 17.01 28.73
N GLY A 748 22.90 16.62 30.00
CA GLY A 748 22.65 17.59 31.06
C GLY A 748 21.26 17.65 31.66
N ASN A 749 20.31 16.83 31.19
CA ASN A 749 18.96 16.86 31.74
C ASN A 749 18.88 16.54 33.22
N CYS A 750 19.53 15.46 33.64
CA CYS A 750 19.50 15.08 35.05
C CYS A 750 19.94 16.24 35.93
N ALA A 751 21.11 16.79 35.66
CA ALA A 751 21.63 17.90 36.43
C ALA A 751 20.75 19.15 36.37
N ASP A 752 20.22 19.44 35.19
CA ASP A 752 19.37 20.62 35.02
C ASP A 752 18.06 20.49 35.79
N ILE A 753 17.63 19.26 36.02
CA ILE A 753 16.36 19.05 36.70
C ILE A 753 16.47 18.71 38.18
N CYS A 754 17.68 18.38 38.64
CA CYS A 754 17.92 18.04 40.05
C CYS A 754 17.31 19.15 40.94
N PRO A 755 16.29 18.81 41.73
CA PRO A 755 15.55 19.71 42.64
C PRO A 755 16.27 20.76 43.50
N PRO A 756 17.07 20.34 44.50
CA PRO A 756 17.75 21.33 45.35
C PRO A 756 18.51 22.44 44.62
N LYS A 757 18.44 23.65 45.17
CA LYS A 757 19.11 24.82 44.58
C LYS A 757 20.62 24.60 44.55
N GLU A 758 21.12 23.92 45.58
CA GLU A 758 22.53 23.58 45.68
C GLU A 758 22.59 22.17 45.07
N LYS A 759 22.57 22.13 43.74
CA LYS A 759 22.58 20.89 42.97
C LYS A 759 23.30 19.70 43.60
N ALA A 760 22.66 18.53 43.49
CA ALA A 760 23.23 17.29 44.01
C ALA A 760 23.96 16.64 42.85
N LEU A 761 23.79 17.20 41.67
CA LEU A 761 24.45 16.72 40.46
C LEU A 761 25.08 17.90 39.73
N VAL A 762 26.37 17.81 39.47
CA VAL A 762 27.07 18.88 38.79
C VAL A 762 27.89 18.28 37.66
N MET A 763 27.91 18.95 36.51
CA MET A 763 28.63 18.46 35.33
C MET A 763 30.15 18.63 35.41
N GLN A 764 30.88 17.58 35.03
CA GLN A 764 32.34 17.60 35.06
C GLN A 764 32.92 16.86 33.86
N PRO A 765 34.16 17.19 33.45
CA PRO A 765 34.78 16.51 32.31
C PRO A 765 34.92 15.01 32.54
N LEU A 766 34.55 14.23 31.54
CA LEU A 766 34.64 12.77 31.65
C LEU A 766 35.91 12.28 32.33
N ASP A 767 37.06 12.76 31.90
CA ASP A 767 38.32 12.33 32.48
C ASP A 767 38.43 12.50 33.99
N THR A 768 37.75 13.49 34.55
CA THR A 768 37.81 13.70 36.00
C THR A 768 36.87 12.75 36.74
N GLN A 769 36.14 11.92 36.01
CA GLN A 769 35.18 11.02 36.66
C GLN A 769 35.32 9.52 36.43
N ARG A 770 35.75 9.11 35.25
CA ARG A 770 35.84 7.68 34.94
C ARG A 770 36.58 6.75 35.89
N ASP A 771 37.84 7.06 36.19
CA ASP A 771 38.63 6.21 37.09
C ASP A 771 37.89 5.82 38.37
N ALA A 772 37.29 6.80 39.03
CA ALA A 772 36.57 6.53 40.26
C ALA A 772 35.24 5.83 40.00
N GLN A 773 34.47 6.33 39.03
CA GLN A 773 33.15 5.76 38.73
C GLN A 773 33.08 4.47 37.90
N VAL A 774 34.07 4.18 37.06
CA VAL A 774 34.01 2.96 36.27
C VAL A 774 33.95 1.75 37.19
N PRO A 775 34.90 1.63 38.12
CA PRO A 775 34.87 0.48 39.05
C PRO A 775 33.70 0.55 40.03
N ASN A 776 33.14 1.75 40.21
CA ASN A 776 32.00 1.96 41.10
C ASN A 776 30.70 1.47 40.48
N LEU A 777 30.47 1.84 39.22
CA LEU A 777 29.28 1.40 38.51
C LEU A 777 29.39 -0.11 38.39
N GLU A 778 30.60 -0.61 38.14
CA GLU A 778 30.83 -2.04 38.02
C GLU A 778 30.54 -2.76 39.32
N TYR A 779 30.58 -2.03 40.42
CA TYR A 779 30.28 -2.62 41.71
C TYR A 779 28.78 -2.52 41.97
N ALA A 780 28.20 -1.36 41.69
CA ALA A 780 26.77 -1.13 41.90
C ALA A 780 25.93 -2.07 41.03
N ALA A 781 26.40 -2.33 39.82
CA ALA A 781 25.70 -3.21 38.88
C ALA A 781 25.54 -4.60 39.49
N ARG A 782 26.37 -4.91 40.47
CA ARG A 782 26.31 -6.21 41.13
C ARG A 782 25.39 -6.20 42.36
N ILE A 783 24.81 -5.05 42.66
CA ILE A 783 23.90 -4.96 43.80
C ILE A 783 22.46 -5.22 43.33
N PRO A 784 21.78 -6.18 43.96
CA PRO A 784 20.40 -6.50 43.59
C PRO A 784 19.49 -5.27 43.58
N VAL A 785 18.74 -5.11 42.48
CA VAL A 785 17.81 -3.99 42.34
C VAL A 785 16.66 -4.29 43.32
N LYS A 786 16.30 -3.31 44.14
CA LYS A 786 15.24 -3.52 45.12
C LYS A 786 13.87 -3.15 44.57
N SER A 787 13.35 -4.04 43.73
CA SER A 787 12.06 -3.82 43.09
C SER A 787 10.83 -4.05 43.97
N GLU A 788 11.01 -4.72 45.10
CA GLU A 788 9.91 -5.02 46.02
C GLU A 788 9.69 -3.97 47.11
N VAL A 789 10.65 -3.09 47.32
CA VAL A 789 10.53 -2.11 48.39
C VAL A 789 9.47 -1.02 48.21
N LEU A 790 9.31 -0.51 47.00
CA LEU A 790 8.32 0.54 46.75
C LEU A 790 7.39 0.20 45.58
N PRO A 791 6.24 0.88 45.51
CA PRO A 791 5.29 0.65 44.43
C PRO A 791 5.96 0.81 43.08
N ARG A 792 5.77 -0.18 42.23
CA ARG A 792 6.36 -0.19 40.91
C ARG A 792 6.01 1.06 40.08
N ASP A 793 4.76 1.49 40.14
CA ASP A 793 4.32 2.65 39.38
C ASP A 793 4.42 4.02 40.08
N SER A 794 5.22 4.11 41.14
CA SER A 794 5.40 5.39 41.82
C SER A 794 6.70 6.00 41.29
N LEU A 795 6.78 7.32 41.29
CA LEU A 795 7.96 8.02 40.80
C LEU A 795 9.26 7.42 41.36
N LYS A 796 9.38 7.40 42.68
CA LYS A 796 10.59 6.86 43.30
C LYS A 796 10.72 5.36 43.07
N GLY A 797 9.62 4.64 43.27
CA GLY A 797 9.63 3.19 43.11
C GLY A 797 10.01 2.62 41.76
N SER A 798 9.58 3.29 40.69
CA SER A 798 9.88 2.84 39.34
C SER A 798 11.38 2.82 39.05
N GLN A 799 12.14 3.71 39.67
CA GLN A 799 13.58 3.74 39.44
C GLN A 799 14.30 2.67 40.23
N PHE A 800 13.52 1.90 41.00
CA PHE A 800 14.05 0.81 41.79
C PHE A 800 13.66 -0.48 41.05
N GLN A 801 13.36 -0.31 39.77
CA GLN A 801 12.98 -1.43 38.90
C GLN A 801 14.09 -1.52 37.85
N GLU A 802 14.25 -2.70 37.27
CA GLU A 802 15.27 -2.89 36.24
C GLU A 802 14.81 -2.27 34.94
N PRO A 803 15.60 -1.33 34.38
CA PRO A 803 15.18 -0.73 33.12
C PRO A 803 15.54 -1.71 32.02
N LEU A 804 14.60 -1.97 31.11
CA LEU A 804 14.82 -2.94 30.04
C LEU A 804 15.19 -2.39 28.66
N MET A 805 15.63 -1.14 28.62
CA MET A 805 16.08 -0.51 27.37
C MET A 805 17.16 0.47 27.79
N GLU A 806 18.41 0.10 27.55
CA GLU A 806 19.54 0.92 27.96
C GLU A 806 20.61 1.16 26.89
N PHE A 807 21.31 2.29 27.04
CA PHE A 807 22.41 2.66 26.18
C PHE A 807 22.15 2.57 24.68
N SER A 808 20.98 3.05 24.23
CA SER A 808 20.65 3.01 22.81
C SER A 808 21.47 4.06 22.06
N GLY A 809 21.37 4.01 20.74
CA GLY A 809 22.12 4.96 19.92
C GLY A 809 21.37 6.25 19.66
N ALA A 810 20.47 6.61 20.57
CA ALA A 810 19.72 7.84 20.41
C ALA A 810 20.67 9.03 20.62
N CYS A 811 20.29 10.20 20.09
CA CYS A 811 21.12 11.40 20.26
C CYS A 811 21.19 11.71 21.75
N SER A 812 22.11 12.59 22.12
CA SER A 812 22.24 12.97 23.51
C SER A 812 21.02 13.78 23.87
N GLY A 813 20.40 13.45 24.99
CA GLY A 813 19.22 14.19 25.42
C GLY A 813 17.97 13.92 24.62
N CYS A 814 17.94 12.82 23.85
CA CYS A 814 16.76 12.48 23.05
C CYS A 814 15.51 12.50 23.92
N GLY A 815 14.44 13.11 23.40
CA GLY A 815 13.19 13.20 24.13
C GLY A 815 12.28 11.98 24.06
N GLU A 816 12.67 10.95 23.32
CA GLU A 816 11.83 9.75 23.20
C GLU A 816 12.23 8.64 24.16
N THR A 817 13.52 8.37 24.26
CA THR A 817 14.02 7.30 25.09
C THR A 817 13.71 7.37 26.58
N PRO A 818 13.57 8.57 27.15
CA PRO A 818 13.25 8.52 28.59
C PRO A 818 11.90 7.86 28.77
N TYR A 819 10.97 8.17 27.87
CA TYR A 819 9.63 7.60 27.95
C TYR A 819 9.57 6.08 27.83
N VAL A 820 10.19 5.52 26.79
CA VAL A 820 10.08 4.07 26.64
C VAL A 820 10.75 3.37 27.78
N ARG A 821 11.87 3.94 28.24
CA ARG A 821 12.59 3.33 29.34
C ARG A 821 11.72 3.11 30.57
N VAL A 822 10.97 4.13 31.01
CA VAL A 822 10.16 3.89 32.18
C VAL A 822 9.02 2.93 31.82
N ILE A 823 8.47 3.04 30.62
CA ILE A 823 7.42 2.11 30.24
C ILE A 823 7.94 0.70 30.52
N THR A 824 9.19 0.40 30.17
CA THR A 824 9.69 -0.95 30.41
C THR A 824 9.84 -1.25 31.90
N GLN A 825 10.08 -0.23 32.71
CA GLN A 825 10.22 -0.49 34.14
C GLN A 825 8.86 -0.91 34.70
N LEU A 826 7.79 -0.62 33.96
CA LEU A 826 6.46 -0.98 34.41
C LEU A 826 5.86 -2.26 33.79
N PHE A 827 6.16 -2.54 32.52
CA PHE A 827 5.59 -3.74 31.89
C PHE A 827 6.61 -4.56 31.11
N GLY A 828 7.85 -4.09 31.11
CA GLY A 828 8.91 -4.76 30.37
C GLY A 828 8.90 -6.27 30.28
N GLU A 829 8.74 -6.94 31.42
CA GLU A 829 8.76 -8.40 31.45
C GLU A 829 7.62 -9.12 30.76
N ARG A 830 6.53 -8.43 30.42
CA ARG A 830 5.45 -9.14 29.75
C ARG A 830 4.96 -8.45 28.48
N MET A 831 5.81 -7.64 27.87
CA MET A 831 5.35 -6.95 26.67
C MET A 831 5.90 -7.36 25.31
N PHE A 832 5.09 -7.05 24.30
CA PHE A 832 5.41 -7.26 22.91
C PHE A 832 5.49 -5.82 22.40
N ILE A 833 6.45 -5.55 21.53
CA ILE A 833 6.54 -4.22 20.98
C ILE A 833 6.58 -4.31 19.46
N ALA A 834 5.59 -3.69 18.82
CA ALA A 834 5.53 -3.64 17.37
C ALA A 834 5.97 -2.21 17.08
N ASN A 835 7.23 -2.04 16.68
CA ASN A 835 7.77 -0.71 16.44
C ASN A 835 7.78 -0.19 15.01
N ALA A 836 7.15 0.96 14.79
CA ALA A 836 7.14 1.57 13.48
C ALA A 836 8.57 1.99 13.15
N THR A 837 8.89 1.95 11.86
CA THR A 837 10.20 2.37 11.39
C THR A 837 10.30 3.86 11.71
N GLY A 838 11.48 4.30 12.12
CA GLY A 838 11.67 5.70 12.47
C GLY A 838 12.77 5.75 13.52
N CYS A 839 12.95 6.89 14.15
CA CYS A 839 14.00 6.96 15.17
C CYS A 839 13.92 5.83 16.18
N SER A 840 12.73 5.59 16.73
CA SER A 840 12.56 4.54 17.72
C SER A 840 12.98 3.16 17.20
N SER A 841 12.95 2.94 15.90
CA SER A 841 13.39 1.65 15.38
C SER A 841 14.89 1.72 15.08
N ILE A 842 15.40 2.92 14.80
CA ILE A 842 16.82 3.08 14.54
C ILE A 842 17.63 3.06 15.85
N TRP A 843 17.19 3.75 16.89
CA TRP A 843 17.95 3.65 18.14
C TRP A 843 17.56 2.34 18.81
N GLY A 844 16.36 1.88 18.51
CA GLY A 844 15.89 0.64 19.11
C GLY A 844 16.52 -0.63 18.60
N ALA A 845 16.90 -0.69 17.32
CA ALA A 845 17.48 -1.91 16.79
C ALA A 845 18.36 -1.81 15.55
N SER A 846 19.42 -1.01 15.64
CA SER A 846 20.38 -0.87 14.56
C SER A 846 21.49 -1.88 14.84
N ALA A 847 21.56 -2.94 14.04
CA ALA A 847 22.59 -3.96 14.21
C ALA A 847 23.96 -3.28 14.27
N PRO A 848 24.85 -3.74 15.15
CA PRO A 848 24.67 -4.86 16.07
C PRO A 848 24.21 -4.47 17.48
N SER A 849 23.92 -3.19 17.68
CA SER A 849 23.52 -2.68 18.99
C SER A 849 22.04 -2.83 19.34
N MET A 850 21.76 -3.63 20.36
CA MET A 850 20.38 -3.86 20.80
C MET A 850 20.24 -3.37 22.23
N PRO A 851 19.59 -2.20 22.41
CA PRO A 851 19.39 -1.58 23.74
C PRO A 851 18.38 -2.29 24.65
N TYR A 852 17.34 -2.89 24.07
CA TYR A 852 16.35 -3.59 24.89
C TYR A 852 17.05 -4.83 25.46
N LYS A 853 16.82 -5.11 26.74
CA LYS A 853 17.46 -6.22 27.42
C LYS A 853 16.49 -6.98 28.32
N THR A 854 16.93 -8.12 28.82
CA THR A 854 16.12 -8.94 29.69
C THR A 854 16.43 -8.61 31.14
N ASN A 855 15.52 -8.94 32.04
CA ASN A 855 15.73 -8.72 33.45
C ASN A 855 16.50 -9.91 34.01
N ARG A 856 16.68 -9.96 35.32
CA ARG A 856 17.41 -11.04 35.98
C ARG A 856 16.87 -12.42 35.66
N LEU A 857 15.57 -12.51 35.43
CA LEU A 857 14.93 -13.79 35.12
C LEU A 857 14.93 -14.13 33.63
N GLY A 858 15.53 -13.26 32.81
CA GLY A 858 15.60 -13.52 31.38
C GLY A 858 14.37 -13.12 30.60
N GLN A 859 13.50 -12.35 31.25
CA GLN A 859 12.28 -11.86 30.64
C GLN A 859 12.53 -10.44 30.11
N GLY A 860 11.88 -10.08 29.02
CA GLY A 860 12.09 -8.77 28.45
C GLY A 860 11.23 -8.53 27.23
N PRO A 861 11.14 -7.28 26.77
CA PRO A 861 10.33 -6.96 25.60
C PRO A 861 10.61 -7.82 24.37
N ALA A 862 9.56 -8.39 23.79
CA ALA A 862 9.68 -9.18 22.56
C ALA A 862 9.51 -8.05 21.54
N TRP A 863 10.62 -7.65 20.91
CA TRP A 863 10.64 -6.51 20.00
C TRP A 863 10.69 -6.77 18.51
N GLY A 864 9.87 -6.03 17.77
CA GLY A 864 9.87 -6.22 16.33
C GLY A 864 9.57 -4.99 15.51
N ASN A 865 10.22 -4.91 14.36
CA ASN A 865 9.99 -3.82 13.42
C ASN A 865 9.53 -4.51 12.13
N SER A 866 8.28 -4.26 11.75
CA SER A 866 7.77 -4.83 10.51
C SER A 866 8.09 -3.81 9.43
N LEU A 867 7.21 -2.85 9.23
CA LEU A 867 7.41 -1.80 8.22
C LEU A 867 7.15 -0.42 8.84
N PHE A 868 7.21 0.61 8.02
CA PHE A 868 6.94 1.96 8.50
C PHE A 868 5.43 2.17 8.54
N GLU A 869 4.75 1.64 7.54
CA GLU A 869 3.31 1.82 7.42
C GLU A 869 2.36 0.93 8.21
N ASP A 870 2.84 -0.21 8.68
CA ASP A 870 1.98 -1.18 9.34
C ASP A 870 2.13 -1.48 10.83
N ALA A 871 2.81 -0.63 11.59
CA ALA A 871 3.03 -0.94 13.01
C ALA A 871 1.80 -1.33 13.80
N ALA A 872 0.72 -0.56 13.68
CA ALA A 872 -0.50 -0.89 14.42
C ALA A 872 -1.03 -2.27 14.04
N GLU A 873 -1.13 -2.54 12.74
CA GLU A 873 -1.65 -3.83 12.27
C GLU A 873 -0.78 -5.00 12.71
N TYR A 874 0.54 -4.77 12.71
CA TYR A 874 1.51 -5.78 13.12
C TYR A 874 1.21 -6.13 14.59
N GLY A 875 1.00 -5.10 15.40
CA GLY A 875 0.70 -5.32 16.80
C GLY A 875 -0.64 -6.01 16.98
N PHE A 876 -1.61 -5.62 16.17
CA PHE A 876 -2.94 -6.23 16.24
C PHE A 876 -2.80 -7.73 15.96
N GLY A 877 -1.86 -8.08 15.08
CA GLY A 877 -1.63 -9.47 14.76
C GLY A 877 -1.07 -10.24 15.94
N MET A 878 -0.11 -9.64 16.63
CA MET A 878 0.47 -10.25 17.83
C MET A 878 -0.67 -10.47 18.81
N ASN A 879 -1.54 -9.46 18.93
CA ASN A 879 -2.71 -9.52 19.81
C ASN A 879 -3.62 -10.67 19.40
N MET A 880 -3.84 -10.86 18.11
CA MET A 880 -4.69 -11.96 17.63
C MET A 880 -4.09 -13.32 17.99
N SER A 881 -2.78 -13.45 17.84
CA SER A 881 -2.11 -14.71 18.17
C SER A 881 -2.32 -15.01 19.66
N MET A 882 -2.09 -14.02 20.50
CA MET A 882 -2.28 -14.21 21.92
C MET A 882 -3.72 -14.61 22.18
N PHE A 883 -4.65 -13.90 21.56
CA PHE A 883 -6.06 -14.24 21.76
C PHE A 883 -6.35 -15.71 21.41
N ALA A 884 -5.87 -16.15 20.25
CA ALA A 884 -6.16 -17.52 19.83
C ALA A 884 -5.47 -18.59 20.67
N ARG A 885 -4.20 -18.39 20.96
CA ARG A 885 -3.42 -19.35 21.71
C ARG A 885 -3.82 -19.40 23.18
N ARG A 886 -4.12 -18.25 23.78
CA ARG A 886 -4.53 -18.27 25.17
C ARG A 886 -5.97 -18.76 25.29
N THR A 887 -6.78 -18.61 24.24
CA THR A 887 -8.15 -19.13 24.29
C THR A 887 -8.03 -20.64 24.22
N HIS A 888 -7.03 -21.11 23.48
CA HIS A 888 -6.79 -22.54 23.37
C HIS A 888 -6.44 -23.03 24.77
N LEU A 889 -5.48 -22.36 25.40
CA LEU A 889 -5.05 -22.73 26.75
C LEU A 889 -6.25 -22.80 27.71
N ALA A 890 -7.07 -21.75 27.74
CA ALA A 890 -8.24 -21.69 28.61
C ALA A 890 -9.14 -22.91 28.36
N ASP A 891 -9.29 -23.25 27.09
CA ASP A 891 -10.09 -24.39 26.67
C ASP A 891 -9.52 -25.67 27.28
N LEU A 892 -8.20 -25.82 27.17
CA LEU A 892 -7.52 -26.99 27.71
C LEU A 892 -7.67 -26.97 29.25
N ALA A 893 -7.55 -25.79 29.84
CA ALA A 893 -7.69 -25.66 31.28
C ALA A 893 -9.07 -26.12 31.72
N ALA A 894 -10.12 -25.63 31.06
CA ALA A 894 -11.47 -26.02 31.42
C ALA A 894 -11.68 -27.53 31.28
N LYS A 895 -11.08 -28.13 30.27
CA LYS A 895 -11.23 -29.57 30.11
C LYS A 895 -10.57 -30.30 31.27
N ALA A 896 -9.40 -29.83 31.67
CA ALA A 896 -8.67 -30.47 32.74
C ALA A 896 -9.45 -30.38 34.07
N LEU A 897 -10.27 -29.34 34.20
CA LEU A 897 -11.06 -29.19 35.43
C LEU A 897 -12.03 -30.36 35.53
N GLU A 898 -12.49 -30.84 34.37
CA GLU A 898 -13.40 -31.96 34.31
C GLU A 898 -12.65 -33.26 34.02
N SER A 899 -11.62 -33.53 34.82
CA SER A 899 -10.84 -34.75 34.67
C SER A 899 -10.41 -35.11 36.07
N ASP A 900 -9.63 -36.17 36.21
CA ASP A 900 -9.17 -36.58 37.53
C ASP A 900 -7.87 -35.90 37.95
N ALA A 901 -7.64 -34.69 37.45
CA ALA A 901 -6.43 -33.94 37.83
C ALA A 901 -6.54 -33.69 39.33
N SER A 902 -5.40 -33.65 40.02
CA SER A 902 -5.37 -33.44 41.46
C SER A 902 -6.07 -32.17 41.92
N GLY A 903 -6.43 -32.14 43.20
CA GLY A 903 -7.10 -30.99 43.77
C GLY A 903 -6.30 -29.72 43.64
N ASP A 904 -4.99 -29.79 43.87
CA ASP A 904 -4.17 -28.59 43.76
C ASP A 904 -4.16 -28.06 42.33
N VAL A 905 -3.86 -28.92 41.37
CA VAL A 905 -3.84 -28.52 39.96
C VAL A 905 -5.17 -27.84 39.60
N LYS A 906 -6.28 -28.51 39.89
CA LYS A 906 -7.59 -27.96 39.60
C LYS A 906 -7.77 -26.59 40.24
N GLU A 907 -7.28 -26.46 41.46
CA GLU A 907 -7.41 -25.21 42.17
C GLU A 907 -6.65 -24.11 41.42
N ALA A 908 -5.46 -24.45 40.93
CA ALA A 908 -4.63 -23.50 40.20
C ALA A 908 -5.24 -23.17 38.84
N LEU A 909 -5.73 -24.22 38.16
CA LEU A 909 -6.36 -24.05 36.86
C LEU A 909 -7.55 -23.12 37.03
N GLN A 910 -8.35 -23.36 38.06
CA GLN A 910 -9.52 -22.54 38.31
C GLN A 910 -9.12 -21.11 38.65
N GLY A 911 -7.97 -20.97 39.31
CA GLY A 911 -7.50 -19.64 39.65
C GLY A 911 -7.04 -18.90 38.41
N TRP A 912 -6.36 -19.62 37.53
CA TRP A 912 -5.87 -19.01 36.30
C TRP A 912 -7.04 -18.55 35.45
N LEU A 913 -8.00 -19.44 35.23
CA LEU A 913 -9.17 -19.10 34.43
C LEU A 913 -9.82 -17.82 34.92
N ALA A 914 -9.99 -17.68 36.23
CA ALA A 914 -10.63 -16.48 36.76
C ALA A 914 -9.76 -15.23 36.64
N GLY A 915 -8.45 -15.40 36.52
CA GLY A 915 -7.60 -14.23 36.40
C GLY A 915 -6.79 -14.16 35.11
N LYS A 916 -7.20 -14.96 34.12
CA LYS A 916 -6.51 -15.01 32.83
C LYS A 916 -6.04 -13.66 32.27
N ASN A 917 -6.91 -12.66 32.28
CA ASN A 917 -6.56 -11.36 31.73
C ASN A 917 -6.12 -10.33 32.75
N ASP A 918 -5.75 -10.81 33.93
CA ASP A 918 -5.29 -9.91 34.97
C ASP A 918 -3.82 -10.24 35.20
N PRO A 919 -2.94 -9.26 34.99
CA PRO A 919 -1.49 -9.37 35.14
C PRO A 919 -1.06 -10.02 36.46
N ILE A 920 -1.67 -9.59 37.55
CA ILE A 920 -1.33 -10.13 38.87
C ILE A 920 -1.74 -11.59 39.08
N LYS A 921 -3.04 -11.87 38.94
CA LYS A 921 -3.56 -13.21 39.14
C LYS A 921 -3.11 -14.24 38.10
N SER A 922 -3.07 -13.84 36.83
CA SER A 922 -2.67 -14.77 35.80
C SER A 922 -1.25 -15.21 36.13
N LYS A 923 -0.43 -14.29 36.60
CA LYS A 923 0.95 -14.67 36.95
C LYS A 923 0.98 -15.51 38.22
N GLU A 924 0.18 -15.12 39.21
CA GLU A 924 0.13 -15.85 40.47
C GLU A 924 -0.26 -17.30 40.28
N TYR A 925 -1.37 -17.55 39.59
CA TYR A 925 -1.80 -18.91 39.38
C TYR A 925 -0.98 -19.63 38.32
N GLY A 926 -0.51 -18.87 37.32
CA GLY A 926 0.31 -19.47 36.28
C GLY A 926 1.58 -19.99 36.89
N ASP A 927 2.19 -19.21 37.79
CA ASP A 927 3.41 -19.66 38.44
C ASP A 927 3.20 -20.96 39.22
N LYS A 928 2.02 -21.17 39.80
CA LYS A 928 1.78 -22.40 40.52
C LYS A 928 1.72 -23.55 39.51
N LEU A 929 1.09 -23.33 38.35
CA LEU A 929 1.03 -24.38 37.34
C LEU A 929 2.44 -24.79 36.92
N LYS A 930 3.30 -23.80 36.66
CA LYS A 930 4.66 -24.09 36.25
C LYS A 930 5.28 -25.05 37.26
N LYS A 931 4.98 -24.87 38.53
CA LYS A 931 5.53 -25.76 39.56
C LYS A 931 4.83 -27.11 39.61
N LEU A 932 3.50 -27.09 39.76
CA LEU A 932 2.71 -28.30 39.84
C LEU A 932 2.82 -29.23 38.63
N LEU A 933 2.82 -28.66 37.43
CA LEU A 933 2.89 -29.45 36.20
C LEU A 933 4.30 -29.69 35.66
N ALA A 934 5.32 -29.30 36.42
CA ALA A 934 6.70 -29.48 35.99
C ALA A 934 6.95 -30.93 35.56
N GLY A 935 7.65 -31.11 34.44
CA GLY A 935 7.96 -32.44 33.96
C GLY A 935 6.86 -33.20 33.25
N GLN A 936 5.62 -32.78 33.46
CA GLN A 936 4.45 -33.43 32.85
C GLN A 936 4.54 -33.35 31.32
N LYS A 937 4.34 -34.48 30.65
CA LYS A 937 4.42 -34.49 29.19
C LYS A 937 3.35 -35.29 28.45
N ASP A 938 2.35 -35.80 29.16
CA ASP A 938 1.30 -36.57 28.51
C ASP A 938 -0.09 -36.00 28.72
N GLY A 939 -0.97 -36.28 27.76
CA GLY A 939 -2.34 -35.81 27.86
C GLY A 939 -2.54 -34.32 28.06
N LEU A 940 -3.70 -33.94 28.57
CA LEU A 940 -4.05 -32.55 28.81
C LEU A 940 -3.03 -31.80 29.62
N LEU A 941 -2.71 -32.31 30.81
CA LEU A 941 -1.75 -31.64 31.67
C LEU A 941 -0.47 -31.38 30.90
N GLY A 942 -0.09 -32.31 30.02
CA GLY A 942 1.11 -32.13 29.22
C GLY A 942 0.98 -30.97 28.25
N GLN A 943 -0.17 -30.85 27.58
CA GLN A 943 -0.38 -29.76 26.63
C GLN A 943 -0.35 -28.44 27.38
N ILE A 944 -1.01 -28.43 28.52
CA ILE A 944 -1.07 -27.23 29.35
C ILE A 944 0.33 -26.87 29.85
N ALA A 945 1.10 -27.87 30.23
CA ALA A 945 2.44 -27.65 30.73
C ALA A 945 3.31 -26.97 29.68
N ALA A 946 3.16 -27.39 28.44
CA ALA A 946 3.96 -26.83 27.38
C ALA A 946 3.58 -25.39 27.00
N MET A 947 2.53 -24.85 27.60
CA MET A 947 2.10 -23.49 27.26
C MET A 947 2.39 -22.45 28.35
N SER A 948 3.33 -22.75 29.24
CA SER A 948 3.66 -21.85 30.34
C SER A 948 4.03 -20.43 29.95
N ASP A 949 4.60 -20.24 28.76
CA ASP A 949 4.97 -18.91 28.33
C ASP A 949 3.73 -18.11 27.88
N LEU A 950 2.55 -18.70 28.08
CA LEU A 950 1.29 -18.03 27.75
C LEU A 950 0.46 -17.77 29.01
N TYR A 951 0.91 -18.32 30.14
CA TYR A 951 0.20 -18.18 31.42
C TYR A 951 -0.09 -16.74 31.88
N THR A 952 0.92 -15.89 32.01
CA THR A 952 0.58 -14.53 32.48
C THR A 952 0.21 -13.61 31.33
N LYS A 953 -0.82 -12.80 31.56
CA LYS A 953 -1.29 -11.88 30.54
C LYS A 953 -0.20 -11.00 30.01
N LYS A 954 -0.17 -10.89 28.69
CA LYS A 954 0.83 -10.10 27.98
C LYS A 954 0.34 -8.68 27.74
N SER A 955 1.29 -7.79 27.50
CA SER A 955 0.97 -6.40 27.24
C SER A 955 1.47 -6.03 25.84
N VAL A 956 0.53 -5.93 24.89
CA VAL A 956 0.89 -5.60 23.52
C VAL A 956 0.94 -4.11 23.30
N TRP A 957 2.12 -3.63 22.91
CA TRP A 957 2.33 -2.22 22.65
C TRP A 957 2.76 -1.96 21.22
N ILE A 958 2.31 -0.82 20.69
CA ILE A 958 2.65 -0.37 19.35
C ILE A 958 3.38 0.95 19.58
N PHE A 959 4.67 1.01 19.23
CA PHE A 959 5.46 2.23 19.39
C PHE A 959 5.61 2.88 18.01
N GLY A 960 5.60 4.21 17.97
CA GLY A 960 5.76 4.89 16.70
C GLY A 960 5.89 6.40 16.84
N GLY A 961 6.45 7.04 15.82
CA GLY A 961 6.60 8.49 15.82
C GLY A 961 5.35 9.17 15.31
N ASP A 962 5.36 10.49 15.24
CA ASP A 962 4.18 11.23 14.75
C ASP A 962 3.96 11.03 13.25
N GLY A 963 5.05 10.91 12.50
CA GLY A 963 4.91 10.69 11.07
C GLY A 963 4.11 9.42 10.83
N TRP A 964 4.50 8.37 11.54
CA TRP A 964 3.81 7.09 11.40
C TRP A 964 2.35 7.21 11.79
N ALA A 965 2.10 7.80 12.96
CA ALA A 965 0.76 7.92 13.50
C ALA A 965 -0.21 8.89 12.83
N TYR A 966 0.27 10.07 12.43
CA TYR A 966 -0.59 11.05 11.79
C TYR A 966 -0.66 10.94 10.27
N ASP A 967 0.36 10.33 9.67
CA ASP A 967 0.40 10.21 8.23
C ASP A 967 0.29 8.80 7.66
N ILE A 968 1.44 8.19 7.34
CA ILE A 968 1.46 6.88 6.70
C ILE A 968 0.75 5.72 7.37
N GLY A 969 0.81 5.64 8.70
CA GLY A 969 0.16 4.54 9.36
C GLY A 969 -1.15 4.92 10.00
N TYR A 970 -1.60 6.14 9.76
CA TYR A 970 -2.84 6.61 10.36
C TYR A 970 -4.05 5.73 10.04
N GLY A 971 -4.22 5.38 8.76
CA GLY A 971 -5.33 4.52 8.37
C GLY A 971 -5.32 3.22 9.17
N GLY A 972 -4.13 2.67 9.39
CA GLY A 972 -4.00 1.44 10.15
C GLY A 972 -4.24 1.67 11.64
N LEU A 973 -3.72 2.78 12.17
CA LEU A 973 -3.90 3.07 13.59
C LEU A 973 -5.38 3.23 13.92
N ASP A 974 -6.08 3.97 13.06
CA ASP A 974 -7.50 4.23 13.21
C ASP A 974 -8.30 2.94 13.26
N HIS A 975 -8.02 2.04 12.32
CA HIS A 975 -8.74 0.79 12.24
C HIS A 975 -8.48 -0.11 13.44
N VAL A 976 -7.24 -0.17 13.87
CA VAL A 976 -6.90 -0.99 15.02
C VAL A 976 -7.52 -0.47 16.31
N LEU A 977 -7.48 0.85 16.52
CA LEU A 977 -8.09 1.39 17.74
C LEU A 977 -9.59 1.13 17.74
N ALA A 978 -10.18 1.17 16.55
CA ALA A 978 -11.61 0.96 16.42
C ALA A 978 -12.02 -0.50 16.64
N SER A 979 -11.08 -1.42 16.52
CA SER A 979 -11.37 -2.85 16.71
C SER A 979 -11.85 -3.14 18.13
N GLY A 980 -11.54 -2.23 19.05
CA GLY A 980 -11.93 -2.40 20.44
C GLY A 980 -11.10 -3.43 21.21
N GLU A 981 -9.99 -3.89 20.64
CA GLU A 981 -9.19 -4.89 21.33
C GLU A 981 -8.14 -4.30 22.26
N ASP A 982 -7.60 -5.14 23.15
CA ASP A 982 -6.63 -4.69 24.13
C ASP A 982 -5.21 -4.51 23.61
N VAL A 983 -4.95 -3.35 23.02
CA VAL A 983 -3.60 -3.04 22.53
C VAL A 983 -3.27 -1.64 23.04
N ASN A 984 -2.00 -1.33 23.14
CA ASN A 984 -1.57 -0.05 23.65
C ASN A 984 -0.71 0.66 22.62
N VAL A 985 -1.12 1.84 22.19
CA VAL A 985 -0.29 2.55 21.23
C VAL A 985 0.37 3.71 21.92
N PHE A 986 1.69 3.80 21.76
CA PHE A 986 2.44 4.89 22.37
C PHE A 986 3.10 5.70 21.27
N VAL A 987 2.61 6.93 21.08
CA VAL A 987 3.15 7.79 20.06
C VAL A 987 4.11 8.84 20.62
N MET A 988 5.34 8.83 20.12
CA MET A 988 6.37 9.78 20.53
C MET A 988 6.31 10.87 19.49
N ASP A 989 5.62 11.93 19.85
CA ASP A 989 5.43 13.06 18.96
C ASP A 989 6.59 14.07 18.96
N THR A 990 7.37 14.07 17.87
CA THR A 990 8.48 15.01 17.75
C THR A 990 8.07 16.14 16.82
N GLU A 991 6.80 16.09 16.40
CA GLU A 991 6.20 17.08 15.50
C GLU A 991 6.98 17.20 14.21
N VAL A 992 7.56 16.08 13.78
CA VAL A 992 8.32 16.09 12.55
C VAL A 992 8.83 14.67 12.21
N TYR A 993 9.15 14.44 10.94
CA TYR A 993 9.73 13.17 10.50
C TYR A 993 11.19 13.35 10.90
N SER A 994 11.55 12.90 12.10
CA SER A 994 12.91 13.06 12.57
C SER A 994 13.95 12.22 11.83
N ASN A 995 13.86 10.91 12.01
CA ASN A 995 14.81 9.97 11.41
C ASN A 995 15.32 10.32 10.02
N THR A 996 14.40 10.59 9.10
CA THR A 996 14.72 10.88 7.71
C THR A 996 15.19 12.28 7.35
N GLY A 997 15.37 13.16 8.32
CA GLY A 997 15.83 14.49 7.98
C GLY A 997 14.97 15.68 8.35
N GLY A 998 14.01 15.48 9.25
CA GLY A 998 13.17 16.59 9.69
C GLY A 998 12.12 17.09 8.71
N GLN A 999 11.49 16.19 7.97
CA GLN A 999 10.45 16.60 7.04
C GLN A 999 9.15 16.81 7.81
N SER A 1000 8.32 17.71 7.30
CA SER A 1000 7.04 18.06 7.89
C SER A 1000 6.04 16.89 7.92
N SER A 1001 5.33 16.76 9.05
CA SER A 1001 4.30 15.73 9.22
C SER A 1001 3.00 16.48 9.55
N LYS A 1002 1.85 15.82 9.48
CA LYS A 1002 0.62 16.55 9.78
C LYS A 1002 0.56 16.88 11.28
N ALA A 1003 1.55 16.40 12.01
CA ALA A 1003 1.65 16.66 13.45
C ALA A 1003 2.46 17.93 13.66
N THR A 1004 3.04 18.45 12.58
CA THR A 1004 3.83 19.67 12.64
C THR A 1004 2.91 20.87 12.88
N PRO A 1005 3.22 21.71 13.88
CA PRO A 1005 2.40 22.87 14.21
C PRO A 1005 2.50 24.05 13.25
N THR A 1006 1.50 24.91 13.35
CA THR A 1006 1.43 26.13 12.56
C THR A 1006 2.72 26.94 12.75
N GLY A 1007 3.28 27.45 11.66
CA GLY A 1007 4.47 28.26 11.76
C GLY A 1007 5.80 27.60 12.08
N ALA A 1008 5.81 26.29 12.29
CA ALA A 1008 7.06 25.60 12.56
C ALA A 1008 7.77 25.45 11.22
N VAL A 1009 9.08 25.64 11.20
CA VAL A 1009 9.86 25.50 9.97
C VAL A 1009 10.41 24.08 9.90
N ALA A 1010 10.15 23.40 8.78
CA ALA A 1010 10.64 22.03 8.55
C ALA A 1010 10.67 21.81 7.06
N LYS A 1011 11.26 20.69 6.61
CA LYS A 1011 11.34 20.39 5.18
C LYS A 1011 9.93 20.29 4.58
N PHE A 1012 9.72 20.98 3.46
CA PHE A 1012 8.44 21.02 2.76
C PHE A 1012 7.46 21.93 3.50
N ALA A 1013 7.99 22.73 4.41
CA ALA A 1013 7.25 23.73 5.18
C ALA A 1013 8.29 24.77 5.56
N ALA A 1014 9.14 25.11 4.58
CA ALA A 1014 10.25 26.04 4.80
C ALA A 1014 9.92 27.52 5.00
N ALA A 1015 8.64 27.88 4.93
CA ALA A 1015 8.26 29.28 5.15
C ALA A 1015 7.35 29.26 6.36
N GLY A 1016 7.37 28.14 7.07
CA GLY A 1016 6.52 27.97 8.23
C GLY A 1016 5.31 27.19 7.74
N LYS A 1017 5.01 26.06 8.37
CA LYS A 1017 3.87 25.25 7.96
C LYS A 1017 2.61 26.12 8.00
N ARG A 1018 1.83 26.06 6.92
CA ARG A 1018 0.62 26.88 6.81
C ARG A 1018 -0.73 26.28 7.15
N THR A 1019 -0.74 25.14 7.84
CA THR A 1019 -1.97 24.52 8.31
C THR A 1019 -1.76 24.14 9.77
N GLY A 1020 -2.81 24.16 10.57
CA GLY A 1020 -2.64 23.81 11.97
C GLY A 1020 -2.27 22.35 12.17
N LYS A 1021 -1.82 22.01 13.37
CA LYS A 1021 -1.45 20.64 13.72
C LYS A 1021 -2.70 19.75 13.71
N LYS A 1022 -2.59 18.57 13.09
CA LYS A 1022 -3.72 17.63 13.07
C LYS A 1022 -4.04 17.19 14.51
N ASP A 1023 -5.32 17.22 14.87
CA ASP A 1023 -5.74 16.82 16.23
C ASP A 1023 -6.10 15.33 16.33
N LEU A 1024 -5.08 14.47 16.27
CA LEU A 1024 -5.27 13.02 16.36
C LEU A 1024 -6.06 12.63 17.62
N ALA A 1025 -5.71 13.23 18.76
CA ALA A 1025 -6.40 12.93 20.01
C ALA A 1025 -7.92 13.18 19.97
N ARG A 1026 -8.34 14.35 19.53
CA ARG A 1026 -9.78 14.61 19.48
C ARG A 1026 -10.44 13.70 18.43
N MET A 1027 -9.69 13.32 17.40
CA MET A 1027 -10.27 12.45 16.39
C MET A 1027 -10.56 11.05 16.94
N VAL A 1028 -9.61 10.44 17.66
CA VAL A 1028 -9.92 9.10 18.15
C VAL A 1028 -10.84 9.14 19.37
N MET A 1029 -10.96 10.28 20.02
CA MET A 1029 -11.88 10.38 21.15
C MET A 1029 -13.35 10.29 20.71
N THR A 1030 -13.63 10.49 19.42
CA THR A 1030 -15.01 10.41 18.91
C THR A 1030 -15.57 8.99 18.95
N TYR A 1031 -14.69 8.03 19.14
CA TYR A 1031 -15.11 6.63 19.19
C TYR A 1031 -15.88 6.34 20.48
N GLY A 1032 -15.49 7.00 21.56
CA GLY A 1032 -16.15 6.81 22.83
C GLY A 1032 -15.65 5.62 23.63
N TYR A 1033 -15.12 4.61 22.94
CA TYR A 1033 -14.64 3.43 23.66
C TYR A 1033 -13.14 3.22 23.65
N VAL A 1034 -12.39 4.25 23.26
CA VAL A 1034 -10.94 4.15 23.23
C VAL A 1034 -10.32 5.06 24.27
N TYR A 1035 -9.43 4.52 25.10
CA TYR A 1035 -8.76 5.32 26.12
C TYR A 1035 -7.74 6.24 25.44
N VAL A 1036 -7.91 7.55 25.59
CA VAL A 1036 -6.98 8.52 25.00
C VAL A 1036 -6.36 9.45 26.06
N ALA A 1037 -5.04 9.65 25.96
CA ALA A 1037 -4.34 10.52 26.89
C ALA A 1037 -3.09 11.15 26.29
N THR A 1038 -2.74 12.31 26.82
CA THR A 1038 -1.55 13.01 26.38
C THR A 1038 -0.66 13.22 27.59
N VAL A 1039 0.64 13.09 27.39
CA VAL A 1039 1.59 13.22 28.47
C VAL A 1039 2.75 14.12 28.06
N SER A 1040 3.56 14.49 29.07
CA SER A 1040 4.74 15.34 28.92
C SER A 1040 5.56 15.21 30.20
N MET A 1041 6.57 14.34 30.17
CA MET A 1041 7.41 14.08 31.32
C MET A 1041 7.89 15.31 32.09
N GLY A 1042 8.54 16.23 31.39
CA GLY A 1042 9.02 17.44 32.04
C GLY A 1042 7.98 18.17 32.86
N TYR A 1043 6.72 18.07 32.46
CA TYR A 1043 5.66 18.74 33.20
C TYR A 1043 5.22 17.95 34.42
N SER A 1044 5.01 16.65 34.25
CA SER A 1044 4.61 15.82 35.37
C SER A 1044 4.93 14.36 35.16
N LYS A 1045 5.83 13.84 35.99
CA LYS A 1045 6.24 12.46 35.92
C LYS A 1045 5.15 11.57 36.49
N GLN A 1046 4.42 12.10 37.47
CA GLN A 1046 3.35 11.37 38.13
C GLN A 1046 2.16 11.13 37.22
N GLN A 1047 1.80 12.13 36.42
CA GLN A 1047 0.67 12.00 35.52
C GLN A 1047 1.05 10.97 34.46
N PHE A 1048 2.30 11.00 34.03
CA PHE A 1048 2.79 10.06 33.03
C PHE A 1048 2.59 8.63 33.51
N LEU A 1049 3.08 8.34 34.72
CA LEU A 1049 2.94 7.01 35.29
C LEU A 1049 1.46 6.64 35.42
N LYS A 1050 0.66 7.60 35.86
CA LYS A 1050 -0.78 7.40 36.05
C LYS A 1050 -1.43 7.01 34.72
N VAL A 1051 -1.06 7.72 33.65
CA VAL A 1051 -1.58 7.43 32.31
C VAL A 1051 -1.12 6.03 31.88
N LEU A 1052 0.15 5.72 32.12
CA LEU A 1052 0.68 4.41 31.74
C LEU A 1052 -0.12 3.31 32.40
N LYS A 1053 -0.33 3.44 33.70
CA LYS A 1053 -1.08 2.45 34.45
C LYS A 1053 -2.54 2.38 33.96
N GLU A 1054 -3.16 3.53 33.73
CA GLU A 1054 -4.56 3.54 33.26
C GLU A 1054 -4.72 3.02 31.83
N ALA A 1055 -3.87 3.47 30.92
CA ALA A 1055 -3.95 3.03 29.53
C ALA A 1055 -3.76 1.53 29.42
N GLU A 1056 -2.70 1.00 30.02
CA GLU A 1056 -2.41 -0.43 29.95
C GLU A 1056 -3.50 -1.30 30.56
N SER A 1057 -4.01 -0.87 31.71
CA SER A 1057 -5.06 -1.63 32.42
C SER A 1057 -6.41 -1.55 31.72
N PHE A 1058 -6.60 -0.58 30.84
CA PHE A 1058 -7.87 -0.47 30.13
C PHE A 1058 -8.07 -1.72 29.24
N PRO A 1059 -9.15 -2.48 29.47
CA PRO A 1059 -9.41 -3.69 28.68
C PRO A 1059 -10.02 -3.38 27.32
N GLY A 1060 -9.29 -2.58 26.55
CA GLY A 1060 -9.72 -2.17 25.22
C GLY A 1060 -8.56 -1.39 24.62
N PRO A 1061 -8.81 -0.58 23.57
CA PRO A 1061 -7.74 0.20 22.92
C PRO A 1061 -7.31 1.43 23.68
N SER A 1062 -6.00 1.65 23.73
CA SER A 1062 -5.40 2.79 24.40
C SER A 1062 -4.46 3.57 23.47
N LEU A 1063 -4.57 4.89 23.49
CA LEU A 1063 -3.73 5.74 22.69
C LEU A 1063 -3.08 6.77 23.61
N VAL A 1064 -1.75 6.79 23.63
CA VAL A 1064 -1.02 7.73 24.47
C VAL A 1064 -0.07 8.56 23.61
N ILE A 1065 -0.21 9.88 23.67
CA ILE A 1065 0.64 10.77 22.89
C ILE A 1065 1.55 11.60 23.79
N ALA A 1066 2.86 11.37 23.66
CA ALA A 1066 3.85 12.08 24.47
C ALA A 1066 4.60 13.15 23.68
N TYR A 1067 4.88 14.27 24.35
CA TYR A 1067 5.63 15.36 23.73
C TYR A 1067 7.10 14.97 23.85
N ALA A 1068 7.76 14.82 22.71
CA ALA A 1068 9.16 14.43 22.68
C ALA A 1068 10.02 15.50 22.02
N THR A 1069 10.97 16.04 22.77
CA THR A 1069 11.87 17.06 22.25
C THR A 1069 12.80 16.34 21.30
N CYS A 1070 13.28 17.05 20.29
CA CYS A 1070 14.17 16.45 19.32
C CYS A 1070 15.20 17.47 18.86
N ILE A 1071 16.36 16.99 18.40
CA ILE A 1071 17.40 17.89 17.92
C ILE A 1071 16.91 18.70 16.71
N ASN A 1072 16.00 18.12 15.91
CA ASN A 1072 15.44 18.80 14.74
C ASN A 1072 14.71 20.08 15.14
N GLN A 1073 14.22 20.14 16.38
CA GLN A 1073 13.49 21.31 16.86
C GLN A 1073 14.44 22.48 17.21
N GLY A 1074 15.72 22.16 17.35
CA GLY A 1074 16.72 23.17 17.66
C GLY A 1074 16.57 23.94 18.95
N LEU A 1075 16.51 23.24 20.08
CA LEU A 1075 16.38 23.91 21.38
C LEU A 1075 17.61 24.80 21.58
N ARG A 1076 17.36 26.10 21.68
CA ARG A 1076 18.39 27.14 21.81
C ARG A 1076 19.44 26.97 22.91
N LYS A 1077 19.06 26.38 24.04
CA LYS A 1077 20.00 26.22 25.13
C LYS A 1077 20.53 24.79 25.32
N GLY A 1078 20.30 23.93 24.33
CA GLY A 1078 20.76 22.55 24.38
C GLY A 1078 19.66 21.55 24.69
N MET A 1079 19.89 20.28 24.34
CA MET A 1079 18.88 19.26 24.60
C MET A 1079 18.82 18.93 26.10
N GLY A 1080 19.75 19.50 26.85
CA GLY A 1080 19.75 19.29 28.29
C GLY A 1080 18.59 20.03 28.92
N LYS A 1081 17.90 20.85 28.12
CA LYS A 1081 16.75 21.61 28.61
C LYS A 1081 15.45 20.91 28.21
N SER A 1082 15.54 19.67 27.75
CA SER A 1082 14.34 18.95 27.31
C SER A 1082 13.21 18.88 28.35
N GLN A 1083 13.54 18.47 29.57
CA GLN A 1083 12.52 18.38 30.60
C GLN A 1083 11.91 19.75 30.87
N ASP A 1084 12.75 20.79 30.85
CA ASP A 1084 12.27 22.14 31.08
C ASP A 1084 11.32 22.54 29.93
N VAL A 1085 11.74 22.20 28.70
CA VAL A 1085 10.94 22.52 27.53
C VAL A 1085 9.60 21.78 27.52
N MET A 1086 9.61 20.50 27.92
CA MET A 1086 8.37 19.73 28.00
C MET A 1086 7.48 20.40 29.03
N ASN A 1087 8.09 20.82 30.13
CA ASN A 1087 7.36 21.48 31.20
C ASN A 1087 6.66 22.72 30.68
N THR A 1088 7.43 23.56 29.97
CA THR A 1088 6.90 24.80 29.41
C THR A 1088 5.87 24.54 28.33
N ALA A 1089 6.05 23.46 27.59
CA ALA A 1089 5.12 23.14 26.51
C ALA A 1089 3.73 22.96 27.07
N VAL A 1090 3.67 22.49 28.31
CA VAL A 1090 2.37 22.28 28.94
C VAL A 1090 1.87 23.56 29.63
N LYS A 1091 2.70 24.16 30.47
CA LYS A 1091 2.31 25.37 31.18
C LYS A 1091 1.83 26.49 30.24
N SER A 1092 2.46 26.61 29.08
CA SER A 1092 2.12 27.64 28.11
C SER A 1092 0.81 27.37 27.39
N GLY A 1093 0.27 26.17 27.55
CA GLY A 1093 -0.98 25.82 26.88
C GLY A 1093 -0.79 25.18 25.52
N TYR A 1094 0.46 25.16 25.05
CA TYR A 1094 0.82 24.58 23.76
C TYR A 1094 0.50 23.08 23.71
N TRP A 1095 0.82 22.36 24.78
CA TRP A 1095 0.60 20.92 24.86
C TRP A 1095 -0.15 20.53 26.13
N PRO A 1096 -1.47 20.77 26.14
CA PRO A 1096 -2.32 20.44 27.30
C PRO A 1096 -2.41 18.94 27.55
N LEU A 1097 -2.43 18.57 28.83
CA LEU A 1097 -2.51 17.17 29.22
C LEU A 1097 -3.90 16.79 29.68
N PHE A 1098 -4.35 15.61 29.28
CA PHE A 1098 -5.69 15.15 29.66
C PHE A 1098 -5.81 13.64 29.54
N ARG A 1099 -6.96 13.12 29.97
CA ARG A 1099 -7.24 11.69 29.92
C ARG A 1099 -8.71 11.43 29.60
N TYR A 1100 -8.94 10.57 28.62
CA TYR A 1100 -10.29 10.19 28.22
C TYR A 1100 -10.47 8.71 28.58
N ASP A 1101 -11.05 8.45 29.74
CA ASP A 1101 -11.26 7.08 30.21
C ASP A 1101 -12.69 6.58 30.06
N PRO A 1102 -12.94 5.65 29.13
CA PRO A 1102 -14.29 5.13 28.92
C PRO A 1102 -14.93 4.40 30.11
N ARG A 1103 -14.15 3.91 31.06
CA ARG A 1103 -14.81 3.19 32.14
C ARG A 1103 -15.50 4.14 33.11
N LEU A 1104 -15.13 5.42 33.06
CA LEU A 1104 -15.80 6.39 33.92
C LEU A 1104 -17.21 6.59 33.35
N ALA A 1105 -17.30 6.64 32.03
CA ALA A 1105 -18.58 6.80 31.36
C ALA A 1105 -19.44 5.61 31.73
N ALA A 1106 -18.82 4.43 31.73
CA ALA A 1106 -19.53 3.21 32.07
C ALA A 1106 -20.16 3.31 33.47
N GLN A 1107 -19.59 4.15 34.32
CA GLN A 1107 -20.10 4.33 35.68
C GLN A 1107 -20.66 5.71 35.96
N GLY A 1108 -21.37 6.26 34.98
CA GLY A 1108 -21.98 7.57 35.14
C GLY A 1108 -21.13 8.83 35.26
N LYS A 1109 -19.81 8.71 35.31
CA LYS A 1109 -18.94 9.88 35.41
C LYS A 1109 -18.45 10.36 34.03
N ASN A 1110 -17.92 11.59 33.97
CA ASN A 1110 -17.41 12.16 32.72
C ASN A 1110 -16.10 11.50 32.35
N PRO A 1111 -16.03 10.89 31.15
CA PRO A 1111 -14.80 10.22 30.71
C PRO A 1111 -13.59 11.14 30.54
N PHE A 1112 -13.85 12.42 30.25
CA PHE A 1112 -12.79 13.40 30.02
C PHE A 1112 -12.34 14.19 31.24
N GLN A 1113 -11.03 14.17 31.51
CA GLN A 1113 -10.47 14.87 32.65
C GLN A 1113 -9.30 15.73 32.20
N LEU A 1114 -9.30 17.00 32.60
CA LEU A 1114 -8.21 17.91 32.23
C LEU A 1114 -7.11 17.82 33.29
N ASP A 1115 -5.86 17.66 32.86
CA ASP A 1115 -4.76 17.55 33.82
C ASP A 1115 -3.79 18.73 33.91
N SER A 1116 -3.94 19.73 33.05
CA SER A 1116 -3.08 20.90 33.10
C SER A 1116 -3.91 22.17 33.21
N LYS A 1117 -3.27 23.27 33.57
CA LYS A 1117 -3.95 24.57 33.76
C LYS A 1117 -4.05 25.36 32.47
N ALA A 1118 -4.87 26.40 32.47
CA ALA A 1118 -5.04 27.24 31.27
C ALA A 1118 -3.71 27.89 30.86
N PRO A 1119 -3.59 28.34 29.61
CA PRO A 1119 -2.36 28.97 29.13
C PRO A 1119 -1.86 30.07 30.07
N ASP A 1120 -0.58 30.00 30.46
CA ASP A 1120 0.00 30.99 31.38
C ASP A 1120 0.63 32.21 30.68
N GLY A 1121 0.55 32.25 29.36
CA GLY A 1121 1.11 33.37 28.60
C GLY A 1121 2.57 33.25 28.17
N SER A 1122 3.19 32.09 28.37
CA SER A 1122 4.59 31.97 27.97
C SER A 1122 4.85 31.46 26.54
N VAL A 1123 3.81 31.29 25.73
CA VAL A 1123 3.99 30.79 24.37
C VAL A 1123 5.13 31.42 23.58
N GLU A 1124 5.07 32.74 23.42
CA GLU A 1124 6.08 33.47 22.67
C GLU A 1124 7.51 33.04 23.06
N GLU A 1125 7.81 33.04 24.36
CA GLU A 1125 9.15 32.64 24.77
C GLU A 1125 9.38 31.17 24.48
N PHE A 1126 8.34 30.36 24.67
CA PHE A 1126 8.43 28.93 24.39
C PHE A 1126 8.83 28.71 22.94
N LEU A 1127 8.12 29.39 22.02
CA LEU A 1127 8.39 29.26 20.59
C LEU A 1127 9.73 29.84 20.17
N MET A 1128 10.01 31.08 20.60
CA MET A 1128 11.25 31.76 20.26
C MET A 1128 12.50 31.07 20.80
N ALA A 1129 12.32 30.15 21.73
CA ALA A 1129 13.44 29.42 22.31
C ALA A 1129 13.81 28.20 21.44
N GLN A 1130 13.07 28.00 20.36
CA GLN A 1130 13.31 26.87 19.43
C GLN A 1130 13.64 27.42 18.04
N ASN A 1131 14.70 26.90 17.43
CA ASN A 1131 15.11 27.37 16.11
C ASN A 1131 14.07 27.11 15.04
N ARG A 1132 13.29 26.03 15.19
CA ARG A 1132 12.27 25.74 14.19
C ARG A 1132 11.26 26.89 14.07
N PHE A 1133 11.19 27.75 15.09
CA PHE A 1133 10.30 28.90 15.03
C PHE A 1133 11.12 30.18 14.83
N ALA A 1134 12.22 30.28 15.56
CA ALA A 1134 13.08 31.45 15.49
C ALA A 1134 13.75 31.73 14.14
N VAL A 1135 14.03 30.70 13.35
CA VAL A 1135 14.65 30.94 12.05
C VAL A 1135 13.69 31.68 11.15
N LEU A 1136 12.40 31.42 11.30
CA LEU A 1136 11.39 32.09 10.51
C LEU A 1136 11.39 33.57 10.88
N ASP A 1137 11.45 33.84 12.18
CA ASP A 1137 11.43 35.21 12.68
C ASP A 1137 12.60 36.05 12.16
N ARG A 1138 13.78 35.44 12.09
CA ARG A 1138 14.96 36.13 11.61
C ARG A 1138 14.91 36.33 10.10
N SER A 1139 14.24 35.43 9.39
CA SER A 1139 14.18 35.53 7.94
C SER A 1139 12.90 36.14 7.38
N PHE A 1140 11.80 36.01 8.11
CA PHE A 1140 10.50 36.55 7.67
C PHE A 1140 9.72 37.05 8.88
N PRO A 1141 10.25 38.09 9.56
CA PRO A 1141 9.65 38.72 10.74
C PRO A 1141 8.14 38.97 10.70
N GLU A 1142 7.65 39.48 9.58
CA GLU A 1142 6.22 39.74 9.43
C GLU A 1142 5.41 38.45 9.59
N ASP A 1143 5.59 37.52 8.65
CA ASP A 1143 4.86 36.24 8.70
C ASP A 1143 5.08 35.52 10.02
N ALA A 1144 6.33 35.50 10.49
CA ALA A 1144 6.67 34.80 11.74
C ALA A 1144 5.83 35.33 12.89
N LYS A 1145 5.64 36.65 12.93
CA LYS A 1145 4.85 37.29 13.96
C LYS A 1145 3.42 36.78 13.87
N ARG A 1146 2.90 36.80 12.65
CA ARG A 1146 1.54 36.36 12.36
C ARG A 1146 1.34 34.89 12.72
N LEU A 1147 2.24 34.03 12.25
CA LEU A 1147 2.15 32.60 12.53
C LEU A 1147 2.19 32.31 14.03
N ARG A 1148 3.05 33.00 14.77
CA ARG A 1148 3.12 32.75 16.20
C ARG A 1148 1.86 33.26 16.90
N ALA A 1149 1.25 34.31 16.35
CA ALA A 1149 0.03 34.82 16.94
C ALA A 1149 -1.07 33.78 16.74
N GLN A 1150 -1.16 33.23 15.53
CA GLN A 1150 -2.18 32.23 15.21
C GLN A 1150 -2.05 31.06 16.17
N VAL A 1151 -0.81 30.59 16.37
CA VAL A 1151 -0.54 29.51 17.29
C VAL A 1151 -1.11 29.85 18.67
N ALA A 1152 -0.87 31.07 19.14
CA ALA A 1152 -1.38 31.47 20.45
C ALA A 1152 -2.90 31.36 20.44
N HIS A 1153 -3.49 31.75 19.32
CA HIS A 1153 -4.94 31.71 19.20
C HIS A 1153 -5.50 30.29 19.13
N GLU A 1154 -4.83 29.41 18.38
CA GLU A 1154 -5.28 28.03 18.25
C GLU A 1154 -5.27 27.32 19.59
N LEU A 1155 -4.17 27.47 20.33
CA LEU A 1155 -4.04 26.81 21.63
C LEU A 1155 -5.00 27.40 22.66
N ASP A 1156 -5.37 28.67 22.48
CA ASP A 1156 -6.31 29.32 23.38
C ASP A 1156 -7.71 28.78 23.14
N VAL A 1157 -8.07 28.63 21.88
CA VAL A 1157 -9.39 28.11 21.55
C VAL A 1157 -9.48 26.67 21.99
N ARG A 1158 -8.46 25.89 21.65
CA ARG A 1158 -8.43 24.48 22.01
C ARG A 1158 -8.60 24.22 23.51
N PHE A 1159 -7.88 24.96 24.34
CA PHE A 1159 -8.02 24.76 25.77
C PHE A 1159 -9.46 25.04 26.21
N LYS A 1160 -10.03 26.12 25.70
CA LYS A 1160 -11.41 26.46 26.04
C LYS A 1160 -12.32 25.28 25.75
N GLU A 1161 -12.15 24.68 24.57
CA GLU A 1161 -12.96 23.53 24.15
C GLU A 1161 -12.72 22.35 25.10
N LEU A 1162 -11.48 22.12 25.48
CA LEU A 1162 -11.17 21.04 26.41
C LEU A 1162 -11.86 21.32 27.74
N GLU A 1163 -11.97 22.59 28.10
CA GLU A 1163 -12.63 22.95 29.36
C GLU A 1163 -14.10 22.56 29.34
N HIS A 1164 -14.81 22.87 28.26
CA HIS A 1164 -16.22 22.50 28.23
C HIS A 1164 -16.39 21.00 28.17
N MET A 1165 -15.44 20.31 27.55
CA MET A 1165 -15.52 18.86 27.48
C MET A 1165 -15.52 18.29 28.89
N ALA A 1166 -14.61 18.79 29.72
CA ALA A 1166 -14.48 18.33 31.10
C ALA A 1166 -15.68 18.70 31.96
N ALA A 1167 -16.42 19.73 31.54
CA ALA A 1167 -17.58 20.19 32.30
C ALA A 1167 -18.89 19.67 31.75
N THR A 1168 -18.84 18.87 30.70
CA THR A 1168 -20.05 18.33 30.09
C THR A 1168 -20.66 17.20 30.91
N ASN A 1169 -21.95 16.98 30.71
CA ASN A 1169 -22.69 15.93 31.40
C ASN A 1169 -23.43 15.09 30.37
N ILE A 1170 -22.99 15.19 29.12
CA ILE A 1170 -23.57 14.45 28.00
C ILE A 1170 -22.55 13.44 27.48
N PHE A 1171 -22.66 12.19 27.91
CA PHE A 1171 -21.73 11.17 27.45
C PHE A 1171 -22.33 9.78 27.32
N GLU A 1172 -21.87 9.06 26.30
CA GLU A 1172 -22.34 7.71 26.01
C GLU A 1172 -21.89 6.69 27.04
N SER A 1173 -22.76 5.73 27.31
CA SER A 1173 -22.47 4.67 28.26
C SER A 1173 -21.45 3.70 27.65
N PHE A 1174 -20.72 2.97 28.49
CA PHE A 1174 -19.71 2.03 27.99
C PHE A 1174 -19.87 0.57 28.43
N ALA A 1175 -19.63 -0.35 27.50
CA ALA A 1175 -19.74 -1.80 27.74
C ALA A 1175 -18.59 -2.58 27.05
N PRO A 1176 -17.62 -3.12 27.83
CA PRO A 1176 -16.48 -3.89 27.29
C PRO A 1176 -16.86 -5.04 26.35
N ALA A 1177 -18.11 -5.52 26.50
CA ALA A 1177 -18.66 -6.61 25.71
C ALA A 1177 -20.09 -6.89 26.19
N GLY A 1178 -20.52 -8.15 26.11
CA GLY A 1178 -21.85 -8.53 26.55
C GLY A 1178 -22.67 -9.15 25.41
N GLY A 1179 -22.65 -10.47 25.32
CA GLY A 1179 -23.39 -11.15 24.26
C GLY A 1179 -22.62 -12.24 23.55
N LYS A 1180 -22.65 -12.20 22.22
CA LYS A 1180 -21.96 -13.16 21.35
C LYS A 1180 -22.78 -14.42 21.05
N ALA A 1181 -22.55 -15.49 21.81
CA ALA A 1181 -23.27 -16.75 21.62
C ALA A 1181 -22.88 -17.42 20.30
N ASP A 1182 -23.10 -18.73 20.22
CA ASP A 1182 -22.76 -19.48 19.03
C ASP A 1182 -23.85 -19.34 17.97
N GLY A 1183 -23.42 -19.13 16.72
CA GLY A 1183 -24.38 -18.99 15.64
C GLY A 1183 -24.20 -17.74 14.77
N SER A 1184 -24.42 -17.90 13.48
CA SER A 1184 -24.30 -16.81 12.53
C SER A 1184 -25.58 -16.69 11.73
N VAL A 1185 -25.68 -15.62 10.96
CA VAL A 1185 -26.84 -15.41 10.12
C VAL A 1185 -26.41 -14.49 8.97
N ASP A 1186 -26.92 -14.76 7.77
CA ASP A 1186 -26.57 -13.95 6.61
C ASP A 1186 -27.55 -12.80 6.45
N PHE A 1187 -27.05 -11.65 6.01
CA PHE A 1187 -27.89 -10.47 5.84
C PHE A 1187 -29.06 -10.61 4.87
N GLY A 1188 -29.09 -11.65 4.06
CA GLY A 1188 -30.18 -11.81 3.12
C GLY A 1188 -31.25 -12.83 3.53
N GLU A 1189 -31.05 -13.54 4.62
CA GLU A 1189 -32.01 -14.56 5.05
C GLU A 1189 -33.37 -13.98 5.40
N GLY A 1190 -34.41 -14.49 4.75
CA GLY A 1190 -35.76 -14.05 4.99
C GLY A 1190 -36.16 -12.66 4.50
N ALA A 1191 -35.31 -11.99 3.73
CA ALA A 1191 -35.63 -10.66 3.22
C ALA A 1191 -36.76 -10.80 2.20
N GLU A 1192 -37.59 -9.76 2.05
CA GLU A 1192 -38.69 -9.81 1.11
C GLU A 1192 -38.30 -9.58 -0.34
N PHE A 1193 -37.22 -8.83 -0.57
CA PHE A 1193 -36.76 -8.54 -1.92
C PHE A 1193 -35.33 -9.04 -2.07
N CYS A 1194 -34.85 -9.13 -3.30
CA CYS A 1194 -33.48 -9.56 -3.53
C CYS A 1194 -32.55 -8.64 -2.79
N THR A 1195 -31.56 -9.26 -2.17
CA THR A 1195 -30.61 -8.59 -1.35
C THR A 1195 -29.20 -8.52 -2.02
N ARG A 1196 -29.03 -9.23 -3.13
CA ARG A 1196 -27.77 -9.24 -3.87
C ARG A 1196 -28.11 -9.02 -5.36
N ASP A 1197 -27.16 -8.51 -6.14
CA ASP A 1197 -27.40 -8.21 -7.57
C ASP A 1197 -27.11 -9.35 -8.56
N ASP A 1198 -27.16 -9.03 -9.85
CA ASP A 1198 -26.92 -10.01 -10.93
C ASP A 1198 -25.48 -10.03 -11.43
N THR A 1199 -24.61 -9.50 -10.60
CA THR A 1199 -23.19 -9.35 -10.83
C THR A 1199 -22.37 -10.58 -10.41
N PRO A 1200 -21.22 -10.81 -11.07
CA PRO A 1200 -20.34 -11.95 -10.76
C PRO A 1200 -19.71 -11.70 -9.39
N MET A 1201 -19.64 -10.43 -9.01
CA MET A 1201 -19.05 -10.05 -7.73
C MET A 1201 -19.81 -10.50 -6.49
N MET A 1202 -21.15 -10.52 -6.55
CA MET A 1202 -21.93 -10.93 -5.37
C MET A 1202 -22.28 -12.42 -5.35
N ALA A 1203 -22.00 -13.10 -6.46
CA ALA A 1203 -22.29 -14.53 -6.55
C ALA A 1203 -21.57 -15.28 -5.45
N ARG A 1204 -22.30 -16.18 -4.80
CA ARG A 1204 -21.78 -16.99 -3.71
C ARG A 1204 -22.31 -18.39 -3.90
N PRO A 1205 -21.67 -19.39 -3.26
CA PRO A 1205 -22.11 -20.78 -3.38
C PRO A 1205 -23.62 -20.94 -3.21
N ASP A 1206 -24.17 -20.30 -2.17
CA ASP A 1206 -25.60 -20.43 -1.88
C ASP A 1206 -26.55 -19.47 -2.59
N SER A 1207 -26.06 -18.56 -3.43
CA SER A 1207 -26.99 -17.65 -4.09
C SER A 1207 -27.60 -18.29 -5.36
N GLY A 1208 -28.57 -17.60 -5.96
CA GLY A 1208 -29.22 -18.11 -7.15
C GLY A 1208 -30.71 -18.40 -7.03
N GLU A 1209 -31.26 -18.22 -5.82
CA GLU A 1209 -32.69 -18.45 -5.59
C GLU A 1209 -33.50 -17.29 -6.20
N ALA A 1210 -34.75 -17.53 -6.54
CA ALA A 1210 -35.58 -16.47 -7.12
C ALA A 1210 -36.04 -15.50 -6.03
N CYS A 1211 -36.14 -14.21 -6.38
CA CYS A 1211 -36.56 -13.19 -5.43
C CYS A 1211 -37.10 -11.99 -6.22
N ASP A 1212 -37.89 -11.15 -5.57
CA ASP A 1212 -38.45 -9.95 -6.20
C ASP A 1212 -37.27 -8.97 -6.28
N GLN A 1213 -36.89 -8.60 -7.49
CA GLN A 1213 -35.74 -7.73 -7.72
C GLN A 1213 -36.06 -6.23 -7.85
N ASN A 1214 -37.20 -5.80 -7.34
CA ASN A 1214 -37.63 -4.40 -7.37
C ASN A 1214 -37.85 -3.77 -8.75
N ARG A 1215 -38.23 -4.58 -9.73
CA ARG A 1215 -38.52 -4.06 -11.06
C ARG A 1215 -40.05 -3.98 -11.26
N ALA A 1216 -40.78 -4.35 -10.23
CA ALA A 1216 -42.25 -4.34 -10.26
C ALA A 1216 -42.81 -3.29 -9.33
N GLY A 1217 -41.92 -2.55 -8.68
CA GLY A 1217 -42.37 -1.52 -7.77
C GLY A 1217 -42.49 -2.01 -6.34
N THR A 1218 -42.93 -1.09 -5.51
CA THR A 1218 -43.15 -1.26 -4.09
C THR A 1218 -44.17 -2.37 -3.72
N SER A 1219 -44.16 -2.78 -2.45
CA SER A 1219 -45.10 -3.79 -1.97
C SER A 1219 -46.54 -3.31 -2.11
N GLU A 1220 -46.78 -2.05 -1.78
CA GLU A 1220 -48.12 -1.50 -1.88
C GLU A 1220 -48.47 -1.33 -3.34
N GLN A 1221 -47.54 -0.78 -4.12
CA GLN A 1221 -47.81 -0.57 -5.54
C GLN A 1221 -48.19 -1.89 -6.21
N GLN A 1222 -47.49 -2.96 -5.86
CA GLN A 1222 -47.83 -4.24 -6.46
C GLN A 1222 -49.20 -4.69 -5.95
N GLY A 1223 -49.46 -4.43 -4.66
CA GLY A 1223 -50.75 -4.81 -4.09
C GLY A 1223 -51.87 -4.03 -4.74
N ASP A 1224 -51.78 -2.71 -4.68
CA ASP A 1224 -52.79 -1.84 -5.26
C ASP A 1224 -53.03 -2.19 -6.72
N LEU A 1225 -51.96 -2.50 -7.45
CA LEU A 1225 -52.09 -2.87 -8.86
C LEU A 1225 -52.84 -4.19 -9.03
N SER A 1226 -52.51 -5.16 -8.19
CA SER A 1226 -53.16 -6.47 -8.26
C SER A 1226 -54.65 -6.26 -8.07
N LYS A 1227 -54.97 -5.39 -7.12
CA LYS A 1227 -56.34 -5.04 -6.79
C LYS A 1227 -57.04 -4.39 -7.99
N ARG A 1228 -56.35 -3.46 -8.65
CA ARG A 1228 -56.90 -2.76 -9.82
C ARG A 1228 -57.07 -3.60 -11.07
N THR A 1229 -56.56 -4.82 -11.07
CA THR A 1229 -56.68 -5.67 -12.24
C THR A 1229 -57.62 -6.85 -12.00
N LYS A 1230 -57.75 -7.23 -10.72
CA LYS A 1230 -58.60 -8.35 -10.29
C LYS A 1230 -58.76 -9.47 -11.32
N LYS A 1231 -59.73 -9.34 -12.22
CA LYS A 1231 -59.99 -10.33 -13.26
C LYS A 1231 -60.32 -11.70 -12.66
N GLY B 1 -11.12 -39.97 7.41
CA GLY B 1 -11.69 -40.58 6.17
C GLY B 1 -11.86 -39.59 5.02
N LYS B 2 -12.41 -40.08 3.91
CA LYS B 2 -12.64 -39.28 2.71
C LYS B 2 -14.13 -38.94 2.61
N LYS B 3 -14.46 -37.83 1.95
CA LYS B 3 -15.87 -37.45 1.82
C LYS B 3 -16.19 -36.73 0.49
N MET B 4 -17.10 -37.32 -0.28
CA MET B 4 -17.50 -36.75 -1.56
C MET B 4 -18.39 -35.54 -1.38
N MET B 5 -18.05 -34.45 -2.04
CA MET B 5 -18.89 -33.25 -1.96
C MET B 5 -18.81 -32.40 -3.22
N THR B 6 -19.88 -31.67 -3.52
CA THR B 6 -19.87 -30.81 -4.67
C THR B 6 -19.76 -29.36 -4.19
N THR B 7 -18.67 -28.72 -4.59
CA THR B 7 -18.40 -27.33 -4.23
C THR B 7 -17.46 -26.74 -5.26
N ASP B 8 -17.09 -25.48 -5.04
CA ASP B 8 -16.21 -24.83 -5.97
C ASP B 8 -14.81 -24.70 -5.39
N GLY B 9 -13.89 -24.20 -6.22
CA GLY B 9 -12.50 -24.05 -5.80
C GLY B 9 -12.36 -23.26 -4.53
N ASN B 10 -13.13 -22.17 -4.42
CA ASN B 10 -13.06 -21.34 -3.23
C ASN B 10 -13.34 -22.14 -1.98
N THR B 11 -14.54 -22.71 -1.85
CA THR B 11 -14.82 -23.43 -0.62
C THR B 11 -14.02 -24.72 -0.42
N ALA B 12 -13.55 -25.32 -1.50
CA ALA B 12 -12.75 -26.52 -1.37
C ALA B 12 -11.44 -26.15 -0.65
N THR B 13 -10.83 -25.01 -1.00
CA THR B 13 -9.58 -24.66 -0.31
C THR B 13 -9.82 -24.08 1.06
N ALA B 14 -10.93 -23.37 1.25
CA ALA B 14 -11.28 -22.79 2.55
C ALA B 14 -11.51 -23.94 3.55
N HIS B 15 -12.01 -25.06 3.04
CA HIS B 15 -12.23 -26.26 3.84
C HIS B 15 -10.89 -26.62 4.53
N VAL B 16 -9.83 -26.67 3.74
CA VAL B 16 -8.50 -26.98 4.26
C VAL B 16 -7.93 -25.85 5.11
N ALA B 17 -8.01 -24.63 4.59
CA ALA B 17 -7.45 -23.47 5.27
C ALA B 17 -7.98 -23.29 6.69
N TYR B 18 -9.29 -23.50 6.83
CA TYR B 18 -9.92 -23.36 8.12
C TYR B 18 -9.30 -24.33 9.10
N ALA B 19 -9.21 -25.59 8.69
CA ALA B 19 -8.68 -26.63 9.52
C ALA B 19 -7.22 -26.43 9.94
N MET B 20 -6.40 -25.90 9.02
CA MET B 20 -4.98 -25.74 9.30
C MET B 20 -4.52 -24.44 9.95
N SER B 21 -5.44 -23.52 10.21
CA SER B 21 -5.04 -22.24 10.78
C SER B 21 -5.67 -21.94 12.13
N GLU B 22 -5.01 -21.07 12.88
CA GLU B 22 -5.51 -20.66 14.18
C GLU B 22 -6.02 -19.23 14.04
N VAL B 23 -5.35 -18.46 13.17
CA VAL B 23 -5.67 -17.07 12.94
C VAL B 23 -5.80 -16.70 11.46
N ALA B 24 -6.69 -15.74 11.18
CA ALA B 24 -6.86 -15.24 9.83
C ALA B 24 -7.18 -13.75 9.87
N ALA B 25 -6.41 -12.94 9.14
CA ALA B 25 -6.62 -11.50 9.05
C ALA B 25 -7.02 -11.33 7.58
N ILE B 26 -8.20 -10.79 7.33
CA ILE B 26 -8.66 -10.71 5.96
C ILE B 26 -9.23 -9.39 5.48
N TYR B 27 -9.42 -9.31 4.17
CA TYR B 27 -10.01 -8.16 3.49
C TYR B 27 -10.70 -8.75 2.28
N PRO B 28 -11.90 -8.26 1.94
CA PRO B 28 -12.58 -8.83 0.78
C PRO B 28 -12.20 -8.28 -0.60
N ILE B 29 -11.98 -9.18 -1.54
CA ILE B 29 -11.72 -8.75 -2.89
C ILE B 29 -12.15 -9.88 -3.83
N THR B 30 -12.96 -9.55 -4.83
CA THR B 30 -13.42 -10.53 -5.79
C THR B 30 -12.21 -11.05 -6.56
N PRO B 31 -12.16 -12.35 -6.86
CA PRO B 31 -13.15 -13.39 -6.56
C PRO B 31 -12.78 -14.30 -5.38
N SER B 32 -11.94 -13.79 -4.48
CA SER B 32 -11.51 -14.59 -3.32
C SER B 32 -12.41 -14.42 -2.09
N SER B 33 -13.28 -13.40 -2.13
CA SER B 33 -14.15 -13.10 -0.99
C SER B 33 -14.84 -14.27 -0.32
N THR B 34 -15.33 -15.20 -1.12
CA THR B 34 -16.02 -16.37 -0.60
C THR B 34 -15.27 -17.11 0.52
N MET B 35 -13.97 -17.29 0.35
CA MET B 35 -13.17 -18.00 1.35
C MET B 35 -13.26 -17.38 2.75
N GLY B 36 -12.94 -16.09 2.84
CA GLY B 36 -13.01 -15.44 4.13
C GLY B 36 -14.42 -15.47 4.72
N GLU B 37 -15.43 -15.26 3.87
CA GLU B 37 -16.81 -15.29 4.37
C GLU B 37 -17.18 -16.69 4.84
N GLU B 38 -16.70 -17.73 4.16
CA GLU B 38 -17.00 -19.11 4.57
C GLU B 38 -16.35 -19.35 5.93
N ALA B 39 -15.08 -18.97 6.03
CA ALA B 39 -14.34 -19.15 7.27
C ALA B 39 -15.03 -18.45 8.42
N ASP B 40 -15.47 -17.22 8.20
CA ASP B 40 -16.15 -16.47 9.26
C ASP B 40 -17.46 -17.13 9.65
N ASP B 41 -18.21 -17.62 8.68
CA ASP B 41 -19.47 -18.29 8.98
C ASP B 41 -19.22 -19.58 9.78
N TRP B 42 -18.21 -20.35 9.40
CA TRP B 42 -17.94 -21.59 10.09
C TRP B 42 -17.46 -21.38 11.52
N ALA B 43 -16.71 -20.31 11.76
CA ALA B 43 -16.23 -20.05 13.10
C ALA B 43 -17.41 -19.59 13.95
N ALA B 44 -18.24 -18.73 13.37
CA ALA B 44 -19.40 -18.23 14.07
C ALA B 44 -20.30 -19.40 14.38
N GLN B 45 -20.23 -20.43 13.55
CA GLN B 45 -21.01 -21.65 13.73
C GLN B 45 -20.32 -22.62 14.67
N GLY B 46 -19.14 -22.25 15.14
CA GLY B 46 -18.40 -23.10 16.05
C GLY B 46 -17.61 -24.26 15.46
N ARG B 47 -17.30 -24.24 14.15
CA ARG B 47 -16.51 -25.32 13.57
C ARG B 47 -15.10 -25.34 14.17
N LYS B 48 -14.56 -26.54 14.37
CA LYS B 48 -13.22 -26.69 14.95
C LYS B 48 -12.10 -27.00 13.95
N ASN B 49 -10.96 -26.36 14.15
CA ASN B 49 -9.81 -26.61 13.29
C ASN B 49 -9.11 -27.81 13.92
N ILE B 50 -7.95 -28.20 13.42
CA ILE B 50 -7.29 -29.38 13.96
C ILE B 50 -6.89 -29.25 15.42
N PHE B 51 -7.05 -28.07 15.99
CA PHE B 51 -6.68 -27.89 17.39
C PHE B 51 -7.91 -27.89 18.27
N GLY B 52 -9.05 -28.20 17.67
CA GLY B 52 -10.29 -28.22 18.41
C GLY B 52 -10.80 -26.85 18.78
N GLN B 53 -10.26 -25.81 18.13
CA GLN B 53 -10.64 -24.42 18.37
C GLN B 53 -11.36 -23.77 17.19
N THR B 54 -12.13 -22.71 17.44
CA THR B 54 -12.78 -22.01 16.35
C THR B 54 -11.73 -21.01 15.83
N LEU B 55 -11.78 -20.71 14.54
CA LEU B 55 -10.82 -19.79 13.93
C LEU B 55 -10.96 -18.36 14.42
N THR B 56 -9.83 -17.71 14.65
CA THR B 56 -9.84 -16.30 15.06
C THR B 56 -9.66 -15.46 13.79
N ILE B 57 -10.77 -14.90 13.32
CA ILE B 57 -10.80 -14.10 12.10
C ILE B 57 -11.19 -12.64 12.36
N ARG B 58 -10.41 -11.71 11.81
CA ARG B 58 -10.71 -10.28 11.94
C ARG B 58 -10.55 -9.66 10.56
N GLU B 59 -11.35 -8.64 10.29
CA GLU B 59 -11.31 -7.93 9.02
C GLU B 59 -10.49 -6.65 9.22
N MET B 60 -9.51 -6.39 8.35
CA MET B 60 -8.69 -5.19 8.48
C MET B 60 -9.22 -4.07 7.59
N GLN B 61 -8.52 -2.94 7.52
CA GLN B 61 -8.98 -1.82 6.71
C GLN B 61 -8.57 -1.95 5.23
N SER B 62 -7.64 -2.86 4.95
CA SER B 62 -7.15 -3.12 3.58
C SER B 62 -6.29 -4.37 3.60
N GLU B 63 -5.84 -4.81 2.43
CA GLU B 63 -4.99 -5.99 2.37
C GLU B 63 -3.63 -5.69 2.98
N ALA B 64 -3.19 -4.43 2.91
CA ALA B 64 -1.90 -4.07 3.47
C ALA B 64 -2.02 -4.26 4.98
N GLY B 65 -3.16 -3.83 5.52
CA GLY B 65 -3.40 -3.99 6.94
C GLY B 65 -3.56 -5.46 7.30
N ALA B 66 -4.12 -6.24 6.38
CA ALA B 66 -4.30 -7.67 6.64
C ALA B 66 -2.95 -8.37 6.64
N ALA B 67 -2.09 -8.02 5.68
CA ALA B 67 -0.76 -8.62 5.56
C ALA B 67 0.10 -8.27 6.76
N GLY B 68 -0.06 -7.06 7.27
CA GLY B 68 0.70 -6.64 8.44
C GLY B 68 0.24 -7.44 9.66
N ALA B 69 -1.07 -7.64 9.78
CA ALA B 69 -1.64 -8.41 10.89
C ALA B 69 -1.15 -9.87 10.81
N VAL B 70 -1.12 -10.42 9.60
CA VAL B 70 -0.67 -11.79 9.38
C VAL B 70 0.79 -11.91 9.80
N HIS B 71 1.61 -10.95 9.40
CA HIS B 71 3.02 -10.97 9.78
C HIS B 71 3.10 -11.05 11.32
N GLY B 72 2.35 -10.18 12.00
CA GLY B 72 2.34 -10.15 13.46
C GLY B 72 1.86 -11.43 14.14
N ALA B 73 0.79 -12.01 13.64
CA ALA B 73 0.27 -13.24 14.22
C ALA B 73 1.32 -14.37 14.10
N LEU B 74 1.95 -14.45 12.93
CA LEU B 74 2.98 -15.47 12.68
C LEU B 74 4.18 -15.25 13.57
N ALA B 75 4.63 -14.01 13.66
CA ALA B 75 5.77 -13.65 14.47
C ALA B 75 5.51 -14.04 15.93
N ALA B 76 4.23 -14.04 16.31
CA ALA B 76 3.85 -14.40 17.68
C ALA B 76 3.42 -15.87 17.84
N GLY B 77 3.87 -16.71 16.92
CA GLY B 77 3.59 -18.13 17.02
C GLY B 77 2.25 -18.76 16.73
N ALA B 78 1.44 -18.13 15.89
CA ALA B 78 0.13 -18.69 15.55
C ALA B 78 0.08 -19.04 14.07
N LEU B 79 -0.47 -20.20 13.72
CA LEU B 79 -0.59 -20.57 12.32
C LEU B 79 -1.62 -19.59 11.76
N THR B 80 -1.26 -18.92 10.68
CA THR B 80 -2.10 -17.90 10.08
C THR B 80 -2.24 -17.99 8.56
N THR B 81 -3.41 -17.59 8.05
CA THR B 81 -3.67 -17.62 6.61
C THR B 81 -4.40 -16.35 6.22
N THR B 82 -4.58 -16.17 4.92
CA THR B 82 -5.33 -15.05 4.41
C THR B 82 -5.76 -15.39 2.98
N PHE B 83 -6.81 -14.73 2.51
CA PHE B 83 -7.32 -14.99 1.17
C PHE B 83 -7.28 -13.72 0.34
N THR B 84 -6.71 -13.77 -0.86
CA THR B 84 -6.65 -12.54 -1.63
C THR B 84 -6.45 -12.68 -3.13
N ALA B 85 -6.21 -11.55 -3.80
CA ALA B 85 -6.04 -11.58 -5.24
C ALA B 85 -5.81 -10.18 -5.80
N SER B 86 -5.33 -10.14 -7.04
CA SER B 86 -5.13 -8.88 -7.74
C SER B 86 -4.56 -7.73 -6.89
N GLN B 87 -5.22 -6.56 -7.00
CA GLN B 87 -4.82 -5.35 -6.30
C GLN B 87 -4.53 -5.63 -4.84
N GLY B 88 -5.31 -6.54 -4.26
CA GLY B 88 -5.13 -6.91 -2.88
C GLY B 88 -3.79 -7.56 -2.65
N LEU B 89 -3.42 -8.50 -3.51
CA LEU B 89 -2.14 -9.17 -3.34
C LEU B 89 -1.03 -8.13 -3.48
N LEU B 90 -1.19 -7.16 -4.36
CA LEU B 90 -0.16 -6.14 -4.53
C LEU B 90 0.14 -5.39 -3.24
N LEU B 91 -0.89 -5.07 -2.46
CA LEU B 91 -0.69 -4.36 -1.19
C LEU B 91 -0.04 -5.22 -0.15
N MET B 92 -0.01 -6.53 -0.38
CA MET B 92 0.61 -7.45 0.56
C MET B 92 2.09 -7.66 0.27
N ILE B 93 2.54 -7.26 -0.92
CA ILE B 93 3.94 -7.43 -1.30
C ILE B 93 4.97 -7.01 -0.25
N PRO B 94 4.89 -5.79 0.29
CA PRO B 94 5.87 -5.38 1.30
C PRO B 94 6.00 -6.39 2.45
N ASN B 95 4.88 -6.77 3.05
CA ASN B 95 4.92 -7.75 4.13
C ASN B 95 5.33 -9.16 3.65
N MET B 96 5.13 -9.45 2.38
CA MET B 96 5.51 -10.78 1.90
C MET B 96 7.02 -10.97 2.00
N TYR B 97 7.80 -9.96 1.63
CA TYR B 97 9.26 -10.03 1.74
C TYR B 97 9.64 -10.26 3.21
N LYS B 98 8.91 -9.59 4.11
CA LYS B 98 9.12 -9.72 5.55
C LYS B 98 8.78 -11.12 6.07
N ILE B 99 7.64 -11.63 5.64
CA ILE B 99 7.17 -12.93 6.09
C ILE B 99 8.11 -14.05 5.65
N SER B 100 8.61 -13.98 4.42
CA SER B 100 9.54 -14.98 3.96
C SER B 100 10.92 -14.66 4.55
N GLY B 101 11.25 -13.37 4.61
CA GLY B 101 12.54 -12.97 5.14
C GLY B 101 12.75 -13.47 6.56
N GLU B 102 11.66 -13.60 7.33
CA GLU B 102 11.78 -14.07 8.70
C GLU B 102 11.41 -15.55 8.81
N LEU B 103 11.28 -16.21 7.66
CA LEU B 103 11.00 -17.64 7.60
C LEU B 103 9.81 -18.07 8.46
N LEU B 104 8.63 -17.54 8.13
CA LEU B 104 7.42 -17.84 8.87
C LEU B 104 6.52 -18.74 8.04
N PRO B 105 5.86 -19.73 8.69
CA PRO B 105 4.96 -20.69 8.04
C PRO B 105 3.60 -20.12 7.61
N GLY B 106 3.62 -18.96 6.97
CA GLY B 106 2.38 -18.36 6.54
C GLY B 106 1.85 -19.01 5.27
N VAL B 107 0.55 -18.95 5.06
CA VAL B 107 -0.02 -19.51 3.84
C VAL B 107 -1.04 -18.55 3.26
N PHE B 108 -0.80 -18.11 2.02
CA PHE B 108 -1.71 -17.22 1.33
C PHE B 108 -2.45 -18.04 0.29
N HIS B 109 -3.78 -17.91 0.25
CA HIS B 109 -4.56 -18.60 -0.75
C HIS B 109 -5.07 -17.51 -1.67
N VAL B 110 -4.67 -17.55 -2.94
CA VAL B 110 -5.12 -16.50 -3.84
C VAL B 110 -5.83 -17.02 -5.10
N THR B 111 -6.88 -16.31 -5.47
CA THR B 111 -7.64 -16.61 -6.66
C THR B 111 -6.97 -15.69 -7.68
N ALA B 112 -6.03 -16.24 -8.46
CA ALA B 112 -5.27 -15.46 -9.44
C ALA B 112 -6.16 -14.61 -10.35
N ARG B 113 -6.04 -13.29 -10.19
CA ARG B 113 -6.83 -12.33 -10.94
C ARG B 113 -6.04 -11.22 -11.62
N ALA B 114 -6.56 -10.77 -12.75
CA ALA B 114 -5.96 -9.70 -13.53
C ALA B 114 -5.72 -8.41 -12.74
N ILE B 115 -4.65 -7.74 -13.09
CA ILE B 115 -4.28 -6.48 -12.47
C ILE B 115 -4.89 -5.33 -13.28
N ALA B 116 -5.24 -4.24 -12.62
CA ALA B 116 -5.80 -3.10 -13.31
C ALA B 116 -4.73 -2.30 -14.04
N ALA B 117 -4.84 -2.21 -15.37
CA ALA B 117 -3.89 -1.43 -16.16
C ALA B 117 -4.69 -0.48 -17.05
N HIS B 118 -4.88 -0.82 -18.32
CA HIS B 118 -5.67 0.03 -19.20
C HIS B 118 -7.11 -0.01 -18.69
N ALA B 119 -7.46 -1.08 -17.97
CA ALA B 119 -8.80 -1.22 -17.43
C ALA B 119 -8.75 -2.17 -16.23
N LEU B 120 -9.83 -2.19 -15.46
CA LEU B 120 -9.92 -3.10 -14.33
C LEU B 120 -10.61 -4.39 -14.76
N SER B 121 -10.23 -5.49 -14.12
CA SER B 121 -10.88 -6.77 -14.39
C SER B 121 -10.86 -7.63 -13.14
N ILE B 122 -12.01 -8.19 -12.80
CA ILE B 122 -12.14 -9.07 -11.65
C ILE B 122 -11.89 -10.52 -12.10
N PHE B 123 -11.62 -10.71 -13.38
CA PHE B 123 -11.44 -12.06 -13.89
C PHE B 123 -10.05 -12.68 -13.82
N GLY B 124 -10.00 -13.99 -14.06
CA GLY B 124 -8.75 -14.72 -13.91
C GLY B 124 -7.58 -14.80 -14.87
N ASP B 125 -6.40 -14.62 -14.28
CA ASP B 125 -5.12 -14.77 -14.95
C ASP B 125 -4.02 -14.69 -13.90
N HIS B 126 -2.76 -14.85 -14.32
CA HIS B 126 -1.65 -14.87 -13.36
C HIS B 126 -0.85 -13.59 -13.20
N GLN B 127 -1.39 -12.48 -13.70
CA GLN B 127 -0.72 -11.20 -13.59
C GLN B 127 -0.42 -10.88 -12.13
N ASP B 128 -1.30 -11.26 -11.21
CA ASP B 128 -1.06 -10.94 -9.81
C ASP B 128 -0.03 -11.83 -9.11
N ILE B 129 -0.13 -13.15 -9.27
CA ILE B 129 0.84 -14.01 -8.60
C ILE B 129 2.23 -13.81 -9.17
N TYR B 130 2.32 -13.48 -10.45
CA TYR B 130 3.63 -13.27 -11.04
C TYR B 130 4.28 -12.01 -10.50
N ALA B 131 3.43 -11.07 -10.09
CA ALA B 131 3.92 -9.81 -9.55
C ALA B 131 4.56 -9.98 -8.18
N ALA B 132 4.30 -11.11 -7.52
CA ALA B 132 4.87 -11.38 -6.19
C ALA B 132 5.90 -12.51 -6.21
N ARG B 133 6.36 -12.91 -7.41
CA ARG B 133 7.30 -14.02 -7.50
C ARG B 133 8.66 -13.80 -6.86
N GLN B 134 9.06 -12.55 -6.68
CA GLN B 134 10.37 -12.28 -6.10
C GLN B 134 10.36 -12.08 -4.60
N THR B 135 9.19 -12.24 -3.97
CA THR B 135 9.05 -12.02 -2.54
C THR B 135 9.59 -13.16 -1.67
N GLY B 136 9.94 -14.28 -2.28
CA GLY B 136 10.48 -15.38 -1.51
C GLY B 136 9.45 -16.37 -1.02
N PHE B 137 8.19 -16.18 -1.42
CA PHE B 137 7.14 -17.12 -1.04
C PHE B 137 7.22 -18.30 -1.99
N ALA B 138 7.04 -19.52 -1.46
CA ALA B 138 7.00 -20.67 -2.35
C ALA B 138 5.66 -20.45 -3.06
N MET B 139 5.51 -20.99 -4.26
CA MET B 139 4.29 -20.79 -5.02
C MET B 139 3.81 -22.13 -5.59
N LEU B 140 2.63 -22.57 -5.14
CA LEU B 140 2.05 -23.84 -5.58
C LEU B 140 0.72 -23.62 -6.33
N ALA B 141 0.67 -24.10 -7.56
CA ALA B 141 -0.51 -23.97 -8.41
C ALA B 141 -1.44 -25.20 -8.38
N SER B 142 -2.74 -24.95 -8.39
CA SER B 142 -3.72 -26.03 -8.45
C SER B 142 -4.52 -25.69 -9.71
N SER B 143 -4.72 -26.69 -10.56
CA SER B 143 -5.37 -26.49 -11.84
C SER B 143 -6.80 -27.00 -11.95
N SER B 144 -7.41 -27.31 -10.82
CA SER B 144 -8.78 -27.82 -10.83
C SER B 144 -9.37 -27.74 -9.44
N VAL B 145 -10.69 -27.87 -9.36
CA VAL B 145 -11.35 -27.81 -8.06
C VAL B 145 -10.79 -28.89 -7.13
N GLN B 146 -10.65 -30.11 -7.62
CA GLN B 146 -10.13 -31.20 -6.80
C GLN B 146 -8.69 -30.91 -6.34
N GLU B 147 -7.90 -30.32 -7.23
CA GLU B 147 -6.52 -29.99 -6.92
C GLU B 147 -6.42 -28.85 -5.90
N ALA B 148 -7.38 -27.94 -5.92
CA ALA B 148 -7.33 -26.83 -4.98
C ALA B 148 -7.34 -27.37 -3.55
N HIS B 149 -8.20 -28.33 -3.29
CA HIS B 149 -8.27 -28.94 -1.97
C HIS B 149 -6.95 -29.60 -1.64
N ASP B 150 -6.41 -30.39 -2.58
CA ASP B 150 -5.16 -31.10 -2.34
C ASP B 150 -3.91 -30.22 -2.18
N MET B 151 -3.76 -29.23 -3.05
CA MET B 151 -2.60 -28.34 -2.99
C MET B 151 -2.68 -27.43 -1.79
N ALA B 152 -3.90 -27.04 -1.42
CA ALA B 152 -4.06 -26.20 -0.24
C ALA B 152 -3.53 -26.98 0.96
N LEU B 153 -3.82 -28.29 1.01
CA LEU B 153 -3.38 -29.11 2.13
C LEU B 153 -1.85 -29.22 2.13
N VAL B 154 -1.30 -29.54 0.96
CA VAL B 154 0.15 -29.65 0.80
C VAL B 154 0.86 -28.35 1.22
N ALA B 155 0.33 -27.20 0.77
CA ALA B 155 0.91 -25.89 1.07
C ALA B 155 1.01 -25.67 2.58
N HIS B 156 -0.05 -25.98 3.32
CA HIS B 156 -0.04 -25.80 4.76
C HIS B 156 0.96 -26.75 5.43
N LEU B 157 0.92 -28.02 5.07
CA LEU B 157 1.84 -28.98 5.66
C LEU B 157 3.32 -28.61 5.37
N ALA B 158 3.60 -28.19 4.14
CA ALA B 158 4.98 -27.84 3.76
C ALA B 158 5.47 -26.55 4.40
N ALA B 159 4.59 -25.56 4.53
CA ALA B 159 5.01 -24.30 5.17
C ALA B 159 5.39 -24.57 6.63
N ILE B 160 4.60 -25.35 7.33
CA ILE B 160 4.90 -25.66 8.72
C ILE B 160 6.28 -26.32 8.87
N GLU B 161 6.54 -27.34 8.06
CA GLU B 161 7.81 -28.05 8.16
C GLU B 161 9.01 -27.31 7.59
N SER B 162 8.81 -26.55 6.52
CA SER B 162 9.93 -25.85 5.89
C SER B 162 10.24 -24.46 6.40
N ASN B 163 9.28 -23.84 7.08
CA ASN B 163 9.43 -22.47 7.57
C ASN B 163 9.45 -21.44 6.44
N VAL B 164 9.06 -21.86 5.25
CA VAL B 164 8.98 -20.94 4.11
C VAL B 164 7.50 -20.72 3.82
N PRO B 165 7.06 -19.45 3.81
CA PRO B 165 5.65 -19.18 3.53
C PRO B 165 5.26 -19.65 2.13
N PHE B 166 4.01 -20.08 1.98
CA PHE B 166 3.50 -20.57 0.70
C PHE B 166 2.36 -19.73 0.16
N MET B 167 2.27 -19.66 -1.15
CA MET B 167 1.16 -18.98 -1.78
C MET B 167 0.52 -20.06 -2.63
N HIS B 168 -0.66 -20.52 -2.22
CA HIS B 168 -1.40 -21.53 -2.96
C HIS B 168 -2.32 -20.73 -3.85
N PHE B 169 -2.26 -20.97 -5.15
CA PHE B 169 -3.09 -20.23 -6.07
C PHE B 169 -3.79 -21.06 -7.14
N PHE B 170 -4.96 -20.58 -7.54
CA PHE B 170 -5.79 -21.21 -8.56
C PHE B 170 -6.52 -20.10 -9.36
N ASP B 171 -6.89 -20.41 -10.59
CA ASP B 171 -7.53 -19.41 -11.44
C ASP B 171 -8.83 -18.78 -10.96
N GLY B 172 -8.85 -17.44 -10.96
CA GLY B 172 -10.04 -16.70 -10.58
C GLY B 172 -11.20 -17.05 -11.49
N PHE B 173 -12.33 -17.38 -10.87
CA PHE B 173 -13.54 -17.80 -11.55
C PHE B 173 -13.42 -19.19 -12.21
N ARG B 174 -12.55 -19.32 -13.20
CA ARG B 174 -12.38 -20.59 -13.92
C ARG B 174 -12.19 -21.80 -12.98
N THR B 175 -11.60 -21.57 -11.81
CA THR B 175 -11.45 -22.64 -10.83
C THR B 175 -12.10 -22.26 -9.51
N SER B 176 -11.93 -21.02 -9.06
CA SER B 176 -12.51 -20.57 -7.80
C SER B 176 -14.03 -20.71 -7.79
N HIS B 177 -14.66 -20.45 -8.92
CA HIS B 177 -16.11 -20.51 -8.99
C HIS B 177 -16.68 -21.70 -9.74
N GLU B 178 -15.84 -22.56 -10.31
CA GLU B 178 -16.38 -23.71 -11.00
C GLU B 178 -16.80 -24.71 -9.93
N ILE B 179 -17.95 -25.37 -10.06
CA ILE B 179 -18.26 -26.35 -9.03
C ILE B 179 -18.06 -27.75 -9.62
N GLN B 180 -17.60 -28.67 -8.78
CA GLN B 180 -17.34 -30.04 -9.21
C GLN B 180 -17.61 -30.98 -8.06
N LYS B 181 -17.87 -32.23 -8.40
CA LYS B 181 -18.09 -33.26 -7.40
C LYS B 181 -16.68 -33.78 -7.14
N ILE B 182 -16.16 -33.50 -5.96
CA ILE B 182 -14.80 -33.90 -5.57
C ILE B 182 -14.79 -34.63 -4.23
N GLU B 183 -13.60 -35.04 -3.83
CA GLU B 183 -13.44 -35.73 -2.57
C GLU B 183 -12.63 -34.83 -1.66
N VAL B 184 -13.00 -34.76 -0.39
CA VAL B 184 -12.24 -33.96 0.56
C VAL B 184 -11.82 -34.87 1.70
N LEU B 185 -10.88 -34.41 2.51
CA LEU B 185 -10.40 -35.18 3.64
C LEU B 185 -11.00 -34.63 4.91
N ASP B 186 -11.20 -35.52 5.90
CA ASP B 186 -11.72 -35.12 7.21
C ASP B 186 -10.59 -34.37 7.90
N TYR B 187 -10.95 -33.53 8.86
CA TYR B 187 -9.93 -32.76 9.55
C TYR B 187 -8.94 -33.62 10.32
N ALA B 188 -9.39 -34.76 10.84
CA ALA B 188 -8.49 -35.62 11.59
C ALA B 188 -7.35 -36.09 10.70
N ASP B 189 -7.68 -36.48 9.47
CA ASP B 189 -6.68 -36.93 8.52
C ASP B 189 -5.62 -35.84 8.28
N MET B 190 -6.06 -34.59 8.17
CA MET B 190 -5.13 -33.49 7.96
C MET B 190 -4.21 -33.32 9.17
N ALA B 191 -4.81 -33.37 10.36
CA ALA B 191 -4.05 -33.21 11.58
C ALA B 191 -2.96 -34.28 11.69
N SER B 192 -3.24 -35.51 11.26
CA SER B 192 -2.26 -36.59 11.37
C SER B 192 -1.04 -36.42 10.46
N LEU B 193 -1.14 -35.57 9.44
CA LEU B 193 -0.03 -35.35 8.55
C LEU B 193 0.91 -34.25 9.06
N VAL B 194 0.45 -33.51 10.06
CA VAL B 194 1.23 -32.39 10.61
C VAL B 194 2.54 -32.79 11.31
N ASN B 195 3.64 -32.09 11.00
CA ASN B 195 4.92 -32.35 11.66
C ASN B 195 4.87 -31.68 13.04
N GLN B 196 4.57 -32.45 14.07
CA GLN B 196 4.46 -31.93 15.43
C GLN B 196 5.70 -31.21 15.95
N LYS B 197 6.89 -31.75 15.70
CA LYS B 197 8.09 -31.11 16.20
C LYS B 197 8.36 -29.81 15.50
N ALA B 198 8.06 -29.74 14.20
CA ALA B 198 8.30 -28.50 13.47
C ALA B 198 7.37 -27.44 14.05
N LEU B 199 6.12 -27.84 14.29
CA LEU B 199 5.11 -26.93 14.83
C LEU B 199 5.53 -26.43 16.19
N ALA B 200 6.00 -27.34 17.05
CA ALA B 200 6.46 -26.92 18.36
C ALA B 200 7.63 -25.95 18.26
N GLU B 201 8.60 -26.24 17.39
CA GLU B 201 9.75 -25.35 17.21
C GLU B 201 9.33 -23.94 16.79
N PHE B 202 8.30 -23.88 15.93
CA PHE B 202 7.75 -22.61 15.47
C PHE B 202 7.21 -21.82 16.68
N ARG B 203 6.52 -22.49 17.59
CA ARG B 203 6.00 -21.81 18.78
C ARG B 203 7.17 -21.28 19.63
N ALA B 204 8.10 -22.16 19.96
CA ALA B 204 9.25 -21.82 20.78
C ALA B 204 10.18 -20.72 20.23
N LYS B 205 10.22 -20.54 18.91
CA LYS B 205 11.07 -19.49 18.36
C LYS B 205 10.30 -18.19 18.18
N SER B 206 9.00 -18.22 18.46
CA SER B 206 8.17 -17.03 18.32
C SER B 206 8.41 -15.94 19.36
N MET B 207 7.91 -14.76 19.07
CA MET B 207 8.04 -13.62 19.97
C MET B 207 7.29 -13.95 21.26
N ASN B 208 7.93 -13.70 22.40
CA ASN B 208 7.32 -13.93 23.70
C ASN B 208 8.26 -13.30 24.72
N PRO B 209 7.73 -12.39 25.56
CA PRO B 209 8.55 -11.72 26.57
C PRO B 209 9.24 -12.65 27.57
N GLU B 210 8.75 -13.89 27.65
CA GLU B 210 9.30 -14.89 28.55
C GLU B 210 10.68 -15.36 28.02
N HIS B 211 10.91 -15.18 26.72
CA HIS B 211 12.16 -15.57 26.08
C HIS B 211 12.31 -14.74 24.82
N PRO B 212 12.53 -13.42 24.99
CA PRO B 212 12.68 -12.48 23.88
C PRO B 212 13.90 -12.51 22.98
N HIS B 213 13.72 -11.87 21.84
CA HIS B 213 14.74 -11.68 20.85
C HIS B 213 14.27 -10.42 20.13
N VAL B 214 15.11 -9.87 19.26
CA VAL B 214 14.65 -8.72 18.51
C VAL B 214 14.67 -9.14 17.04
N ARG B 215 13.66 -8.72 16.29
CA ARG B 215 13.57 -9.05 14.87
C ARG B 215 13.34 -7.75 14.10
N GLY B 216 13.71 -7.74 12.81
CA GLY B 216 13.55 -6.54 12.02
C GLY B 216 14.56 -5.48 12.42
N THR B 217 15.83 -5.85 12.39
CA THR B 217 16.89 -4.90 12.71
C THR B 217 17.15 -4.10 11.44
N ALA B 218 17.97 -3.05 11.54
CA ALA B 218 18.35 -2.25 10.39
C ALA B 218 19.81 -2.66 10.26
N GLN B 219 20.25 -3.01 9.05
CA GLN B 219 21.61 -3.48 8.85
C GLN B 219 22.40 -2.70 7.81
N ASN B 220 23.69 -2.52 8.10
CA ASN B 220 24.60 -1.80 7.22
C ASN B 220 25.20 -2.66 6.13
N PRO B 221 26.03 -2.06 5.26
CA PRO B 221 26.64 -2.81 4.18
C PRO B 221 27.55 -3.95 4.65
N ASP B 222 28.08 -3.83 5.86
CA ASP B 222 28.98 -4.85 6.36
C ASP B 222 28.38 -6.24 6.52
N ILE B 223 27.10 -6.31 6.90
CA ILE B 223 26.48 -7.61 7.14
C ILE B 223 25.18 -7.95 6.44
N TYR B 224 24.53 -6.96 5.85
CA TYR B 224 23.25 -7.23 5.19
C TYR B 224 23.27 -8.41 4.20
N PHE B 225 24.22 -8.38 3.26
CA PHE B 225 24.36 -9.41 2.23
C PHE B 225 24.45 -10.82 2.83
N GLN B 226 25.33 -11.00 3.81
CA GLN B 226 25.47 -12.28 4.47
C GLN B 226 24.13 -12.73 5.08
N GLY B 227 23.44 -11.77 5.69
CA GLY B 227 22.15 -12.06 6.31
C GLY B 227 21.10 -12.51 5.32
N ARG B 228 21.16 -11.98 4.11
CA ARG B 228 20.18 -12.34 3.08
C ARG B 228 20.45 -13.76 2.58
N GLU B 229 21.70 -14.18 2.58
CA GLU B 229 22.06 -15.52 2.10
C GLU B 229 21.91 -16.63 3.15
N ALA B 230 21.80 -16.25 4.42
CA ALA B 230 21.69 -17.24 5.50
C ALA B 230 20.49 -18.20 5.37
N ALA B 231 19.45 -17.76 4.69
CA ALA B 231 18.26 -18.59 4.54
C ALA B 231 18.34 -19.69 3.48
N ASN B 232 19.40 -19.70 2.68
CA ASN B 232 19.56 -20.69 1.61
C ASN B 232 19.24 -22.15 1.99
N PRO B 233 19.77 -22.64 3.12
CA PRO B 233 19.48 -24.03 3.48
C PRO B 233 17.99 -24.34 3.54
N TYR B 234 17.17 -23.36 3.92
CA TYR B 234 15.72 -23.57 4.00
C TYR B 234 15.10 -23.67 2.61
N TYR B 235 15.44 -22.73 1.74
CA TYR B 235 14.92 -22.80 0.39
C TYR B 235 15.35 -24.07 -0.34
N LEU B 236 16.55 -24.55 -0.04
CA LEU B 236 17.04 -25.77 -0.68
C LEU B 236 16.20 -26.99 -0.30
N LYS B 237 15.65 -26.98 0.91
CA LYS B 237 14.85 -28.12 1.35
C LYS B 237 13.36 -28.08 0.99
N VAL B 238 12.81 -26.92 0.64
CA VAL B 238 11.37 -26.89 0.38
C VAL B 238 10.89 -27.80 -0.75
N PRO B 239 11.64 -27.89 -1.86
CA PRO B 239 11.15 -28.76 -2.93
C PRO B 239 10.91 -30.20 -2.47
N GLY B 240 11.88 -30.77 -1.76
CA GLY B 240 11.74 -32.14 -1.27
C GLY B 240 10.61 -32.26 -0.27
N ILE B 241 10.40 -31.21 0.52
CA ILE B 241 9.33 -31.19 1.52
C ILE B 241 7.98 -31.25 0.80
N VAL B 242 7.81 -30.43 -0.23
CA VAL B 242 6.58 -30.41 -1.00
C VAL B 242 6.32 -31.77 -1.62
N ALA B 243 7.36 -32.33 -2.24
CA ALA B 243 7.25 -33.64 -2.88
C ALA B 243 6.83 -34.70 -1.88
N GLU B 244 7.42 -34.68 -0.69
CA GLU B 244 7.10 -35.67 0.33
C GLU B 244 5.64 -35.53 0.74
N TYR B 245 5.22 -34.30 1.01
CA TYR B 245 3.84 -34.09 1.40
C TYR B 245 2.86 -34.45 0.29
N MET B 246 3.19 -34.18 -0.97
CA MET B 246 2.31 -34.59 -2.05
C MET B 246 2.09 -36.10 -1.94
N GLN B 247 3.17 -36.83 -1.65
CA GLN B 247 3.11 -38.28 -1.54
C GLN B 247 2.37 -38.77 -0.31
N LYS B 248 2.45 -38.03 0.78
CA LYS B 248 1.74 -38.43 1.99
C LYS B 248 0.26 -38.18 1.78
N VAL B 249 -0.07 -37.05 1.17
CA VAL B 249 -1.48 -36.77 0.93
C VAL B 249 -2.02 -37.80 -0.05
N ALA B 250 -1.19 -38.23 -1.00
CA ALA B 250 -1.59 -39.19 -2.01
C ALA B 250 -1.85 -40.58 -1.43
N SER B 251 -1.08 -40.98 -0.45
CA SER B 251 -1.30 -42.30 0.12
C SER B 251 -2.66 -42.31 0.84
N LEU B 252 -3.18 -41.14 1.18
CA LEU B 252 -4.47 -41.06 1.84
C LEU B 252 -5.65 -40.89 0.87
N THR B 253 -5.39 -40.25 -0.26
CA THR B 253 -6.44 -39.95 -1.23
C THR B 253 -6.36 -40.72 -2.53
N GLY B 254 -5.17 -41.24 -2.84
CA GLY B 254 -5.00 -41.96 -4.09
C GLY B 254 -4.68 -41.02 -5.25
N ARG B 255 -4.59 -39.72 -4.98
CA ARG B 255 -4.29 -38.74 -6.04
C ARG B 255 -2.84 -38.27 -5.91
N SER B 256 -2.02 -38.65 -6.88
CA SER B 256 -0.58 -38.32 -6.88
C SER B 256 -0.14 -37.12 -7.72
N TYR B 257 0.83 -36.39 -7.19
CA TYR B 257 1.35 -35.22 -7.90
C TYR B 257 2.87 -35.18 -7.76
N LYS B 258 3.49 -34.40 -8.63
CA LYS B 258 4.93 -34.19 -8.58
C LYS B 258 5.10 -32.68 -8.74
N LEU B 259 6.33 -32.20 -8.60
CA LEU B 259 6.61 -30.78 -8.76
C LEU B 259 6.21 -30.38 -10.19
N PHE B 260 6.39 -31.29 -11.14
CA PHE B 260 6.02 -31.12 -12.55
C PHE B 260 5.51 -32.49 -13.01
N ASP B 261 4.35 -32.52 -13.66
CA ASP B 261 3.81 -33.79 -14.12
C ASP B 261 3.67 -33.81 -15.62
N TYR B 262 3.97 -34.97 -16.20
CA TYR B 262 3.87 -35.08 -17.65
C TYR B 262 2.63 -35.89 -18.03
N VAL B 263 2.01 -35.50 -19.11
CA VAL B 263 0.83 -36.19 -19.60
C VAL B 263 0.93 -36.20 -21.12
N GLY B 264 0.59 -37.33 -21.74
CA GLY B 264 0.67 -37.42 -23.18
C GLY B 264 1.52 -38.54 -23.72
N ALA B 265 1.84 -38.47 -25.02
CA ALA B 265 2.63 -39.52 -25.64
C ALA B 265 4.05 -39.56 -25.09
N PRO B 266 4.48 -40.72 -24.60
CA PRO B 266 5.83 -40.83 -24.06
C PRO B 266 6.91 -40.55 -25.10
N ASP B 267 6.53 -40.57 -26.37
CA ASP B 267 7.47 -40.28 -27.47
C ASP B 267 7.04 -39.00 -28.20
N ALA B 268 6.31 -38.16 -27.48
CA ALA B 268 5.82 -36.90 -28.00
C ALA B 268 6.95 -36.05 -28.58
N GLU B 269 6.66 -35.35 -29.67
CA GLU B 269 7.67 -34.50 -30.28
C GLU B 269 7.36 -33.03 -30.01
N ARG B 270 6.07 -32.72 -29.89
CA ARG B 270 5.60 -31.36 -29.62
C ARG B 270 5.03 -31.35 -28.20
N VAL B 271 5.58 -30.53 -27.32
CA VAL B 271 5.11 -30.50 -25.93
C VAL B 271 4.77 -29.11 -25.41
N ILE B 272 3.75 -29.04 -24.56
CA ILE B 272 3.35 -27.77 -23.96
C ILE B 272 3.68 -27.75 -22.47
N VAL B 273 4.02 -26.57 -21.98
CA VAL B 273 4.33 -26.37 -20.56
C VAL B 273 3.32 -25.34 -20.14
N SER B 274 2.53 -25.65 -19.11
CA SER B 274 1.52 -24.71 -18.68
C SER B 274 1.23 -24.82 -17.19
N MET B 275 0.44 -23.87 -16.68
CA MET B 275 0.13 -23.83 -15.27
C MET B 275 -1.32 -23.36 -15.06
N GLY B 276 -1.99 -23.92 -14.05
CA GLY B 276 -3.36 -23.52 -13.78
C GLY B 276 -4.41 -24.34 -14.50
N SER B 277 -5.65 -23.87 -14.47
CA SER B 277 -6.77 -24.58 -15.09
C SER B 277 -6.58 -24.94 -16.55
N SER B 278 -5.72 -24.19 -17.25
CA SER B 278 -5.46 -24.49 -18.65
C SER B 278 -5.00 -25.93 -18.84
N CYS B 279 -4.25 -26.45 -17.87
CA CYS B 279 -3.74 -27.81 -17.95
C CYS B 279 -4.83 -28.86 -18.12
N GLU B 280 -5.99 -28.64 -17.51
CA GLU B 280 -7.08 -29.59 -17.63
C GLU B 280 -7.57 -29.71 -19.07
N THR B 281 -7.81 -28.56 -19.70
CA THR B 281 -8.30 -28.52 -21.06
C THR B 281 -7.24 -29.05 -22.04
N ILE B 282 -5.97 -28.75 -21.77
CA ILE B 282 -4.91 -29.23 -22.64
C ILE B 282 -4.85 -30.78 -22.59
N GLU B 283 -4.92 -31.36 -21.39
CA GLU B 283 -4.87 -32.82 -21.26
C GLU B 283 -6.07 -33.46 -21.95
N GLU B 284 -7.21 -32.79 -21.91
CA GLU B 284 -8.40 -33.32 -22.56
C GLU B 284 -8.15 -33.40 -24.07
N VAL B 285 -7.54 -32.36 -24.63
CA VAL B 285 -7.27 -32.33 -26.06
C VAL B 285 -6.21 -33.37 -26.38
N ILE B 286 -5.20 -33.48 -25.53
CA ILE B 286 -4.14 -34.46 -25.74
C ILE B 286 -4.72 -35.87 -25.89
N ASN B 287 -5.58 -36.28 -24.96
CA ASN B 287 -6.17 -37.63 -25.02
C ASN B 287 -6.88 -37.82 -26.35
N HIS B 288 -7.59 -36.77 -26.79
CA HIS B 288 -8.33 -36.83 -28.04
C HIS B 288 -7.44 -36.92 -29.28
N LEU B 289 -6.35 -36.16 -29.30
CA LEU B 289 -5.45 -36.18 -30.44
C LEU B 289 -4.52 -37.39 -30.43
N ALA B 290 -4.14 -37.86 -29.25
CA ALA B 290 -3.25 -39.01 -29.14
C ALA B 290 -3.99 -40.22 -29.71
N ALA B 291 -5.28 -40.29 -29.45
CA ALA B 291 -6.10 -41.38 -29.95
C ALA B 291 -5.96 -41.44 -31.47
N LYS B 292 -5.68 -40.30 -32.09
CA LYS B 292 -5.52 -40.21 -33.54
C LYS B 292 -4.05 -40.32 -33.98
N GLY B 293 -3.18 -40.71 -33.06
CA GLY B 293 -1.78 -40.86 -33.41
C GLY B 293 -0.84 -39.68 -33.22
N GLU B 294 -1.36 -38.49 -32.96
CA GLU B 294 -0.44 -37.37 -32.78
C GLU B 294 0.50 -37.57 -31.59
N LYS B 295 1.78 -37.30 -31.80
CA LYS B 295 2.78 -37.46 -30.74
C LYS B 295 2.95 -36.14 -29.99
N ILE B 296 2.05 -35.88 -29.04
CA ILE B 296 2.12 -34.63 -28.27
C ILE B 296 1.94 -34.88 -26.78
N GLY B 297 2.33 -33.89 -25.98
CA GLY B 297 2.22 -34.03 -24.54
C GLY B 297 2.18 -32.71 -23.78
N LEU B 298 2.04 -32.83 -22.46
CA LEU B 298 1.95 -31.67 -21.62
C LEU B 298 2.66 -31.83 -20.28
N ILE B 299 3.38 -30.78 -19.89
CA ILE B 299 4.06 -30.73 -18.60
C ILE B 299 3.27 -29.73 -17.76
N LYS B 300 2.66 -30.22 -16.69
CA LYS B 300 1.88 -29.36 -15.78
C LYS B 300 2.82 -28.90 -14.67
N VAL B 301 2.91 -27.60 -14.41
CA VAL B 301 3.78 -27.18 -13.32
C VAL B 301 2.94 -26.96 -12.06
N ARG B 302 3.39 -27.57 -10.97
CA ARG B 302 2.73 -27.44 -9.69
C ARG B 302 3.49 -26.45 -8.83
N LEU B 303 4.78 -26.73 -8.59
CA LEU B 303 5.59 -25.84 -7.79
C LEU B 303 6.31 -24.89 -8.72
N TYR B 304 5.85 -23.64 -8.77
CA TYR B 304 6.46 -22.65 -9.63
C TYR B 304 7.71 -22.03 -8.97
N ARG B 305 7.64 -21.82 -7.66
CA ARG B 305 8.77 -21.27 -6.91
C ARG B 305 8.88 -22.07 -5.62
N PRO B 306 10.07 -22.64 -5.32
CA PRO B 306 11.32 -22.60 -6.07
C PRO B 306 11.17 -23.39 -7.37
N PHE B 307 11.79 -22.92 -8.44
CA PHE B 307 11.72 -23.62 -9.72
C PHE B 307 12.84 -24.67 -9.73
N VAL B 308 12.49 -25.94 -9.72
CA VAL B 308 13.48 -27.02 -9.72
C VAL B 308 13.66 -27.62 -11.12
N SER B 309 14.72 -27.19 -11.79
CA SER B 309 15.02 -27.64 -13.15
C SER B 309 15.04 -29.16 -13.28
N GLU B 310 15.65 -29.81 -12.29
CA GLU B 310 15.77 -31.25 -12.26
C GLU B 310 14.40 -31.96 -12.33
N ALA B 311 13.42 -31.44 -11.61
CA ALA B 311 12.09 -32.04 -11.62
C ALA B 311 11.42 -31.73 -12.94
N PHE B 312 11.78 -30.59 -13.52
CA PHE B 312 11.21 -30.21 -14.79
C PHE B 312 11.65 -31.22 -15.85
N PHE B 313 12.96 -31.41 -15.96
CA PHE B 313 13.51 -32.34 -16.94
C PHE B 313 13.06 -33.78 -16.74
N ALA B 314 12.74 -34.15 -15.50
CA ALA B 314 12.29 -35.51 -15.24
C ALA B 314 10.93 -35.69 -15.89
N ALA B 315 10.26 -34.60 -16.23
CA ALA B 315 8.94 -34.73 -16.83
C ALA B 315 8.97 -34.50 -18.34
N LEU B 316 10.13 -34.16 -18.87
CA LEU B 316 10.25 -33.87 -20.30
C LEU B 316 10.72 -35.06 -21.14
N PRO B 317 9.90 -35.46 -22.13
CA PRO B 317 10.24 -36.59 -23.02
C PRO B 317 11.52 -36.27 -23.78
N ALA B 318 12.43 -37.24 -23.90
CA ALA B 318 13.68 -37.00 -24.59
C ALA B 318 13.40 -36.77 -26.08
N SER B 319 12.25 -37.24 -26.53
CA SER B 319 11.84 -37.10 -27.93
C SER B 319 11.27 -35.74 -28.29
N ALA B 320 11.09 -34.88 -27.29
CA ALA B 320 10.55 -33.54 -27.53
C ALA B 320 11.44 -32.71 -28.47
N LYS B 321 10.89 -32.27 -29.60
CA LYS B 321 11.66 -31.48 -30.56
C LYS B 321 11.22 -30.02 -30.60
N VAL B 322 10.03 -29.74 -30.09
CA VAL B 322 9.51 -28.38 -30.04
C VAL B 322 8.66 -28.29 -28.77
N ILE B 323 8.90 -27.28 -27.97
CA ILE B 323 8.12 -27.11 -26.76
C ILE B 323 7.69 -25.65 -26.67
N THR B 324 6.43 -25.40 -26.32
CA THR B 324 5.99 -24.02 -26.15
C THR B 324 5.48 -23.81 -24.74
N VAL B 325 5.93 -22.71 -24.16
CA VAL B 325 5.56 -22.36 -22.79
C VAL B 325 4.43 -21.36 -22.85
N LEU B 326 3.33 -21.70 -22.20
CA LEU B 326 2.18 -20.84 -22.17
C LEU B 326 2.22 -20.00 -20.88
N ASP B 327 2.14 -18.68 -21.04
CA ASP B 327 2.12 -17.77 -19.89
C ASP B 327 0.76 -17.08 -19.87
N ARG B 328 0.14 -17.05 -18.70
CA ARG B 328 -1.15 -16.41 -18.53
C ARG B 328 -0.96 -15.01 -17.93
N THR B 329 -0.16 -14.20 -18.60
CA THR B 329 0.13 -12.84 -18.14
C THR B 329 0.78 -12.05 -19.27
N LYS B 330 1.09 -10.79 -18.99
CA LYS B 330 1.74 -9.91 -19.96
C LYS B 330 2.70 -8.95 -19.23
N GLU B 331 4.00 -9.10 -19.47
CA GLU B 331 4.96 -8.17 -18.85
C GLU B 331 5.49 -7.27 -19.99
N PRO B 332 4.84 -6.12 -20.22
CA PRO B 332 5.22 -5.17 -21.27
C PRO B 332 6.71 -4.86 -21.38
N GLY B 333 7.30 -5.13 -22.55
CA GLY B 333 8.72 -4.86 -22.74
C GLY B 333 9.68 -5.97 -22.34
N ALA B 334 9.20 -6.96 -21.58
CA ALA B 334 10.06 -8.06 -21.17
C ALA B 334 10.44 -8.89 -22.41
N PRO B 335 11.60 -9.55 -22.41
CA PRO B 335 11.97 -10.35 -23.58
C PRO B 335 11.11 -11.61 -23.60
N GLY B 336 10.34 -11.81 -22.54
CA GLY B 336 9.46 -12.96 -22.46
C GLY B 336 8.74 -12.95 -21.13
N ASP B 337 7.67 -13.73 -20.99
CA ASP B 337 6.94 -13.78 -19.75
C ASP B 337 7.62 -14.72 -18.77
N PRO B 338 7.25 -14.68 -17.48
CA PRO B 338 7.84 -15.51 -16.42
C PRO B 338 8.14 -17.00 -16.61
N LEU B 339 7.12 -17.80 -16.85
CA LEU B 339 7.35 -19.23 -17.00
C LEU B 339 8.31 -19.51 -18.18
N TYR B 340 8.11 -18.81 -19.28
CA TYR B 340 8.96 -18.97 -20.46
C TYR B 340 10.41 -18.72 -20.08
N LEU B 341 10.66 -17.58 -19.44
CA LEU B 341 12.02 -17.25 -19.05
C LEU B 341 12.61 -18.33 -18.14
N ASP B 342 11.82 -18.85 -17.20
CA ASP B 342 12.33 -19.89 -16.31
C ASP B 342 12.73 -21.15 -17.06
N VAL B 343 11.96 -21.50 -18.09
CA VAL B 343 12.20 -22.69 -18.89
C VAL B 343 13.43 -22.50 -19.76
N CYS B 344 13.56 -21.32 -20.37
CA CYS B 344 14.74 -21.10 -21.20
C CYS B 344 15.98 -21.27 -20.36
N SER B 345 15.95 -20.77 -19.13
CA SER B 345 17.12 -20.87 -18.26
C SER B 345 17.47 -22.32 -17.97
N ALA B 346 16.47 -23.19 -17.87
CA ALA B 346 16.73 -24.59 -17.59
C ALA B 346 17.50 -25.23 -18.74
N PHE B 347 17.13 -24.90 -19.97
CA PHE B 347 17.83 -25.48 -21.10
C PHE B 347 19.27 -24.97 -21.25
N VAL B 348 19.51 -23.67 -21.04
CA VAL B 348 20.87 -23.16 -21.16
C VAL B 348 21.80 -23.74 -20.12
N GLU B 349 21.33 -23.89 -18.89
CA GLU B 349 22.18 -24.45 -17.84
C GLU B 349 22.48 -25.91 -18.13
N ARG B 350 21.47 -26.64 -18.56
CA ARG B 350 21.65 -28.05 -18.90
C ARG B 350 22.79 -28.15 -19.94
N GLY B 351 22.81 -27.21 -20.87
CA GLY B 351 23.84 -27.17 -21.90
C GLY B 351 23.96 -28.42 -22.76
N GLU B 352 22.82 -28.94 -23.21
CA GLU B 352 22.80 -30.13 -24.03
C GLU B 352 21.88 -29.88 -25.23
N ALA B 353 20.96 -30.80 -25.45
CA ALA B 353 20.02 -30.69 -26.55
C ALA B 353 19.21 -29.42 -26.35
N MET B 354 19.00 -28.67 -27.43
CA MET B 354 18.20 -27.45 -27.39
C MET B 354 17.04 -27.64 -28.35
N PRO B 355 15.92 -28.18 -27.84
CA PRO B 355 14.68 -28.46 -28.57
C PRO B 355 13.91 -27.39 -29.31
N LYS B 356 14.14 -26.11 -29.05
CA LYS B 356 13.37 -25.06 -29.75
C LYS B 356 12.15 -24.68 -28.93
N ILE B 357 12.25 -23.53 -28.27
CA ILE B 357 11.23 -23.01 -27.38
C ILE B 357 10.37 -21.90 -27.98
N LEU B 358 9.06 -22.02 -27.83
CA LEU B 358 8.12 -21.01 -28.31
C LEU B 358 7.36 -20.45 -27.11
N ALA B 359 7.16 -19.13 -27.08
CA ALA B 359 6.43 -18.47 -26.00
C ALA B 359 5.04 -18.10 -26.47
N GLY B 360 4.02 -18.41 -25.68
CA GLY B 360 2.65 -18.09 -26.07
C GLY B 360 1.85 -17.49 -24.92
N ARG B 361 1.01 -16.51 -25.21
CA ARG B 361 0.19 -15.87 -24.19
C ARG B 361 -1.30 -16.21 -24.38
N TYR B 362 -1.98 -16.50 -23.29
CA TYR B 362 -3.40 -16.83 -23.34
C TYR B 362 -4.12 -16.41 -22.07
N GLY B 363 -5.43 -16.65 -22.08
CA GLY B 363 -6.30 -16.43 -20.93
C GLY B 363 -6.42 -15.19 -20.06
N LEU B 364 -5.84 -14.06 -20.46
CA LEU B 364 -5.94 -12.84 -19.68
C LEU B 364 -7.40 -12.48 -19.32
N GLY B 365 -7.66 -12.18 -18.07
CA GLY B 365 -9.01 -11.82 -17.65
C GLY B 365 -10.06 -12.86 -18.01
N SER B 366 -9.77 -14.13 -17.72
CA SER B 366 -10.66 -15.23 -18.01
C SER B 366 -11.00 -15.41 -19.48
N LYS B 367 -10.17 -14.87 -20.36
CA LYS B 367 -10.41 -15.05 -21.80
C LYS B 367 -10.50 -16.56 -22.03
N GLU B 368 -11.49 -17.00 -22.81
CA GLU B 368 -11.66 -18.42 -23.10
C GLU B 368 -10.36 -19.04 -23.61
N PHE B 369 -10.11 -20.29 -23.19
CA PHE B 369 -8.97 -21.06 -23.67
C PHE B 369 -9.56 -22.46 -23.96
N SER B 370 -10.16 -22.56 -25.13
CA SER B 370 -10.86 -23.76 -25.60
C SER B 370 -9.99 -24.78 -26.32
N PRO B 371 -10.55 -25.98 -26.54
CA PRO B 371 -9.87 -27.09 -27.23
C PRO B 371 -9.33 -26.62 -28.58
N ALA B 372 -10.12 -25.79 -29.26
CA ALA B 372 -9.73 -25.26 -30.55
C ALA B 372 -8.45 -24.43 -30.46
N MET B 373 -8.30 -23.69 -29.37
CA MET B 373 -7.13 -22.85 -29.17
C MET B 373 -5.92 -23.75 -28.86
N VAL B 374 -6.15 -24.81 -28.11
CA VAL B 374 -5.09 -25.76 -27.78
C VAL B 374 -4.62 -26.39 -29.08
N LYS B 375 -5.58 -26.73 -29.93
CA LYS B 375 -5.27 -27.35 -31.21
C LYS B 375 -4.37 -26.40 -31.99
N SER B 376 -4.74 -25.13 -32.00
CA SER B 376 -3.98 -24.10 -32.69
C SER B 376 -2.54 -24.03 -32.13
N VAL B 377 -2.38 -24.18 -30.82
CA VAL B 377 -1.06 -24.14 -30.21
C VAL B 377 -0.24 -25.35 -30.69
N TYR B 378 -0.86 -26.51 -30.82
CA TYR B 378 -0.15 -27.68 -31.29
C TYR B 378 0.15 -27.62 -32.80
N ASP B 379 -0.81 -27.16 -33.59
CA ASP B 379 -0.57 -27.08 -35.04
C ASP B 379 0.59 -26.10 -35.30
N ASN B 380 0.69 -25.07 -34.48
CA ASN B 380 1.74 -24.07 -34.64
C ASN B 380 3.11 -24.68 -34.44
N MET B 381 3.20 -25.69 -33.58
CA MET B 381 4.48 -26.33 -33.34
C MET B 381 4.97 -27.15 -34.52
N SER B 382 4.05 -27.64 -35.34
CA SER B 382 4.48 -28.41 -36.50
C SER B 382 4.22 -27.61 -37.77
N GLY B 383 3.84 -26.35 -37.60
CA GLY B 383 3.58 -25.50 -38.75
C GLY B 383 4.52 -24.31 -38.82
N ALA B 384 3.97 -23.10 -38.72
CA ALA B 384 4.75 -21.88 -38.80
C ALA B 384 5.73 -21.66 -37.64
N LYS B 385 5.44 -22.26 -36.49
CA LYS B 385 6.30 -22.08 -35.33
C LYS B 385 6.41 -20.59 -34.97
N LYS B 386 5.26 -19.92 -34.95
CA LYS B 386 5.23 -18.52 -34.61
C LYS B 386 5.66 -18.42 -33.16
N ASN B 387 6.45 -17.40 -32.84
CA ASN B 387 6.91 -17.22 -31.48
C ASN B 387 6.33 -15.94 -30.83
N HIS B 388 6.29 -15.91 -29.51
CA HIS B 388 5.75 -14.78 -28.76
C HIS B 388 4.37 -14.41 -29.28
N PHE B 389 3.49 -15.39 -29.36
CA PHE B 389 2.14 -15.19 -29.86
C PHE B 389 1.10 -15.06 -28.74
N THR B 390 -0.12 -14.77 -29.17
CA THR B 390 -1.29 -14.66 -28.33
C THR B 390 -2.29 -15.59 -29.02
N VAL B 391 -3.18 -16.23 -28.25
CA VAL B 391 -4.23 -17.11 -28.80
C VAL B 391 -5.50 -16.75 -28.04
N GLY B 392 -6.62 -16.62 -28.74
CA GLY B 392 -7.86 -16.25 -28.07
C GLY B 392 -8.34 -14.88 -28.52
N ILE B 393 -7.50 -14.15 -29.24
CA ILE B 393 -7.88 -12.85 -29.77
C ILE B 393 -7.40 -12.66 -31.19
N GLU B 394 -7.93 -11.65 -31.86
CA GLU B 394 -7.49 -11.35 -33.21
C GLU B 394 -6.59 -10.13 -33.09
N ASP B 395 -5.28 -10.32 -33.09
CA ASP B 395 -4.37 -9.20 -33.00
C ASP B 395 -4.13 -8.64 -34.40
N ASP B 396 -4.97 -7.70 -34.82
CA ASP B 396 -4.81 -7.12 -36.13
C ASP B 396 -3.98 -5.83 -36.11
N VAL B 397 -3.36 -5.50 -34.99
CA VAL B 397 -2.54 -4.29 -34.97
C VAL B 397 -1.08 -4.71 -35.03
N THR B 398 -0.72 -5.76 -34.29
CA THR B 398 0.65 -6.23 -34.33
C THR B 398 0.78 -7.67 -34.78
N GLY B 399 -0.29 -8.22 -35.34
CA GLY B 399 -0.25 -9.58 -35.85
C GLY B 399 0.43 -10.65 -35.02
N THR B 400 0.24 -10.65 -33.71
CA THR B 400 0.88 -11.67 -32.87
C THR B 400 -0.02 -12.88 -32.62
N SER B 401 -1.29 -12.81 -33.02
CA SER B 401 -2.18 -13.93 -32.74
C SER B 401 -2.21 -15.10 -33.73
N LEU B 402 -2.59 -16.25 -33.19
CA LEU B 402 -2.70 -17.51 -33.89
C LEU B 402 -4.09 -17.70 -34.52
N PRO B 403 -4.15 -18.23 -35.75
CA PRO B 403 -5.49 -18.41 -36.31
C PRO B 403 -6.10 -19.57 -35.52
N VAL B 404 -7.40 -19.53 -35.29
CA VAL B 404 -8.08 -20.59 -34.56
C VAL B 404 -9.28 -21.08 -35.36
N ASP B 405 -9.30 -22.36 -35.65
CA ASP B 405 -10.35 -23.00 -36.41
C ASP B 405 -11.41 -23.61 -35.48
N ASN B 406 -12.50 -22.88 -35.30
CA ASN B 406 -13.58 -23.32 -34.43
C ASN B 406 -14.40 -24.50 -34.95
N ALA B 407 -13.97 -25.11 -36.05
CA ALA B 407 -14.70 -26.25 -36.57
C ALA B 407 -14.17 -27.51 -35.89
N PHE B 408 -13.10 -27.34 -35.11
CA PHE B 408 -12.47 -28.45 -34.38
C PHE B 408 -13.53 -29.23 -33.59
N ALA B 409 -13.45 -30.55 -33.67
CA ALA B 409 -14.39 -31.43 -32.99
C ALA B 409 -14.44 -31.30 -31.47
N ASP B 410 -15.57 -31.70 -30.89
CA ASP B 410 -15.78 -31.69 -29.46
C ASP B 410 -14.83 -32.72 -28.88
N THR B 411 -14.19 -32.40 -27.75
CA THR B 411 -13.23 -33.31 -27.15
C THR B 411 -13.62 -33.82 -25.76
N THR B 412 -14.85 -33.59 -25.33
CA THR B 412 -15.25 -34.10 -24.02
C THR B 412 -15.26 -35.63 -24.09
N PRO B 413 -15.02 -36.32 -22.96
CA PRO B 413 -15.02 -37.78 -22.95
C PRO B 413 -16.35 -38.35 -23.43
N LYS B 414 -16.32 -39.55 -24.00
CA LYS B 414 -17.53 -40.21 -24.47
C LYS B 414 -18.54 -40.30 -23.32
N GLY B 415 -19.81 -40.06 -23.65
CA GLY B 415 -20.85 -40.15 -22.64
C GLY B 415 -21.13 -38.86 -21.87
N THR B 416 -20.38 -37.81 -22.15
CA THR B 416 -20.57 -36.55 -21.46
C THR B 416 -21.76 -35.75 -21.99
N ILE B 417 -22.64 -35.34 -21.08
CA ILE B 417 -23.81 -34.56 -21.44
C ILE B 417 -23.56 -33.08 -21.07
N GLN B 418 -23.73 -32.20 -22.06
CA GLN B 418 -23.48 -30.78 -21.87
C GLN B 418 -24.75 -29.95 -21.97
N CYS B 419 -24.93 -29.04 -21.01
CA CYS B 419 -26.13 -28.21 -20.95
C CYS B 419 -25.86 -26.71 -20.76
N GLN B 420 -26.68 -25.89 -21.42
CA GLN B 420 -26.57 -24.44 -21.33
C GLN B 420 -27.95 -23.91 -20.95
N PHE B 421 -27.99 -22.91 -20.07
CA PHE B 421 -29.25 -22.30 -19.62
C PHE B 421 -29.15 -20.78 -19.69
N TRP B 422 -30.08 -20.14 -20.38
CA TRP B 422 -30.09 -18.68 -20.47
C TRP B 422 -31.14 -18.20 -19.48
N GLY B 423 -30.72 -17.50 -18.44
CA GLY B 423 -31.68 -17.03 -17.46
C GLY B 423 -31.76 -15.54 -17.24
N LEU B 424 -32.79 -15.14 -16.50
CA LEU B 424 -32.99 -13.75 -16.18
C LEU B 424 -32.62 -13.60 -14.72
N GLY B 425 -31.99 -12.49 -14.40
CA GLY B 425 -31.56 -12.24 -13.03
C GLY B 425 -32.68 -12.46 -12.02
N ALA B 426 -32.40 -13.31 -11.05
CA ALA B 426 -33.37 -13.60 -10.01
C ALA B 426 -34.60 -14.42 -10.41
N ASP B 427 -34.51 -15.17 -11.51
CA ASP B 427 -35.63 -16.03 -11.88
C ASP B 427 -35.33 -17.39 -11.28
N GLY B 428 -34.22 -17.47 -10.54
CA GLY B 428 -33.85 -18.71 -9.87
C GLY B 428 -33.18 -19.78 -10.70
N THR B 429 -32.72 -19.45 -11.91
CA THR B 429 -32.07 -20.44 -12.73
C THR B 429 -30.80 -21.01 -12.12
N VAL B 430 -29.87 -20.14 -11.76
CA VAL B 430 -28.61 -20.60 -11.18
C VAL B 430 -28.89 -21.44 -9.93
N GLY B 431 -29.84 -21.01 -9.11
CA GLY B 431 -30.17 -21.75 -7.91
C GLY B 431 -30.61 -23.17 -8.25
N ALA B 432 -31.47 -23.30 -9.26
CA ALA B 432 -31.96 -24.60 -9.67
C ALA B 432 -30.83 -25.46 -10.26
N ASN B 433 -29.93 -24.81 -11.00
CA ASN B 433 -28.81 -25.51 -11.61
C ASN B 433 -27.89 -26.09 -10.54
N LYS B 434 -27.63 -25.31 -9.50
CA LYS B 434 -26.77 -25.76 -8.42
C LYS B 434 -27.41 -26.91 -7.65
N GLN B 435 -28.73 -26.90 -7.54
CA GLN B 435 -29.44 -27.97 -6.85
C GLN B 435 -29.40 -29.23 -7.72
N ALA B 436 -29.49 -29.05 -9.02
CA ALA B 436 -29.46 -30.17 -9.93
C ALA B 436 -28.09 -30.84 -9.85
N ILE B 437 -27.05 -30.02 -9.67
CA ILE B 437 -25.68 -30.52 -9.57
C ILE B 437 -25.57 -31.42 -8.34
N LYS B 438 -26.13 -30.95 -7.23
CA LYS B 438 -26.12 -31.69 -5.96
C LYS B 438 -26.94 -32.97 -6.07
N ILE B 439 -28.19 -32.82 -6.52
CA ILE B 439 -29.07 -33.96 -6.69
C ILE B 439 -28.39 -35.07 -7.51
N ILE B 440 -27.90 -34.73 -8.70
CA ILE B 440 -27.27 -35.71 -9.60
C ILE B 440 -25.99 -36.34 -9.01
N GLY B 441 -25.15 -35.51 -8.41
CA GLY B 441 -23.91 -35.99 -7.86
C GLY B 441 -24.03 -36.86 -6.61
N ASP B 442 -25.01 -36.55 -5.77
CA ASP B 442 -25.23 -37.30 -4.53
C ASP B 442 -25.96 -38.60 -4.75
N ASN B 443 -26.57 -38.79 -5.92
CA ASN B 443 -27.36 -39.98 -6.15
C ASN B 443 -26.97 -40.86 -7.33
N THR B 444 -25.84 -40.54 -7.97
CA THR B 444 -25.35 -41.33 -9.09
C THR B 444 -23.84 -41.39 -8.93
N ASP B 445 -23.17 -42.11 -9.82
CA ASP B 445 -21.73 -42.20 -9.77
C ASP B 445 -21.15 -41.30 -10.85
N LEU B 446 -21.97 -40.37 -11.33
CA LEU B 446 -21.57 -39.45 -12.38
C LEU B 446 -20.75 -38.29 -11.87
N PHE B 447 -19.89 -37.76 -12.74
CA PHE B 447 -19.09 -36.59 -12.41
C PHE B 447 -19.95 -35.40 -12.80
N ALA B 448 -19.81 -34.28 -12.10
CA ALA B 448 -20.66 -33.13 -12.36
C ALA B 448 -19.89 -31.84 -12.33
N GLN B 449 -20.18 -30.96 -13.28
CA GLN B 449 -19.50 -29.67 -13.33
C GLN B 449 -20.43 -28.50 -13.58
N GLY B 450 -20.15 -27.37 -12.93
CA GLY B 450 -20.95 -26.19 -13.10
C GLY B 450 -20.13 -24.92 -13.16
N TYR B 451 -20.50 -24.03 -14.09
CA TYR B 451 -19.82 -22.76 -14.27
C TYR B 451 -20.91 -21.79 -14.69
N PHE B 452 -20.94 -20.62 -14.06
CA PHE B 452 -21.96 -19.62 -14.34
C PHE B 452 -21.39 -18.30 -14.79
N SER B 453 -22.00 -17.75 -15.84
CA SER B 453 -21.58 -16.47 -16.41
C SER B 453 -22.67 -15.46 -16.08
N TYR B 454 -22.30 -14.31 -15.54
CA TYR B 454 -23.30 -13.31 -15.18
C TYR B 454 -23.30 -12.06 -16.04
N ASP B 455 -23.68 -10.93 -15.45
CA ASP B 455 -23.79 -9.69 -16.18
C ASP B 455 -23.22 -8.50 -15.42
N SER B 456 -22.91 -7.44 -16.15
CA SER B 456 -22.43 -6.22 -15.53
C SER B 456 -23.64 -5.42 -15.06
N LYS B 457 -24.78 -5.69 -15.69
CA LYS B 457 -26.04 -5.04 -15.31
C LYS B 457 -26.42 -5.66 -13.97
N LYS B 458 -26.73 -4.84 -12.98
CA LYS B 458 -27.07 -5.35 -11.66
C LYS B 458 -28.52 -5.79 -11.54
N SER B 459 -29.36 -5.27 -12.41
CA SER B 459 -30.79 -5.61 -12.38
C SER B 459 -31.27 -6.06 -13.75
N GLY B 460 -32.09 -7.12 -13.77
CA GLY B 460 -32.58 -7.63 -15.05
C GLY B 460 -31.42 -8.16 -15.88
N GLY B 461 -30.37 -8.58 -15.19
CA GLY B 461 -29.20 -9.09 -15.88
C GLY B 461 -29.38 -10.46 -16.50
N ILE B 462 -28.55 -10.72 -17.48
CA ILE B 462 -28.56 -11.99 -18.18
C ILE B 462 -27.69 -12.97 -17.41
N THR B 463 -28.08 -14.24 -17.45
CA THR B 463 -27.34 -15.27 -16.75
C THR B 463 -27.24 -16.47 -17.69
N ILE B 464 -26.06 -17.02 -17.83
CA ILE B 464 -25.89 -18.17 -18.70
C ILE B 464 -25.12 -19.26 -17.97
N SER B 465 -25.77 -20.41 -17.80
CA SER B 465 -25.20 -21.54 -17.08
C SER B 465 -24.63 -22.64 -17.97
N HIS B 466 -23.51 -23.22 -17.54
CA HIS B 466 -22.89 -24.31 -18.28
C HIS B 466 -22.72 -25.52 -17.38
N LEU B 467 -23.46 -26.59 -17.63
CA LEU B 467 -23.34 -27.77 -16.80
C LEU B 467 -22.93 -29.00 -17.59
N ARG B 468 -22.15 -29.86 -16.97
CA ARG B 468 -21.72 -31.09 -17.62
C ARG B 468 -21.88 -32.23 -16.63
N PHE B 469 -22.22 -33.40 -17.16
CA PHE B 469 -22.36 -34.61 -16.36
C PHE B 469 -21.76 -35.75 -17.17
N GLY B 470 -20.99 -36.62 -16.52
CA GLY B 470 -20.41 -37.72 -17.25
C GLY B 470 -19.92 -38.86 -16.37
N GLU B 471 -19.58 -39.96 -17.03
CA GLU B 471 -19.08 -41.14 -16.36
C GLU B 471 -17.58 -40.97 -16.07
N LYS B 472 -16.93 -40.17 -16.90
CA LYS B 472 -15.49 -39.92 -16.77
C LYS B 472 -15.24 -38.54 -16.14
N PRO B 473 -14.05 -38.33 -15.55
CA PRO B 473 -13.72 -37.04 -14.93
C PRO B 473 -13.85 -35.90 -15.94
N ILE B 474 -14.41 -34.78 -15.50
CA ILE B 474 -14.58 -33.64 -16.39
C ILE B 474 -13.40 -32.67 -16.23
N GLN B 475 -12.63 -32.53 -17.31
CA GLN B 475 -11.47 -31.65 -17.31
C GLN B 475 -11.72 -30.48 -18.26
N SER B 476 -12.99 -30.26 -18.60
CA SER B 476 -13.34 -29.20 -19.53
C SER B 476 -13.42 -27.82 -18.88
N THR B 477 -12.27 -27.22 -18.63
CA THR B 477 -12.23 -25.90 -18.00
C THR B 477 -12.41 -24.84 -19.06
N TYR B 478 -13.57 -24.87 -19.68
CA TYR B 478 -13.92 -23.90 -20.71
C TYR B 478 -15.44 -24.00 -20.84
N LEU B 479 -16.06 -22.99 -21.43
CA LEU B 479 -17.52 -22.97 -21.57
C LEU B 479 -18.02 -24.08 -22.49
N VAL B 480 -19.29 -24.45 -22.33
CA VAL B 480 -19.88 -25.45 -23.20
C VAL B 480 -20.03 -24.76 -24.56
N ASN B 481 -19.60 -25.41 -25.64
CA ASN B 481 -19.78 -24.80 -26.97
C ASN B 481 -20.54 -25.67 -27.98
N ARG B 482 -20.83 -26.91 -27.59
CA ARG B 482 -21.61 -27.83 -28.43
C ARG B 482 -22.49 -28.60 -27.45
N ALA B 483 -23.63 -28.02 -27.11
CA ALA B 483 -24.55 -28.60 -26.14
C ALA B 483 -25.55 -29.64 -26.63
N ASP B 484 -25.91 -30.57 -25.73
CA ASP B 484 -26.90 -31.60 -26.04
C ASP B 484 -28.27 -31.05 -25.61
N TYR B 485 -28.25 -30.09 -24.69
CA TYR B 485 -29.45 -29.47 -24.14
C TYR B 485 -29.26 -27.97 -23.93
N VAL B 486 -30.13 -27.17 -24.53
CA VAL B 486 -30.10 -25.72 -24.37
C VAL B 486 -31.48 -25.30 -23.89
N ALA B 487 -31.53 -24.46 -22.87
CA ALA B 487 -32.81 -23.97 -22.34
C ALA B 487 -32.76 -22.46 -22.27
N CYS B 488 -33.83 -21.82 -22.75
CA CYS B 488 -33.94 -20.38 -22.75
C CYS B 488 -35.08 -20.05 -21.81
N HIS B 489 -34.73 -19.54 -20.64
CA HIS B 489 -35.71 -19.24 -19.60
C HIS B 489 -36.43 -17.91 -19.69
N ASN B 490 -36.01 -17.07 -20.63
CA ASN B 490 -36.60 -15.76 -20.83
C ASN B 490 -36.97 -15.62 -22.31
N PRO B 491 -38.26 -15.53 -22.61
CA PRO B 491 -38.66 -15.40 -24.02
C PRO B 491 -38.05 -14.21 -24.76
N ALA B 492 -37.73 -13.14 -24.04
CA ALA B 492 -37.15 -11.96 -24.67
C ALA B 492 -35.76 -12.17 -25.29
N TYR B 493 -35.04 -13.20 -24.85
CA TYR B 493 -33.71 -13.48 -25.38
C TYR B 493 -33.71 -14.01 -26.81
N VAL B 494 -34.84 -14.56 -27.22
CA VAL B 494 -35.01 -15.15 -28.53
C VAL B 494 -34.69 -14.18 -29.68
N GLY B 495 -35.07 -12.92 -29.52
CA GLY B 495 -34.79 -11.98 -30.60
C GLY B 495 -33.46 -11.25 -30.55
N ILE B 496 -32.68 -11.43 -29.50
CA ILE B 496 -31.42 -10.69 -29.42
C ILE B 496 -30.10 -11.43 -29.29
N TYR B 497 -30.09 -12.63 -28.73
CA TYR B 497 -28.86 -13.41 -28.56
C TYR B 497 -28.81 -14.70 -29.39
N ASP B 498 -27.61 -15.12 -29.81
CA ASP B 498 -27.44 -16.36 -30.58
C ASP B 498 -27.54 -17.54 -29.61
N ILE B 499 -28.76 -17.76 -29.13
CA ILE B 499 -29.06 -18.80 -28.16
C ILE B 499 -28.81 -20.25 -28.53
N LEU B 500 -28.76 -20.55 -29.82
CA LEU B 500 -28.57 -21.93 -30.26
C LEU B 500 -27.17 -22.23 -30.81
N GLU B 501 -26.25 -21.27 -30.74
CA GLU B 501 -24.90 -21.47 -31.25
C GLU B 501 -24.25 -22.79 -30.80
N GLY B 502 -23.74 -23.54 -31.76
CA GLY B 502 -23.09 -24.80 -31.47
C GLY B 502 -23.93 -26.00 -31.02
N ILE B 503 -25.24 -25.83 -30.84
CA ILE B 503 -26.06 -26.95 -30.40
C ILE B 503 -25.88 -28.15 -31.32
N LYS B 504 -25.79 -29.34 -30.75
CA LYS B 504 -25.59 -30.54 -31.54
C LYS B 504 -26.80 -30.90 -32.39
N ASP B 505 -26.57 -31.59 -33.50
CA ASP B 505 -27.68 -32.04 -34.35
C ASP B 505 -28.48 -32.97 -33.47
N GLY B 506 -29.80 -32.84 -33.50
CA GLY B 506 -30.64 -33.71 -32.69
C GLY B 506 -30.67 -33.36 -31.22
N GLY B 507 -30.00 -32.28 -30.83
CA GLY B 507 -29.99 -31.88 -29.43
C GLY B 507 -31.37 -31.36 -29.05
N THR B 508 -31.63 -31.11 -27.77
CA THR B 508 -32.95 -30.60 -27.45
C THR B 508 -32.91 -29.15 -26.99
N PHE B 509 -33.93 -28.41 -27.38
CA PHE B 509 -34.04 -27.00 -27.07
C PHE B 509 -35.38 -26.74 -26.43
N VAL B 510 -35.35 -26.23 -25.21
CA VAL B 510 -36.59 -25.92 -24.52
C VAL B 510 -36.65 -24.42 -24.30
N LEU B 511 -37.83 -23.88 -24.58
CA LEU B 511 -38.07 -22.46 -24.46
C LEU B 511 -39.25 -22.20 -23.55
N ASN B 512 -39.11 -21.19 -22.72
CA ASN B 512 -40.18 -20.77 -21.83
C ASN B 512 -40.83 -19.59 -22.51
N SER B 513 -42.07 -19.75 -22.94
CA SER B 513 -42.80 -18.66 -23.60
C SER B 513 -44.28 -18.96 -23.65
N PRO B 514 -45.09 -17.95 -23.97
CA PRO B 514 -46.55 -18.13 -24.05
C PRO B 514 -47.02 -18.45 -25.48
N TRP B 515 -46.07 -18.55 -26.40
CA TRP B 515 -46.36 -18.83 -27.81
C TRP B 515 -46.62 -20.31 -28.06
N SER B 516 -47.76 -20.79 -27.57
CA SER B 516 -48.11 -22.20 -27.69
C SER B 516 -48.52 -22.72 -29.06
N SER B 517 -49.30 -21.94 -29.82
CA SER B 517 -49.74 -22.38 -31.15
C SER B 517 -48.67 -22.13 -32.20
N LEU B 518 -48.63 -22.96 -33.22
CA LEU B 518 -47.64 -22.80 -34.28
C LEU B 518 -47.78 -21.39 -34.83
N GLU B 519 -48.99 -20.86 -34.75
CA GLU B 519 -49.30 -19.52 -35.23
C GLU B 519 -48.49 -18.47 -34.49
N ASP B 520 -48.64 -18.44 -33.17
CA ASP B 520 -47.91 -17.49 -32.33
C ASP B 520 -46.42 -17.72 -32.40
N MET B 521 -46.01 -18.99 -32.39
CA MET B 521 -44.59 -19.32 -32.49
C MET B 521 -44.03 -18.76 -33.79
N ASP B 522 -44.81 -18.84 -34.87
CA ASP B 522 -44.36 -18.32 -36.17
C ASP B 522 -44.17 -16.82 -36.14
N LYS B 523 -45.00 -16.14 -35.38
CA LYS B 523 -44.94 -14.68 -35.28
C LYS B 523 -43.81 -14.13 -34.41
N HIS B 524 -43.41 -14.87 -33.38
CA HIS B 524 -42.37 -14.37 -32.48
C HIS B 524 -40.97 -14.96 -32.58
N LEU B 525 -40.82 -16.07 -33.29
CA LEU B 525 -39.52 -16.71 -33.41
C LEU B 525 -38.79 -16.24 -34.66
N PRO B 526 -37.52 -15.80 -34.52
CA PRO B 526 -36.71 -15.32 -35.63
C PRO B 526 -36.41 -16.40 -36.67
N SER B 527 -36.31 -15.99 -37.92
CA SER B 527 -36.02 -16.92 -39.01
C SER B 527 -34.78 -17.76 -38.70
N GLY B 528 -33.79 -17.13 -38.08
CA GLY B 528 -32.55 -17.83 -37.75
C GLY B 528 -32.78 -19.03 -36.85
N ILE B 529 -33.48 -18.80 -35.74
CA ILE B 529 -33.77 -19.90 -34.82
C ILE B 529 -34.57 -20.98 -35.54
N LYS B 530 -35.62 -20.59 -36.26
CA LYS B 530 -36.46 -21.55 -36.99
C LYS B 530 -35.61 -22.48 -37.86
N ARG B 531 -34.79 -21.88 -38.70
CA ARG B 531 -33.93 -22.64 -39.59
C ARG B 531 -32.99 -23.58 -38.86
N THR B 532 -32.50 -23.14 -37.71
CA THR B 532 -31.59 -23.94 -36.90
C THR B 532 -32.34 -25.14 -36.31
N ILE B 533 -33.50 -24.89 -35.75
CA ILE B 533 -34.30 -25.96 -35.18
C ILE B 533 -34.61 -27.02 -36.26
N ALA B 534 -35.05 -26.57 -37.42
CA ALA B 534 -35.40 -27.48 -38.51
C ALA B 534 -34.18 -28.14 -39.15
N ASN B 535 -33.20 -27.33 -39.53
CA ASN B 535 -32.01 -27.86 -40.18
C ASN B 535 -31.19 -28.82 -39.33
N LYS B 536 -31.31 -28.71 -38.01
CA LYS B 536 -30.54 -29.60 -37.14
C LYS B 536 -31.40 -30.70 -36.53
N LYS B 537 -32.65 -30.78 -36.97
CA LYS B 537 -33.53 -31.83 -36.47
C LYS B 537 -33.58 -31.85 -34.94
N LEU B 538 -33.64 -30.67 -34.33
CA LEU B 538 -33.67 -30.58 -32.88
C LEU B 538 -35.01 -30.98 -32.30
N LYS B 539 -34.99 -31.43 -31.06
CA LYS B 539 -36.20 -31.77 -30.36
C LYS B 539 -36.55 -30.46 -29.66
N PHE B 540 -37.56 -29.78 -30.20
CA PHE B 540 -37.99 -28.48 -29.70
C PHE B 540 -39.21 -28.58 -28.79
N TYR B 541 -39.16 -27.89 -27.65
CA TYR B 541 -40.25 -27.86 -26.67
C TYR B 541 -40.59 -26.45 -26.23
N ASN B 542 -41.87 -26.10 -26.21
CA ASN B 542 -42.23 -24.80 -25.68
C ASN B 542 -43.05 -25.05 -24.42
N ILE B 543 -42.79 -24.29 -23.38
CA ILE B 543 -43.50 -24.46 -22.14
C ILE B 543 -43.86 -23.06 -21.62
N ASP B 544 -45.13 -22.84 -21.31
CA ASP B 544 -45.59 -21.55 -20.77
C ASP B 544 -45.42 -21.65 -19.26
N ALA B 545 -44.17 -21.51 -18.81
CA ALA B 545 -43.84 -21.63 -17.39
C ALA B 545 -44.60 -20.68 -16.49
N VAL B 546 -44.76 -19.44 -16.93
CA VAL B 546 -45.47 -18.46 -16.11
C VAL B 546 -46.90 -18.92 -15.85
N LYS B 547 -47.58 -19.36 -16.89
CA LYS B 547 -48.97 -19.83 -16.74
C LYS B 547 -49.07 -21.03 -15.81
N ILE B 548 -48.24 -22.05 -16.05
CA ILE B 548 -48.30 -23.25 -15.21
C ILE B 548 -48.04 -22.89 -13.74
N ALA B 549 -47.05 -22.03 -13.50
CA ALA B 549 -46.73 -21.64 -12.14
C ALA B 549 -47.92 -20.91 -11.48
N THR B 550 -48.53 -20.00 -12.22
CA THR B 550 -49.67 -19.25 -11.72
C THR B 550 -50.82 -20.20 -11.36
N ASP B 551 -51.11 -21.13 -12.27
CA ASP B 551 -52.17 -22.09 -12.04
C ASP B 551 -51.99 -23.00 -10.82
N VAL B 552 -50.77 -23.42 -10.53
CA VAL B 552 -50.55 -24.29 -9.38
C VAL B 552 -50.35 -23.52 -8.08
N GLY B 553 -50.39 -22.19 -8.17
CA GLY B 553 -50.26 -21.36 -6.98
C GLY B 553 -48.90 -20.78 -6.66
N LEU B 554 -47.93 -20.96 -7.55
CA LEU B 554 -46.58 -20.45 -7.33
C LEU B 554 -46.42 -19.01 -7.80
N GLY B 555 -47.54 -18.41 -8.16
CA GLY B 555 -47.55 -17.03 -8.59
C GLY B 555 -46.55 -16.57 -9.65
N GLY B 556 -46.45 -17.29 -10.75
CA GLY B 556 -45.55 -16.88 -11.81
C GLY B 556 -44.10 -17.32 -11.76
N ARG B 557 -43.62 -17.80 -10.61
CA ARG B 557 -42.23 -18.25 -10.53
C ARG B 557 -42.04 -19.46 -11.43
N ILE B 558 -41.09 -19.37 -12.35
CA ILE B 558 -40.85 -20.46 -13.29
C ILE B 558 -39.76 -21.46 -12.92
N ASN B 559 -39.00 -21.15 -11.88
CA ASN B 559 -37.87 -22.00 -11.53
C ASN B 559 -38.15 -23.49 -11.42
N MET B 560 -39.17 -23.88 -10.66
CA MET B 560 -39.46 -25.30 -10.50
C MET B 560 -39.91 -25.91 -11.83
N ILE B 561 -40.61 -25.12 -12.64
CA ILE B 561 -41.08 -25.59 -13.94
C ILE B 561 -39.89 -25.90 -14.84
N MET B 562 -38.94 -24.99 -14.95
CA MET B 562 -37.79 -25.21 -15.81
C MET B 562 -36.84 -26.28 -15.25
N GLN B 563 -36.85 -26.46 -13.93
CA GLN B 563 -36.03 -27.48 -13.27
C GLN B 563 -36.56 -28.85 -13.75
N THR B 564 -37.88 -28.95 -13.89
CA THR B 564 -38.52 -30.18 -14.35
C THR B 564 -38.19 -30.43 -15.82
N ALA B 565 -38.08 -29.37 -16.61
CA ALA B 565 -37.75 -29.52 -18.02
C ALA B 565 -36.37 -30.19 -18.14
N PHE B 566 -35.44 -29.75 -17.30
CA PHE B 566 -34.10 -30.32 -17.31
C PHE B 566 -34.09 -31.79 -16.89
N PHE B 567 -34.68 -32.08 -15.73
CA PHE B 567 -34.68 -33.44 -15.25
C PHE B 567 -35.37 -34.40 -16.23
N LYS B 568 -36.40 -33.92 -16.89
CA LYS B 568 -37.12 -34.75 -17.82
C LYS B 568 -36.48 -34.88 -19.20
N LEU B 569 -35.90 -33.79 -19.69
CA LEU B 569 -35.35 -33.77 -21.05
C LEU B 569 -33.84 -33.77 -21.28
N ALA B 570 -33.06 -33.36 -20.30
CA ALA B 570 -31.60 -33.27 -20.47
C ALA B 570 -30.94 -34.59 -20.86
N GLY B 571 -31.55 -35.70 -20.46
CA GLY B 571 -30.99 -37.00 -20.80
C GLY B 571 -29.88 -37.47 -19.87
N VAL B 572 -29.83 -36.95 -18.65
CA VAL B 572 -28.78 -37.37 -17.73
C VAL B 572 -29.26 -38.51 -16.83
N LEU B 573 -30.56 -38.53 -16.56
CA LEU B 573 -31.12 -39.58 -15.72
C LEU B 573 -32.30 -40.26 -16.40
N PRO B 574 -32.49 -41.55 -16.14
CA PRO B 574 -33.65 -42.16 -16.80
C PRO B 574 -34.87 -41.51 -16.14
N PHE B 575 -35.97 -41.42 -16.89
CA PHE B 575 -37.19 -40.80 -16.42
C PHE B 575 -37.68 -41.07 -15.00
N GLU B 576 -37.91 -42.34 -14.66
CA GLU B 576 -38.39 -42.63 -13.31
C GLU B 576 -37.46 -42.15 -12.21
N LYS B 577 -36.16 -42.33 -12.38
CA LYS B 577 -35.24 -41.87 -11.35
C LYS B 577 -35.22 -40.35 -11.31
N ALA B 578 -35.27 -39.72 -12.47
CA ALA B 578 -35.26 -38.27 -12.57
C ALA B 578 -36.41 -37.64 -11.77
N VAL B 579 -37.62 -38.14 -11.97
CA VAL B 579 -38.73 -37.57 -11.24
C VAL B 579 -38.61 -37.88 -9.75
N ASP B 580 -38.26 -39.11 -9.45
CA ASP B 580 -38.13 -39.53 -8.06
C ASP B 580 -37.19 -38.58 -7.30
N LEU B 581 -35.97 -38.46 -7.83
CA LEU B 581 -34.96 -37.60 -7.23
C LEU B 581 -35.39 -36.14 -7.09
N LEU B 582 -36.21 -35.66 -8.02
CA LEU B 582 -36.69 -34.28 -8.02
C LEU B 582 -37.71 -34.08 -6.90
N LYS B 583 -38.70 -34.97 -6.86
CA LYS B 583 -39.74 -34.94 -5.84
C LYS B 583 -39.09 -35.06 -4.45
N LYS B 584 -38.07 -35.92 -4.35
CA LYS B 584 -37.37 -36.12 -3.09
C LYS B 584 -36.82 -34.77 -2.62
N SER B 585 -35.96 -34.16 -3.42
CA SER B 585 -35.34 -32.89 -3.08
C SER B 585 -36.34 -31.82 -2.71
N ILE B 586 -37.51 -31.83 -3.34
CA ILE B 586 -38.53 -30.83 -3.03
C ILE B 586 -38.95 -30.95 -1.57
N HIS B 587 -39.06 -32.18 -1.08
CA HIS B 587 -39.43 -32.38 0.32
C HIS B 587 -38.26 -32.01 1.22
N LYS B 588 -37.04 -32.34 0.79
CA LYS B 588 -35.84 -31.99 1.55
C LYS B 588 -35.90 -30.49 1.74
N ALA B 589 -35.66 -29.77 0.65
CA ALA B 589 -35.74 -28.31 0.69
C ALA B 589 -37.22 -28.09 0.96
N TYR B 590 -37.68 -26.84 0.92
CA TYR B 590 -39.09 -26.58 1.18
C TYR B 590 -39.53 -27.46 2.36
N GLY B 591 -40.79 -27.91 2.35
CA GLY B 591 -41.25 -28.71 3.46
C GLY B 591 -41.05 -27.92 4.75
N LYS B 592 -40.67 -26.65 4.58
CA LYS B 592 -40.44 -25.75 5.68
C LYS B 592 -41.74 -25.09 6.10
N LYS B 593 -42.55 -24.68 5.12
CA LYS B 593 -43.82 -24.06 5.45
C LYS B 593 -44.99 -24.98 5.13
N GLY B 594 -44.96 -26.15 5.76
CA GLY B 594 -46.01 -27.13 5.59
C GLY B 594 -46.12 -27.80 4.25
N GLU B 595 -47.13 -28.64 4.12
CA GLU B 595 -47.36 -29.39 2.89
C GLU B 595 -47.97 -28.55 1.79
N LYS B 596 -48.47 -27.37 2.13
CA LYS B 596 -49.07 -26.49 1.13
C LYS B 596 -48.04 -26.11 0.08
N ILE B 597 -46.94 -25.51 0.53
CA ILE B 597 -45.89 -25.11 -0.39
C ILE B 597 -45.31 -26.34 -1.09
N VAL B 598 -45.16 -27.44 -0.36
CA VAL B 598 -44.62 -28.67 -0.94
C VAL B 598 -45.54 -29.16 -2.05
N LYS B 599 -46.81 -29.32 -1.72
CA LYS B 599 -47.79 -29.77 -2.68
C LYS B 599 -47.78 -28.86 -3.91
N MET B 600 -47.69 -27.55 -3.72
CA MET B 600 -47.66 -26.62 -4.85
C MET B 600 -46.48 -26.95 -5.79
N ASN B 601 -45.31 -27.20 -5.20
CA ASN B 601 -44.15 -27.52 -6.00
C ASN B 601 -44.23 -28.91 -6.60
N THR B 602 -44.92 -29.81 -5.92
CA THR B 602 -45.12 -31.17 -6.40
C THR B 602 -46.03 -31.13 -7.61
N ASP B 603 -47.06 -30.30 -7.54
CA ASP B 603 -48.03 -30.13 -8.60
C ASP B 603 -47.40 -29.49 -9.81
N ALA B 604 -46.50 -28.55 -9.56
CA ALA B 604 -45.83 -27.88 -10.65
C ALA B 604 -45.03 -28.92 -11.45
N VAL B 605 -44.31 -29.78 -10.73
CA VAL B 605 -43.51 -30.82 -11.38
C VAL B 605 -44.41 -31.72 -12.24
N ASP B 606 -45.49 -32.23 -11.64
CA ASP B 606 -46.42 -33.10 -12.36
C ASP B 606 -46.95 -32.44 -13.63
N GLN B 607 -47.44 -31.21 -13.51
CA GLN B 607 -47.98 -30.53 -14.67
C GLN B 607 -46.92 -30.15 -15.69
N ALA B 608 -45.69 -29.93 -15.21
CA ALA B 608 -44.60 -29.59 -16.11
C ALA B 608 -44.31 -30.84 -16.93
N VAL B 609 -44.26 -31.98 -16.26
CA VAL B 609 -44.01 -33.25 -16.94
C VAL B 609 -45.12 -33.54 -17.95
N THR B 610 -46.34 -33.19 -17.57
CA THR B 610 -47.51 -33.41 -18.43
C THR B 610 -47.48 -32.55 -19.68
N SER B 611 -47.13 -31.29 -19.52
CA SER B 611 -47.09 -30.37 -20.65
C SER B 611 -45.80 -30.36 -21.48
N LEU B 612 -44.73 -30.98 -20.98
CA LEU B 612 -43.50 -31.01 -21.76
C LEU B 612 -43.62 -32.03 -22.89
N GLN B 613 -44.06 -31.55 -24.04
CA GLN B 613 -44.22 -32.40 -25.21
C GLN B 613 -43.58 -31.68 -26.39
N GLU B 614 -43.05 -32.43 -27.34
CA GLU B 614 -42.41 -31.82 -28.50
C GLU B 614 -43.30 -30.87 -29.27
N PHE B 615 -42.69 -29.79 -29.75
CA PHE B 615 -43.38 -28.79 -30.55
C PHE B 615 -43.17 -29.26 -31.97
N LYS B 616 -44.26 -29.45 -32.71
CA LYS B 616 -44.15 -29.92 -34.08
C LYS B 616 -43.97 -28.81 -35.09
N TYR B 617 -42.73 -28.66 -35.55
CA TYR B 617 -42.41 -27.62 -36.51
C TYR B 617 -42.43 -28.14 -37.95
N PRO B 618 -42.87 -27.29 -38.89
CA PRO B 618 -42.94 -27.66 -40.29
C PRO B 618 -41.56 -27.73 -40.93
N ASP B 619 -41.47 -28.46 -42.04
CA ASP B 619 -40.22 -28.61 -42.76
C ASP B 619 -39.84 -27.24 -43.34
N SER B 620 -40.86 -26.41 -43.59
CA SER B 620 -40.67 -25.07 -44.15
C SER B 620 -39.87 -24.12 -43.25
N TRP B 621 -39.59 -24.53 -42.01
CA TRP B 621 -38.80 -23.66 -41.13
C TRP B 621 -37.36 -23.67 -41.63
N LYS B 622 -37.00 -24.70 -42.40
CA LYS B 622 -35.67 -24.87 -42.98
C LYS B 622 -35.23 -23.63 -43.77
N ASP B 623 -36.19 -22.94 -44.38
CA ASP B 623 -35.84 -21.75 -45.13
C ASP B 623 -36.83 -20.63 -44.88
N ALA B 624 -37.07 -20.36 -43.60
CA ALA B 624 -37.97 -19.29 -43.20
C ALA B 624 -37.34 -17.99 -43.69
N PRO B 625 -38.16 -17.08 -44.23
CA PRO B 625 -37.67 -15.80 -44.73
C PRO B 625 -37.03 -14.94 -43.66
N ALA B 626 -36.03 -14.15 -44.06
CA ALA B 626 -35.33 -13.25 -43.15
C ALA B 626 -36.18 -12.00 -42.88
N GLU B 627 -35.87 -11.28 -41.80
CA GLU B 627 -36.63 -10.08 -41.45
C GLU B 627 -35.93 -8.78 -41.81
N THR B 628 -36.67 -7.68 -41.69
CA THR B 628 -36.17 -6.34 -41.99
C THR B 628 -35.41 -5.72 -40.82
N LYS B 629 -35.05 -4.45 -40.94
CA LYS B 629 -34.31 -3.75 -39.90
C LYS B 629 -35.02 -2.52 -39.35
N ALA B 630 -35.53 -2.63 -38.13
CA ALA B 630 -36.21 -1.51 -37.49
C ALA B 630 -35.20 -0.81 -36.61
N GLU B 631 -33.91 -1.12 -36.83
CA GLU B 631 -32.81 -0.54 -36.06
C GLU B 631 -32.85 0.99 -36.06
N PRO B 632 -33.03 1.59 -34.87
CA PRO B 632 -33.09 3.05 -34.72
C PRO B 632 -31.79 3.79 -35.04
N MET B 633 -31.90 5.12 -35.07
CA MET B 633 -30.75 5.97 -35.34
C MET B 633 -29.88 5.82 -34.10
N THR B 634 -28.63 5.44 -34.29
CA THR B 634 -27.75 5.23 -33.16
C THR B 634 -26.35 5.85 -33.40
N ASN B 635 -25.39 5.49 -32.57
CA ASN B 635 -24.03 6.00 -32.67
C ASN B 635 -23.17 5.09 -33.55
N GLU B 636 -22.17 5.66 -34.20
CA GLU B 636 -21.28 4.84 -35.00
C GLU B 636 -20.58 3.90 -34.01
N PHE B 637 -20.16 4.45 -32.88
CA PHE B 637 -19.47 3.70 -31.84
C PHE B 637 -20.41 2.65 -31.26
N PHE B 638 -21.68 3.02 -31.11
CA PHE B 638 -22.63 2.08 -30.58
C PHE B 638 -22.83 0.93 -31.55
N LYS B 639 -22.86 1.23 -32.85
CA LYS B 639 -23.04 0.18 -33.86
C LYS B 639 -21.80 -0.69 -33.97
N ASN B 640 -20.64 -0.06 -33.91
CA ASN B 640 -19.40 -0.79 -34.10
C ASN B 640 -18.76 -1.43 -32.91
N VAL B 641 -19.03 -0.91 -31.72
CA VAL B 641 -18.40 -1.49 -30.55
C VAL B 641 -19.32 -1.90 -29.42
N VAL B 642 -20.21 -1.02 -28.98
CA VAL B 642 -21.00 -1.43 -27.84
C VAL B 642 -22.13 -2.42 -28.09
N LYS B 643 -22.86 -2.32 -29.19
CA LYS B 643 -23.93 -3.28 -29.40
C LYS B 643 -23.36 -4.68 -29.55
N PRO B 644 -22.24 -4.82 -30.28
CA PRO B 644 -21.63 -6.15 -30.47
C PRO B 644 -21.26 -6.77 -29.11
N ILE B 645 -20.74 -5.94 -28.21
CA ILE B 645 -20.36 -6.41 -26.88
C ILE B 645 -21.61 -6.76 -26.08
N LEU B 646 -22.62 -5.89 -26.12
CA LEU B 646 -23.88 -6.11 -25.41
C LEU B 646 -24.60 -7.38 -25.88
N THR B 647 -24.49 -7.68 -27.16
CA THR B 647 -25.14 -8.87 -27.70
C THR B 647 -24.23 -10.10 -27.57
N GLN B 648 -23.26 -9.99 -26.67
CA GLN B 648 -22.32 -11.08 -26.39
C GLN B 648 -21.34 -11.50 -27.50
N GLN B 649 -20.98 -10.56 -28.36
CA GLN B 649 -20.04 -10.86 -29.44
C GLN B 649 -18.72 -10.12 -29.20
N GLY B 650 -18.55 -9.55 -28.01
CA GLY B 650 -17.33 -8.84 -27.68
C GLY B 650 -16.05 -9.57 -28.08
N ASP B 651 -15.97 -10.86 -27.74
CA ASP B 651 -14.80 -11.67 -28.10
C ASP B 651 -14.42 -11.57 -29.57
N LYS B 652 -15.37 -11.19 -30.42
CA LYS B 652 -15.10 -11.07 -31.85
C LYS B 652 -14.42 -9.76 -32.25
N LEU B 653 -14.50 -8.75 -31.39
CA LEU B 653 -13.86 -7.47 -31.68
C LEU B 653 -12.33 -7.65 -31.68
N PRO B 654 -11.66 -7.21 -32.74
CA PRO B 654 -10.20 -7.36 -32.81
C PRO B 654 -9.54 -6.28 -31.94
N VAL B 655 -8.22 -6.35 -31.76
CA VAL B 655 -7.56 -5.38 -30.93
C VAL B 655 -7.65 -3.96 -31.48
N SER B 656 -7.75 -3.81 -32.80
CA SER B 656 -7.85 -2.47 -33.40
C SER B 656 -9.12 -1.70 -32.99
N ALA B 657 -10.09 -2.42 -32.42
CA ALA B 657 -11.35 -1.79 -32.00
C ALA B 657 -11.26 -0.94 -30.74
N PHE B 658 -10.19 -1.11 -29.96
CA PHE B 658 -10.04 -0.37 -28.72
C PHE B 658 -8.91 0.67 -28.69
N GLU B 659 -9.09 1.68 -27.85
CA GLU B 659 -8.08 2.73 -27.68
C GLU B 659 -6.95 2.11 -26.84
N ALA B 660 -5.71 2.38 -27.24
CA ALA B 660 -4.56 1.84 -26.54
C ALA B 660 -4.56 2.16 -25.04
N ASP B 661 -4.98 3.35 -24.63
CA ASP B 661 -4.99 3.70 -23.22
C ASP B 661 -6.25 3.26 -22.47
N GLY B 662 -7.13 2.52 -23.15
CA GLY B 662 -8.35 2.02 -22.51
C GLY B 662 -9.55 2.94 -22.36
N ARG B 663 -9.46 4.14 -22.90
CA ARG B 663 -10.55 5.09 -22.78
C ARG B 663 -11.79 4.68 -23.56
N PHE B 664 -12.94 5.12 -23.07
CA PHE B 664 -14.21 4.90 -23.73
C PHE B 664 -14.89 6.25 -23.85
N PRO B 665 -15.82 6.40 -24.80
CA PRO B 665 -16.47 7.71 -24.91
C PRO B 665 -17.67 7.79 -23.98
N LEU B 666 -18.10 9.01 -23.67
CA LEU B 666 -19.26 9.20 -22.81
C LEU B 666 -20.54 8.96 -23.59
N GLY B 667 -21.62 8.69 -22.87
CA GLY B 667 -22.93 8.53 -23.48
C GLY B 667 -23.37 7.26 -24.20
N THR B 668 -22.62 6.17 -24.10
CA THR B 668 -23.06 4.98 -24.80
C THR B 668 -24.34 4.39 -24.19
N SER B 669 -24.70 4.76 -22.97
CA SER B 669 -25.92 4.20 -22.37
C SER B 669 -27.21 4.78 -22.99
N GLN B 670 -27.09 5.94 -23.62
CA GLN B 670 -28.24 6.58 -24.26
C GLN B 670 -28.98 5.66 -25.22
N PHE B 671 -28.30 4.67 -25.79
CA PHE B 671 -28.93 3.79 -26.75
C PHE B 671 -29.27 2.38 -26.26
N GLU B 672 -29.01 2.07 -25.00
CA GLU B 672 -29.30 0.73 -24.53
C GLU B 672 -30.80 0.39 -24.42
N LYS B 673 -31.60 1.35 -23.96
CA LYS B 673 -33.06 1.19 -23.84
C LYS B 673 -33.54 -0.24 -23.50
N ARG B 674 -32.94 -0.87 -22.50
CA ARG B 674 -33.25 -2.25 -22.14
C ARG B 674 -34.73 -2.63 -21.97
N GLY B 675 -35.51 -1.73 -21.39
CA GLY B 675 -36.93 -2.04 -21.18
C GLY B 675 -37.05 -3.31 -20.37
N VAL B 676 -36.51 -3.31 -19.15
CA VAL B 676 -36.59 -4.51 -18.33
C VAL B 676 -37.47 -4.32 -17.11
N ALA B 677 -38.10 -3.17 -16.99
CA ALA B 677 -38.97 -2.91 -15.85
C ALA B 677 -40.25 -3.73 -16.02
N ILE B 678 -40.80 -4.23 -14.92
CA ILE B 678 -42.04 -5.00 -14.98
C ILE B 678 -43.19 -3.99 -14.99
N ASN B 679 -43.15 -3.02 -14.07
CA ASN B 679 -44.16 -1.98 -14.01
C ASN B 679 -43.45 -0.65 -14.09
N VAL B 680 -44.13 0.34 -14.66
CA VAL B 680 -43.55 1.67 -14.82
C VAL B 680 -44.58 2.73 -14.45
N PRO B 681 -44.12 3.92 -14.05
CA PRO B 681 -45.06 4.98 -13.68
C PRO B 681 -45.84 5.51 -14.89
N GLN B 682 -47.08 5.93 -14.63
CA GLN B 682 -47.95 6.50 -15.65
C GLN B 682 -48.40 7.85 -15.12
N TRP B 683 -48.15 8.91 -15.89
CA TRP B 683 -48.52 10.26 -15.48
C TRP B 683 -50.02 10.48 -15.59
N VAL B 684 -50.56 11.11 -14.56
CA VAL B 684 -51.98 11.45 -14.50
C VAL B 684 -51.98 12.96 -14.28
N PRO B 685 -51.89 13.74 -15.38
CA PRO B 685 -51.85 15.21 -15.35
C PRO B 685 -52.86 16.00 -14.50
N GLU B 686 -54.11 15.56 -14.43
CA GLU B 686 -55.12 16.28 -13.65
C GLU B 686 -54.72 16.43 -12.19
N ASN B 687 -53.88 15.51 -11.70
CA ASN B 687 -53.45 15.52 -10.30
C ASN B 687 -52.09 16.12 -10.04
N CYS B 688 -51.35 16.43 -11.10
CA CYS B 688 -49.99 16.96 -10.98
C CYS B 688 -49.84 18.41 -10.53
N ILE B 689 -48.98 18.64 -9.54
CA ILE B 689 -48.75 19.98 -9.04
C ILE B 689 -47.51 20.58 -9.67
N GLN B 690 -46.95 19.85 -10.64
CA GLN B 690 -45.76 20.30 -11.38
C GLN B 690 -44.60 20.68 -10.45
N CYS B 691 -44.33 19.82 -9.47
CA CYS B 691 -43.27 20.10 -8.51
C CYS B 691 -41.86 19.59 -8.89
N ASN B 692 -41.80 18.65 -9.85
CA ASN B 692 -40.53 18.06 -10.31
C ASN B 692 -39.82 17.13 -9.32
N GLN B 693 -40.48 16.76 -8.23
CA GLN B 693 -39.83 15.87 -7.27
C GLN B 693 -39.62 14.47 -7.83
N CYS B 694 -40.51 14.04 -8.72
CA CYS B 694 -40.37 12.72 -9.34
C CYS B 694 -39.05 12.62 -10.11
N ALA B 695 -38.81 13.59 -10.98
CA ALA B 695 -37.59 13.60 -11.77
C ALA B 695 -36.35 13.59 -10.88
N PHE B 696 -36.37 14.48 -9.88
CA PHE B 696 -35.28 14.66 -8.92
C PHE B 696 -34.91 13.37 -8.16
N VAL B 697 -35.88 12.48 -8.02
CA VAL B 697 -35.73 11.26 -7.26
C VAL B 697 -35.33 9.97 -8.01
N CYS B 698 -35.43 10.00 -9.33
CA CYS B 698 -35.15 8.82 -10.15
C CYS B 698 -33.70 8.33 -10.14
N PRO B 699 -33.49 7.06 -9.76
CA PRO B 699 -32.13 6.46 -9.73
C PRO B 699 -31.56 6.22 -11.13
N HIS B 700 -32.37 6.45 -12.16
CA HIS B 700 -31.92 6.24 -13.53
C HIS B 700 -32.23 7.34 -14.55
N SER B 701 -32.75 8.48 -14.09
CA SER B 701 -33.05 9.59 -14.99
C SER B 701 -34.13 9.18 -16.01
N ALA B 702 -35.06 8.32 -15.60
CA ALA B 702 -36.12 7.86 -16.49
C ALA B 702 -37.33 8.82 -16.53
N ILE B 703 -37.26 9.92 -15.80
CA ILE B 703 -38.34 10.88 -15.84
C ILE B 703 -37.81 12.19 -16.43
N LEU B 704 -38.49 12.71 -17.45
CA LEU B 704 -38.06 13.94 -18.12
C LEU B 704 -39.08 15.06 -18.06
N PRO B 705 -38.80 16.11 -17.26
CA PRO B 705 -39.74 17.23 -17.18
C PRO B 705 -39.64 17.97 -18.52
N VAL B 706 -40.77 18.30 -19.12
CA VAL B 706 -40.78 19.02 -20.39
C VAL B 706 -41.40 20.39 -20.19
N LEU B 707 -40.73 21.43 -20.64
CA LEU B 707 -41.24 22.79 -20.55
C LEU B 707 -41.12 23.40 -21.93
N ALA B 708 -42.25 23.58 -22.60
CA ALA B 708 -42.21 24.13 -23.95
C ALA B 708 -43.21 25.23 -24.26
N LYS B 709 -42.82 26.11 -25.18
CA LYS B 709 -43.68 27.19 -25.62
C LYS B 709 -44.66 26.43 -26.50
N GLU B 710 -45.90 26.92 -26.61
CA GLU B 710 -46.88 26.20 -27.42
C GLU B 710 -46.36 25.97 -28.84
N GLU B 711 -45.43 26.83 -29.28
CA GLU B 711 -44.86 26.72 -30.61
C GLU B 711 -44.07 25.45 -30.83
N GLU B 712 -43.49 24.92 -29.77
CA GLU B 712 -42.68 23.72 -29.86
C GLU B 712 -43.51 22.43 -29.87
N LEU B 713 -44.74 22.51 -29.38
CA LEU B 713 -45.61 21.34 -29.32
C LEU B 713 -46.47 21.15 -30.58
N VAL B 714 -46.20 21.95 -31.61
CA VAL B 714 -46.95 21.88 -32.86
C VAL B 714 -47.04 20.47 -33.45
N GLY B 715 -45.89 19.86 -33.73
CA GLY B 715 -45.88 18.52 -34.30
C GLY B 715 -45.99 17.40 -33.29
N ALA B 716 -46.22 17.76 -32.03
CA ALA B 716 -46.33 16.80 -30.93
C ALA B 716 -47.37 15.70 -31.16
N PRO B 717 -47.06 14.47 -30.76
CA PRO B 717 -47.99 13.34 -30.91
C PRO B 717 -49.38 13.70 -30.39
N ALA B 718 -50.36 12.88 -30.76
CA ALA B 718 -51.74 13.11 -30.35
C ALA B 718 -51.94 13.12 -28.84
N ASN B 719 -51.34 12.16 -28.15
CA ASN B 719 -51.49 12.05 -26.70
C ASN B 719 -50.42 12.75 -25.86
N PHE B 720 -49.63 13.62 -26.46
CA PHE B 720 -48.58 14.33 -25.76
C PHE B 720 -49.16 15.42 -24.84
N THR B 721 -50.08 15.02 -23.99
CA THR B 721 -50.76 15.94 -23.08
C THR B 721 -49.84 16.78 -22.21
N ALA B 722 -50.10 18.08 -22.18
CA ALA B 722 -49.31 19.01 -21.39
C ALA B 722 -50.25 19.94 -20.64
N LEU B 723 -49.81 20.40 -19.48
CA LEU B 723 -50.59 21.32 -18.66
C LEU B 723 -50.01 22.72 -18.83
N GLU B 724 -50.74 23.72 -18.36
CA GLU B 724 -50.24 25.08 -18.44
C GLU B 724 -49.30 25.23 -17.24
N ALA B 725 -48.08 25.68 -17.52
CA ALA B 725 -47.07 25.85 -16.49
C ALA B 725 -47.45 26.81 -15.38
N LYS B 726 -47.51 26.27 -14.16
CA LYS B 726 -47.84 27.06 -12.98
C LYS B 726 -46.57 27.80 -12.58
N GLY B 727 -46.73 29.03 -12.10
CA GLY B 727 -45.57 29.81 -11.70
C GLY B 727 -45.44 31.10 -12.48
N LYS B 728 -45.02 32.16 -11.79
CA LYS B 728 -44.85 33.48 -12.37
C LYS B 728 -43.88 33.49 -13.55
N GLU B 729 -42.68 32.94 -13.34
CA GLU B 729 -41.68 32.94 -14.40
C GLU B 729 -41.98 31.98 -15.54
N LEU B 730 -42.73 30.92 -15.25
CA LEU B 730 -43.09 29.94 -16.25
C LEU B 730 -44.45 30.25 -16.86
N LYS B 731 -44.85 31.51 -16.72
CA LYS B 731 -46.13 32.01 -17.19
C LYS B 731 -46.73 31.43 -18.47
N GLY B 732 -46.08 31.68 -19.61
CA GLY B 732 -46.64 31.18 -20.86
C GLY B 732 -46.23 29.80 -21.35
N TYR B 733 -45.61 28.99 -20.50
CA TYR B 733 -45.18 27.67 -20.94
C TYR B 733 -46.17 26.53 -20.72
N LYS B 734 -45.83 25.38 -21.29
CA LYS B 734 -46.62 24.16 -21.14
C LYS B 734 -45.73 23.17 -20.40
N PHE B 735 -46.30 22.53 -19.38
CA PHE B 735 -45.55 21.58 -18.57
C PHE B 735 -46.00 20.13 -18.76
N ARG B 736 -45.04 19.21 -18.78
CA ARG B 736 -45.36 17.79 -18.94
C ARG B 736 -44.34 16.86 -18.30
N ILE B 737 -44.82 15.84 -17.61
CA ILE B 737 -43.94 14.85 -17.00
C ILE B 737 -43.87 13.68 -17.96
N GLN B 738 -42.74 13.52 -18.62
CA GLN B 738 -42.59 12.44 -19.59
C GLN B 738 -41.80 11.25 -19.04
N ILE B 739 -42.48 10.12 -18.89
CA ILE B 739 -41.83 8.92 -18.40
C ILE B 739 -41.09 8.23 -19.54
N ASN B 740 -39.86 7.81 -19.26
CA ASN B 740 -39.00 7.11 -20.22
C ASN B 740 -39.16 5.65 -19.80
N THR B 741 -40.23 5.03 -20.30
CA THR B 741 -40.57 3.66 -19.98
C THR B 741 -39.52 2.58 -20.29
N LEU B 742 -38.66 2.80 -21.28
CA LEU B 742 -37.66 1.78 -21.60
C LEU B 742 -36.42 1.84 -20.70
N ASP B 743 -36.09 3.03 -20.20
CA ASP B 743 -34.95 3.18 -19.31
C ASP B 743 -35.38 3.07 -17.85
N CYS B 744 -36.69 3.07 -17.60
CA CYS B 744 -37.21 2.95 -16.24
C CYS B 744 -36.88 1.57 -15.69
N MET B 745 -36.62 1.50 -14.39
CA MET B 745 -36.28 0.21 -13.78
C MET B 745 -37.41 -0.35 -12.90
N GLY B 746 -38.52 0.38 -12.86
CA GLY B 746 -39.67 -0.07 -12.10
C GLY B 746 -39.55 -0.13 -10.58
N CYS B 747 -38.69 0.71 -10.01
CA CYS B 747 -38.51 0.70 -8.58
C CYS B 747 -39.73 1.27 -7.85
N GLY B 748 -40.26 2.37 -8.38
CA GLY B 748 -41.41 3.00 -7.77
C GLY B 748 -41.18 4.20 -6.86
N ASN B 749 -39.95 4.70 -6.75
CA ASN B 749 -39.71 5.85 -5.87
C ASN B 749 -40.51 7.10 -6.27
N CYS B 750 -40.58 7.37 -7.57
CA CYS B 750 -41.31 8.54 -8.06
C CYS B 750 -42.78 8.51 -7.61
N ALA B 751 -43.45 7.39 -7.81
CA ALA B 751 -44.85 7.23 -7.45
C ALA B 751 -45.08 7.27 -5.95
N ASP B 752 -44.14 6.71 -5.21
CA ASP B 752 -44.23 6.68 -3.76
C ASP B 752 -44.06 8.07 -3.17
N ILE B 753 -43.33 8.91 -3.88
CA ILE B 753 -43.03 10.25 -3.42
C ILE B 753 -43.96 11.35 -3.93
N CYS B 754 -44.68 11.08 -5.02
CA CYS B 754 -45.61 12.07 -5.59
C CYS B 754 -46.53 12.59 -4.48
N PRO B 755 -46.39 13.89 -4.15
CA PRO B 755 -47.11 14.65 -3.11
C PRO B 755 -48.63 14.49 -2.93
N PRO B 756 -49.42 14.72 -4.00
CA PRO B 756 -50.89 14.60 -3.91
C PRO B 756 -51.46 13.24 -3.48
N LYS B 757 -52.54 13.30 -2.71
CA LYS B 757 -53.24 12.12 -2.21
C LYS B 757 -53.73 11.37 -3.44
N GLU B 758 -54.26 12.11 -4.41
CA GLU B 758 -54.71 11.50 -5.66
C GLU B 758 -53.45 11.55 -6.51
N LYS B 759 -52.64 10.50 -6.40
CA LYS B 759 -51.37 10.41 -7.12
C LYS B 759 -51.40 10.85 -8.57
N ALA B 760 -50.29 11.46 -9.00
CA ALA B 760 -50.14 11.93 -10.37
C ALA B 760 -49.26 10.93 -11.11
N LEU B 761 -48.88 9.88 -10.38
CA LEU B 761 -48.06 8.80 -10.89
C LEU B 761 -48.55 7.49 -10.31
N VAL B 762 -48.92 6.56 -11.18
CA VAL B 762 -49.42 5.26 -10.75
C VAL B 762 -48.65 4.23 -11.53
N MET B 763 -48.22 3.15 -10.87
CA MET B 763 -47.46 2.10 -11.55
C MET B 763 -48.36 1.23 -12.43
N GLN B 764 -47.89 0.91 -13.64
CA GLN B 764 -48.66 0.08 -14.56
C GLN B 764 -47.76 -0.90 -15.31
N PRO B 765 -48.32 -2.02 -15.76
CA PRO B 765 -47.50 -2.98 -16.50
C PRO B 765 -46.85 -2.27 -17.68
N LEU B 766 -45.55 -2.50 -17.87
CA LEU B 766 -44.82 -1.86 -18.96
C LEU B 766 -45.53 -1.92 -20.32
N ASP B 767 -45.96 -3.11 -20.71
CA ASP B 767 -46.63 -3.29 -22.00
C ASP B 767 -47.86 -2.39 -22.20
N THR B 768 -48.44 -1.88 -21.12
CA THR B 768 -49.60 -1.01 -21.26
C THR B 768 -49.18 0.44 -21.49
N GLN B 769 -47.89 0.73 -21.33
CA GLN B 769 -47.37 2.08 -21.49
C GLN B 769 -46.45 2.30 -22.69
N ARG B 770 -45.61 1.32 -23.01
CA ARG B 770 -44.66 1.46 -24.09
C ARG B 770 -45.13 2.00 -25.44
N ASP B 771 -46.14 1.37 -26.05
CA ASP B 771 -46.63 1.82 -27.35
C ASP B 771 -46.82 3.33 -27.42
N ALA B 772 -47.43 3.88 -26.39
CA ALA B 772 -47.67 5.32 -26.37
C ALA B 772 -46.42 6.11 -25.95
N GLN B 773 -45.92 5.84 -24.76
CA GLN B 773 -44.78 6.59 -24.26
C GLN B 773 -43.45 6.52 -24.99
N VAL B 774 -43.16 5.44 -25.70
CA VAL B 774 -41.88 5.36 -26.41
C VAL B 774 -41.78 6.49 -27.43
N PRO B 775 -42.80 6.64 -28.29
CA PRO B 775 -42.75 7.72 -29.29
C PRO B 775 -42.73 9.09 -28.62
N ASN B 776 -43.41 9.20 -27.49
CA ASN B 776 -43.48 10.46 -26.76
C ASN B 776 -42.14 10.83 -26.12
N LEU B 777 -41.45 9.86 -25.53
CA LEU B 777 -40.15 10.13 -24.91
C LEU B 777 -39.22 10.61 -26.02
N GLU B 778 -39.33 9.94 -27.18
CA GLU B 778 -38.54 10.28 -28.36
C GLU B 778 -38.73 11.75 -28.70
N TYR B 779 -39.99 12.16 -28.85
CA TYR B 779 -40.31 13.53 -29.19
C TYR B 779 -39.83 14.47 -28.08
N ALA B 780 -40.22 14.15 -26.85
CA ALA B 780 -39.84 14.95 -25.69
C ALA B 780 -38.35 15.19 -25.60
N ALA B 781 -37.58 14.21 -26.06
CA ALA B 781 -36.13 14.29 -26.01
C ALA B 781 -35.56 15.36 -26.93
N ARG B 782 -36.34 15.75 -27.96
CA ARG B 782 -35.89 16.76 -28.90
C ARG B 782 -36.29 18.18 -28.49
N ILE B 783 -37.10 18.30 -27.43
CA ILE B 783 -37.53 19.59 -26.93
C ILE B 783 -36.37 20.21 -26.14
N PRO B 784 -35.97 21.44 -26.49
CA PRO B 784 -34.85 22.09 -25.79
C PRO B 784 -35.11 22.18 -24.28
N VAL B 785 -34.12 21.79 -23.49
CA VAL B 785 -34.23 21.82 -22.03
C VAL B 785 -34.09 23.29 -21.61
N LYS B 786 -35.07 23.79 -20.85
CA LYS B 786 -35.07 25.20 -20.43
C LYS B 786 -34.25 25.48 -19.18
N SER B 787 -32.94 25.49 -19.34
CA SER B 787 -32.03 25.70 -18.22
C SER B 787 -31.91 27.10 -17.63
N GLU B 788 -32.39 28.12 -18.34
CA GLU B 788 -32.27 29.50 -17.85
C GLU B 788 -33.52 30.08 -17.24
N VAL B 789 -34.62 29.34 -17.26
CA VAL B 789 -35.85 29.88 -16.74
C VAL B 789 -35.97 29.92 -15.20
N LEU B 790 -35.23 29.05 -14.51
CA LEU B 790 -35.27 29.02 -13.05
C LEU B 790 -33.86 28.83 -12.49
N PRO B 791 -33.66 29.12 -11.19
CA PRO B 791 -32.33 28.96 -10.58
C PRO B 791 -31.85 27.52 -10.71
N ARG B 792 -30.63 27.36 -11.22
CA ARG B 792 -30.04 26.05 -11.41
C ARG B 792 -30.10 25.17 -10.14
N ASP B 793 -29.89 25.77 -8.97
CA ASP B 793 -29.89 25.03 -7.70
C ASP B 793 -31.21 25.05 -6.92
N SER B 794 -32.31 25.36 -7.59
CA SER B 794 -33.63 25.36 -6.95
C SER B 794 -34.17 23.96 -7.20
N LEU B 795 -34.97 23.45 -6.27
CA LEU B 795 -35.52 22.10 -6.44
C LEU B 795 -36.16 21.91 -7.80
N LYS B 796 -37.07 22.80 -8.17
CA LYS B 796 -37.75 22.68 -9.46
C LYS B 796 -36.79 23.01 -10.61
N GLY B 797 -36.01 24.07 -10.43
CA GLY B 797 -35.07 24.46 -11.47
C GLY B 797 -34.01 23.43 -11.82
N SER B 798 -33.55 22.67 -10.83
CA SER B 798 -32.53 21.65 -11.08
C SER B 798 -33.02 20.64 -12.11
N GLN B 799 -34.31 20.32 -12.05
CA GLN B 799 -34.87 19.37 -13.00
C GLN B 799 -35.16 19.96 -14.39
N PHE B 800 -34.75 21.21 -14.59
CA PHE B 800 -34.89 21.86 -15.89
C PHE B 800 -33.47 22.01 -16.44
N GLN B 801 -32.56 21.23 -15.85
CA GLN B 801 -31.16 21.18 -16.25
C GLN B 801 -30.92 19.82 -16.92
N GLU B 802 -29.87 19.74 -17.72
CA GLU B 802 -29.53 18.51 -18.41
C GLU B 802 -28.82 17.57 -17.46
N PRO B 803 -29.38 16.38 -17.20
CA PRO B 803 -28.70 15.45 -16.30
C PRO B 803 -27.57 14.79 -17.09
N LEU B 804 -26.38 14.74 -16.51
CA LEU B 804 -25.23 14.18 -17.23
C LEU B 804 -24.75 12.79 -16.79
N MET B 805 -25.67 11.99 -16.28
CA MET B 805 -25.39 10.61 -15.85
C MET B 805 -26.76 9.97 -15.94
N GLU B 806 -26.96 9.11 -16.94
CA GLU B 806 -28.27 8.50 -17.13
C GLU B 806 -28.24 7.04 -17.54
N PHE B 807 -29.27 6.33 -17.07
CA PHE B 807 -29.43 4.93 -17.44
C PHE B 807 -28.24 4.02 -17.11
N SER B 808 -27.71 4.10 -15.89
CA SER B 808 -26.57 3.25 -15.51
C SER B 808 -27.04 1.85 -15.17
N GLY B 809 -26.09 0.93 -14.97
CA GLY B 809 -26.41 -0.45 -14.63
C GLY B 809 -26.66 -0.68 -13.15
N ALA B 810 -26.93 0.39 -12.40
CA ALA B 810 -27.20 0.29 -10.97
C ALA B 810 -28.54 -0.44 -10.72
N CYS B 811 -28.74 -0.99 -9.52
CA CYS B 811 -29.97 -1.72 -9.21
C CYS B 811 -31.20 -0.80 -9.28
N SER B 812 -32.38 -1.37 -9.52
CA SER B 812 -33.59 -0.55 -9.51
C SER B 812 -33.69 0.01 -8.12
N GLY B 813 -33.95 1.32 -8.01
CA GLY B 813 -34.11 1.95 -6.71
C GLY B 813 -32.83 2.29 -5.98
N CYS B 814 -31.69 2.11 -6.63
CA CYS B 814 -30.39 2.40 -6.01
C CYS B 814 -30.42 3.75 -5.28
N GLY B 815 -29.91 3.76 -4.06
CA GLY B 815 -29.88 5.00 -3.29
C GLY B 815 -28.71 5.91 -3.63
N GLU B 816 -27.78 5.40 -4.43
CA GLU B 816 -26.60 6.18 -4.80
C GLU B 816 -26.80 7.13 -5.98
N THR B 817 -27.35 6.62 -7.08
CA THR B 817 -27.52 7.39 -8.30
C THR B 817 -28.38 8.66 -8.33
N PRO B 818 -29.45 8.75 -7.51
CA PRO B 818 -30.21 10.01 -7.59
C PRO B 818 -29.30 11.19 -7.26
N TYR B 819 -28.49 11.02 -6.21
CA TYR B 819 -27.57 12.07 -5.79
C TYR B 819 -26.60 12.49 -6.88
N VAL B 820 -25.93 11.52 -7.50
CA VAL B 820 -24.95 11.90 -8.50
C VAL B 820 -25.61 12.59 -9.66
N ARG B 821 -26.79 12.11 -10.05
CA ARG B 821 -27.49 12.72 -11.16
C ARG B 821 -27.68 14.22 -10.91
N VAL B 822 -28.28 14.60 -9.80
CA VAL B 822 -28.48 16.04 -9.60
C VAL B 822 -27.17 16.76 -9.44
N ILE B 823 -26.14 16.10 -8.94
CA ILE B 823 -24.86 16.78 -8.81
C ILE B 823 -24.42 17.23 -10.20
N THR B 824 -24.58 16.36 -11.21
CA THR B 824 -24.18 16.72 -12.56
C THR B 824 -25.12 17.78 -13.16
N GLN B 825 -26.28 17.98 -12.55
CA GLN B 825 -27.19 19.01 -13.06
C GLN B 825 -26.76 20.38 -12.58
N LEU B 826 -25.90 20.43 -11.56
CA LEU B 826 -25.43 21.71 -11.06
C LEU B 826 -23.99 22.03 -11.51
N PHE B 827 -23.16 21.00 -11.66
CA PHE B 827 -21.75 21.20 -12.02
C PHE B 827 -21.22 20.37 -13.17
N GLY B 828 -22.04 19.46 -13.69
CA GLY B 828 -21.63 18.58 -14.76
C GLY B 828 -20.69 19.09 -15.84
N GLU B 829 -21.07 20.19 -16.50
CA GLU B 829 -20.26 20.74 -17.59
C GLU B 829 -18.83 21.14 -17.24
N ARG B 830 -18.52 21.32 -15.97
CA ARG B 830 -17.14 21.74 -15.66
C ARG B 830 -16.47 20.91 -14.57
N MET B 831 -16.84 19.64 -14.47
CA MET B 831 -16.24 18.85 -13.40
C MET B 831 -15.35 17.67 -13.75
N PHE B 832 -14.44 17.38 -12.83
CA PHE B 832 -13.55 16.23 -12.95
C PHE B 832 -14.09 15.28 -11.87
N ILE B 833 -14.03 13.99 -12.10
CA ILE B 833 -14.46 13.03 -11.11
C ILE B 833 -13.39 11.98 -10.91
N ALA B 834 -12.89 11.88 -9.69
CA ALA B 834 -11.91 10.85 -9.33
C ALA B 834 -12.78 9.87 -8.57
N ASN B 835 -13.09 8.75 -9.19
CA ASN B 835 -14.00 7.78 -8.59
C ASN B 835 -13.39 6.51 -8.02
N ALA B 836 -13.57 6.30 -6.72
CA ALA B 836 -13.05 5.10 -6.07
C ALA B 836 -13.79 3.88 -6.58
N THR B 837 -13.10 2.76 -6.62
CA THR B 837 -13.70 1.51 -7.05
C THR B 837 -14.79 1.18 -6.05
N GLY B 838 -15.89 0.65 -6.54
CA GLY B 838 -17.02 0.30 -5.71
C GLY B 838 -18.22 0.32 -6.64
N CYS B 839 -19.41 0.28 -6.08
CA CYS B 839 -20.60 0.33 -6.91
C CYS B 839 -20.61 1.54 -7.84
N SER B 840 -20.20 2.69 -7.30
CA SER B 840 -20.20 3.92 -8.10
C SER B 840 -19.26 3.83 -9.31
N SER B 841 -18.28 2.92 -9.25
CA SER B 841 -17.36 2.75 -10.39
C SER B 841 -17.95 1.67 -11.29
N ILE B 842 -18.61 0.67 -10.68
CA ILE B 842 -19.24 -0.40 -11.45
C ILE B 842 -20.46 0.09 -12.24
N TRP B 843 -21.39 0.80 -11.62
CA TRP B 843 -22.51 1.29 -12.44
C TRP B 843 -21.99 2.50 -13.23
N GLY B 844 -20.93 3.12 -12.73
CA GLY B 844 -20.35 4.27 -13.43
C GLY B 844 -19.58 3.95 -14.71
N ALA B 845 -18.89 2.81 -14.79
CA ALA B 845 -18.12 2.51 -16.02
C ALA B 845 -17.78 1.04 -16.31
N SER B 846 -18.79 0.19 -16.35
CA SER B 846 -18.57 -1.22 -16.69
C SER B 846 -18.69 -1.20 -18.21
N ALA B 847 -17.62 -1.54 -18.91
CA ALA B 847 -17.64 -1.55 -20.37
C ALA B 847 -18.76 -2.47 -20.83
N PRO B 848 -19.46 -2.13 -21.93
CA PRO B 848 -19.28 -0.95 -22.79
C PRO B 848 -20.31 0.16 -22.50
N SER B 849 -20.96 0.05 -21.36
CA SER B 849 -22.00 1.00 -20.96
C SER B 849 -21.46 2.21 -20.18
N MET B 850 -21.58 3.39 -20.76
CA MET B 850 -21.11 4.60 -20.09
C MET B 850 -22.31 5.52 -19.84
N PRO B 851 -22.74 5.62 -18.57
CA PRO B 851 -23.88 6.46 -18.17
C PRO B 851 -23.61 7.97 -18.12
N TYR B 852 -22.36 8.38 -17.91
CA TYR B 852 -22.08 9.81 -17.89
C TYR B 852 -22.10 10.27 -19.35
N LYS B 853 -22.66 11.45 -19.61
CA LYS B 853 -22.76 11.97 -20.96
C LYS B 853 -22.42 13.44 -21.03
N THR B 854 -22.29 13.96 -22.24
CA THR B 854 -22.00 15.39 -22.42
C THR B 854 -23.33 16.13 -22.63
N ASN B 855 -23.33 17.44 -22.41
CA ASN B 855 -24.55 18.22 -22.63
C ASN B 855 -24.61 18.56 -24.13
N ARG B 856 -25.57 19.40 -24.52
CA ARG B 856 -25.70 19.78 -25.93
C ARG B 856 -24.47 20.50 -26.48
N LEU B 857 -23.58 20.95 -25.60
CA LEU B 857 -22.37 21.63 -26.04
C LEU B 857 -21.12 20.75 -26.04
N GLY B 858 -21.30 19.44 -25.84
CA GLY B 858 -20.16 18.54 -25.84
C GLY B 858 -19.34 18.57 -24.57
N GLN B 859 -19.88 19.18 -23.53
CA GLN B 859 -19.19 19.28 -22.25
C GLN B 859 -19.78 18.24 -21.31
N GLY B 860 -18.96 17.73 -20.39
CA GLY B 860 -19.41 16.72 -19.46
C GLY B 860 -18.31 16.33 -18.50
N PRO B 861 -18.64 15.58 -17.45
CA PRO B 861 -17.68 15.15 -16.44
C PRO B 861 -16.50 14.35 -17.00
N ALA B 862 -15.28 14.75 -16.64
CA ALA B 862 -14.07 14.03 -17.06
C ALA B 862 -14.00 13.02 -15.93
N TRP B 863 -14.27 11.77 -16.27
CA TRP B 863 -14.35 10.69 -15.29
C TRP B 863 -13.21 9.70 -15.33
N GLY B 864 -12.75 9.32 -14.15
CA GLY B 864 -11.68 8.35 -14.07
C GLY B 864 -11.73 7.48 -12.83
N ASN B 865 -11.44 6.20 -12.98
CA ASN B 865 -11.36 5.30 -11.83
C ASN B 865 -9.92 4.86 -11.80
N SER B 866 -9.17 5.27 -10.78
CA SER B 866 -7.78 4.81 -10.68
C SER B 866 -7.83 3.48 -9.96
N LEU B 867 -7.85 3.54 -8.62
CA LEU B 867 -7.92 2.34 -7.81
C LEU B 867 -8.97 2.47 -6.73
N PHE B 868 -9.00 1.49 -5.83
CA PHE B 868 -9.95 1.53 -4.74
C PHE B 868 -9.41 2.36 -3.59
N GLU B 869 -8.11 2.27 -3.34
CA GLU B 869 -7.49 2.97 -2.23
C GLU B 869 -7.03 4.42 -2.43
N ASP B 870 -6.92 4.87 -3.67
CA ASP B 870 -6.38 6.19 -3.95
C ASP B 870 -7.28 7.27 -4.56
N ALA B 871 -8.60 7.13 -4.48
CA ALA B 871 -9.48 8.13 -5.09
C ALA B 871 -9.19 9.59 -4.70
N ALA B 872 -9.03 9.85 -3.41
CA ALA B 872 -8.77 11.22 -2.98
C ALA B 872 -7.46 11.77 -3.54
N GLU B 873 -6.37 11.02 -3.40
CA GLU B 873 -5.11 11.53 -3.91
C GLU B 873 -5.12 11.64 -5.43
N TYR B 874 -5.91 10.77 -6.06
CA TYR B 874 -6.01 10.76 -7.51
C TYR B 874 -6.65 12.09 -7.90
N GLY B 875 -7.71 12.45 -7.18
CA GLY B 875 -8.41 13.70 -7.44
C GLY B 875 -7.52 14.87 -7.06
N PHE B 876 -6.77 14.71 -5.98
CA PHE B 876 -5.84 15.75 -5.53
C PHE B 876 -4.86 16.06 -6.68
N GLY B 877 -4.39 15.01 -7.34
CA GLY B 877 -3.45 15.18 -8.44
C GLY B 877 -4.05 15.93 -9.61
N MET B 878 -5.34 15.73 -9.86
CA MET B 878 -6.01 16.42 -10.96
C MET B 878 -6.04 17.91 -10.60
N ASN B 879 -6.25 18.17 -9.31
CA ASN B 879 -6.29 19.53 -8.80
C ASN B 879 -4.94 20.20 -8.97
N MET B 880 -3.87 19.45 -8.70
CA MET B 880 -2.51 19.98 -8.83
C MET B 880 -2.24 20.38 -10.27
N SER B 881 -2.62 19.51 -11.21
CA SER B 881 -2.40 19.79 -12.63
C SER B 881 -3.08 21.09 -13.01
N MET B 882 -4.37 21.21 -12.70
CA MET B 882 -5.11 22.43 -13.01
C MET B 882 -4.39 23.64 -12.42
N PHE B 883 -3.92 23.51 -11.18
CA PHE B 883 -3.22 24.62 -10.55
C PHE B 883 -1.96 25.01 -11.31
N ALA B 884 -1.14 24.02 -11.66
CA ALA B 884 0.09 24.32 -12.37
C ALA B 884 -0.19 24.92 -13.75
N ARG B 885 -1.09 24.29 -14.49
CA ARG B 885 -1.38 24.75 -15.83
C ARG B 885 -2.14 26.07 -15.90
N ARG B 886 -3.06 26.31 -14.96
CA ARG B 886 -3.82 27.56 -14.98
C ARG B 886 -2.96 28.71 -14.48
N THR B 887 -1.95 28.39 -13.69
CA THR B 887 -1.04 29.40 -13.20
C THR B 887 -0.19 29.81 -14.40
N HIS B 888 0.17 28.82 -15.22
CA HIS B 888 0.96 29.07 -16.42
C HIS B 888 0.14 30.00 -17.31
N LEU B 889 -1.12 29.65 -17.52
CA LEU B 889 -2.03 30.46 -18.33
C LEU B 889 -2.12 31.90 -17.81
N ALA B 890 -2.21 32.05 -16.50
CA ALA B 890 -2.32 33.37 -15.91
C ALA B 890 -1.01 34.15 -16.07
N ASP B 891 0.10 33.44 -16.19
CA ASP B 891 1.38 34.11 -16.39
C ASP B 891 1.42 34.65 -17.80
N LEU B 892 0.96 33.85 -18.76
CA LEU B 892 0.94 34.28 -20.14
C LEU B 892 -0.02 35.45 -20.29
N ALA B 893 -1.14 35.37 -19.60
CA ALA B 893 -2.15 36.40 -19.66
C ALA B 893 -1.57 37.73 -19.18
N ALA B 894 -0.87 37.68 -18.05
CA ALA B 894 -0.27 38.88 -17.51
C ALA B 894 0.71 39.46 -18.50
N LYS B 895 1.49 38.59 -19.14
CA LYS B 895 2.48 39.05 -20.12
C LYS B 895 1.83 39.66 -21.34
N ALA B 896 0.77 39.03 -21.84
CA ALA B 896 0.08 39.54 -23.02
C ALA B 896 -0.46 40.95 -22.77
N LEU B 897 -0.73 41.28 -21.51
CA LEU B 897 -1.26 42.59 -21.18
C LEU B 897 -0.27 43.71 -21.50
N GLU B 898 0.98 43.35 -21.69
CA GLU B 898 2.02 44.31 -21.99
C GLU B 898 2.51 44.17 -23.43
N SER B 899 1.74 43.46 -24.24
CA SER B 899 2.09 43.27 -25.63
C SER B 899 1.33 44.34 -26.41
N ASP B 900 1.21 44.17 -27.72
CA ASP B 900 0.46 45.13 -28.51
C ASP B 900 -0.91 44.54 -28.89
N ALA B 901 -1.40 43.61 -28.07
CA ALA B 901 -2.71 42.98 -28.30
C ALA B 901 -3.78 44.07 -28.27
N SER B 902 -4.91 43.83 -28.95
CA SER B 902 -5.97 44.82 -29.00
C SER B 902 -6.61 45.15 -27.67
N GLY B 903 -7.22 46.33 -27.61
CA GLY B 903 -7.88 46.76 -26.40
C GLY B 903 -8.89 45.73 -25.95
N ASP B 904 -9.60 45.13 -26.90
CA ASP B 904 -10.59 44.11 -26.57
C ASP B 904 -9.93 42.92 -25.89
N VAL B 905 -8.94 42.31 -26.56
CA VAL B 905 -8.22 41.18 -26.01
C VAL B 905 -7.68 41.46 -24.61
N LYS B 906 -7.08 42.63 -24.41
CA LYS B 906 -6.52 43.00 -23.12
C LYS B 906 -7.59 43.12 -22.05
N GLU B 907 -8.77 43.59 -22.46
CA GLU B 907 -9.91 43.76 -21.58
C GLU B 907 -10.37 42.39 -21.11
N ALA B 908 -10.60 41.50 -22.07
CA ALA B 908 -11.03 40.14 -21.75
C ALA B 908 -9.98 39.48 -20.88
N LEU B 909 -8.72 39.69 -21.22
CA LEU B 909 -7.59 39.13 -20.47
C LEU B 909 -7.60 39.62 -19.02
N GLN B 910 -7.85 40.91 -18.80
CA GLN B 910 -7.88 41.46 -17.46
C GLN B 910 -9.08 40.89 -16.70
N GLY B 911 -10.23 40.85 -17.37
CA GLY B 911 -11.43 40.32 -16.76
C GLY B 911 -11.25 38.87 -16.33
N TRP B 912 -10.58 38.07 -17.17
CA TRP B 912 -10.35 36.67 -16.83
C TRP B 912 -9.44 36.59 -15.62
N LEU B 913 -8.31 37.29 -15.69
CA LEU B 913 -7.37 37.28 -14.57
C LEU B 913 -8.11 37.62 -13.29
N ALA B 914 -9.01 38.60 -13.34
CA ALA B 914 -9.74 38.99 -12.15
C ALA B 914 -10.67 37.89 -11.65
N GLY B 915 -11.36 37.21 -12.56
CA GLY B 915 -12.26 36.17 -12.13
C GLY B 915 -11.85 34.74 -12.45
N LYS B 916 -10.53 34.51 -12.60
CA LYS B 916 -9.98 33.20 -12.93
C LYS B 916 -10.54 32.04 -12.10
N ASN B 917 -10.86 32.31 -10.84
CA ASN B 917 -11.38 31.28 -9.96
C ASN B 917 -12.88 31.37 -9.67
N ASP B 918 -13.57 32.23 -10.40
CA ASP B 918 -15.02 32.36 -10.25
C ASP B 918 -15.66 31.61 -11.42
N PRO B 919 -16.48 30.60 -11.15
CA PRO B 919 -17.14 29.83 -12.20
C PRO B 919 -17.80 30.72 -13.25
N ILE B 920 -18.49 31.76 -12.76
CA ILE B 920 -19.21 32.69 -13.63
C ILE B 920 -18.30 33.58 -14.49
N LYS B 921 -17.53 34.44 -13.82
CA LYS B 921 -16.65 35.37 -14.51
C LYS B 921 -15.52 34.69 -15.29
N SER B 922 -15.04 33.54 -14.83
CA SER B 922 -13.98 32.87 -15.59
C SER B 922 -14.53 32.45 -16.94
N LYS B 923 -15.74 31.90 -16.94
CA LYS B 923 -16.33 31.46 -18.20
C LYS B 923 -16.71 32.66 -19.07
N GLU B 924 -17.25 33.69 -18.43
CA GLU B 924 -17.66 34.89 -19.15
C GLU B 924 -16.52 35.51 -19.97
N TYR B 925 -15.37 35.72 -19.34
CA TYR B 925 -14.25 36.29 -20.07
C TYR B 925 -13.56 35.23 -20.92
N GLY B 926 -13.59 33.99 -20.45
CA GLY B 926 -12.99 32.93 -21.21
C GLY B 926 -13.66 32.82 -22.57
N ASP B 927 -14.99 32.88 -22.58
CA ASP B 927 -15.71 32.79 -23.83
C ASP B 927 -15.40 33.98 -24.76
N LYS B 928 -15.31 35.18 -24.20
CA LYS B 928 -14.96 36.34 -25.00
C LYS B 928 -13.58 36.08 -25.60
N LEU B 929 -12.68 35.53 -24.79
CA LEU B 929 -11.34 35.22 -25.25
C LEU B 929 -11.38 34.20 -26.39
N LYS B 930 -12.26 33.21 -26.30
CA LYS B 930 -12.37 32.19 -27.33
C LYS B 930 -12.76 32.78 -28.69
N LYS B 931 -13.58 33.82 -28.69
CA LYS B 931 -13.96 34.42 -29.96
C LYS B 931 -12.85 35.38 -30.42
N LEU B 932 -12.32 36.16 -29.50
CA LEU B 932 -11.28 37.13 -29.83
C LEU B 932 -9.96 36.54 -30.34
N LEU B 933 -9.64 35.31 -29.94
CA LEU B 933 -8.39 34.70 -30.36
C LEU B 933 -8.55 33.56 -31.34
N ALA B 934 -9.78 33.26 -31.75
CA ALA B 934 -9.98 32.16 -32.69
C ALA B 934 -9.07 32.34 -33.91
N GLY B 935 -8.33 31.29 -34.26
CA GLY B 935 -7.43 31.40 -35.40
C GLY B 935 -6.01 31.70 -35.01
N GLN B 936 -5.83 32.47 -33.94
CA GLN B 936 -4.50 32.83 -33.46
C GLN B 936 -3.65 31.58 -33.27
N LYS B 937 -2.40 31.64 -33.73
CA LYS B 937 -1.48 30.51 -33.63
C LYS B 937 -0.06 30.93 -33.24
N ASP B 938 0.27 32.19 -33.43
CA ASP B 938 1.61 32.67 -33.14
C ASP B 938 1.80 33.38 -31.81
N GLY B 939 3.02 33.29 -31.28
CA GLY B 939 3.37 33.93 -30.03
C GLY B 939 2.43 33.77 -28.86
N LEU B 940 2.57 34.67 -27.88
CA LEU B 940 1.73 34.67 -26.68
C LEU B 940 0.27 34.41 -26.94
N LEU B 941 -0.37 35.28 -27.72
CA LEU B 941 -1.79 35.12 -28.00
C LEU B 941 -2.07 33.70 -28.50
N GLY B 942 -1.13 33.14 -29.25
CA GLY B 942 -1.29 31.78 -29.76
C GLY B 942 -1.35 30.77 -28.63
N GLN B 943 -0.40 30.87 -27.69
CA GLN B 943 -0.36 29.95 -26.57
C GLN B 943 -1.60 30.06 -25.72
N ILE B 944 -2.06 31.29 -25.49
CA ILE B 944 -3.25 31.55 -24.69
C ILE B 944 -4.43 30.87 -25.37
N ALA B 945 -4.50 31.00 -26.69
CA ALA B 945 -5.57 30.42 -27.49
C ALA B 945 -5.61 28.89 -27.34
N ALA B 946 -4.45 28.27 -27.37
CA ALA B 946 -4.36 26.82 -27.26
C ALA B 946 -4.75 26.29 -25.88
N MET B 947 -4.91 27.19 -24.91
CA MET B 947 -5.26 26.79 -23.54
C MET B 947 -6.70 27.15 -23.15
N SER B 948 -7.58 27.27 -24.13
CA SER B 948 -8.97 27.63 -23.84
C SER B 948 -9.74 26.60 -22.99
N ASP B 949 -9.30 25.34 -22.99
CA ASP B 949 -10.00 24.35 -22.18
C ASP B 949 -9.65 24.52 -20.69
N LEU B 950 -8.88 25.57 -20.39
CA LEU B 950 -8.50 25.86 -19.01
C LEU B 950 -9.09 27.19 -18.55
N TYR B 951 -9.71 27.91 -19.48
CA TYR B 951 -10.31 29.20 -19.16
C TYR B 951 -11.26 29.15 -17.97
N THR B 952 -12.33 28.38 -18.07
CA THR B 952 -13.27 28.39 -16.94
C THR B 952 -12.88 27.50 -15.78
N LYS B 953 -13.06 28.05 -14.58
CA LYS B 953 -12.77 27.35 -13.34
C LYS B 953 -13.43 25.97 -13.33
N LYS B 954 -12.64 24.95 -12.99
CA LYS B 954 -13.12 23.58 -12.97
C LYS B 954 -13.54 23.17 -11.56
N SER B 955 -14.35 22.12 -11.48
CA SER B 955 -14.81 21.63 -10.19
C SER B 955 -14.29 20.20 -10.03
N VAL B 956 -13.37 20.02 -9.08
CA VAL B 956 -12.77 18.70 -8.88
C VAL B 956 -13.52 17.93 -7.84
N TRP B 957 -14.06 16.80 -8.25
CA TRP B 957 -14.83 15.95 -7.35
C TRP B 957 -14.27 14.56 -7.17
N ILE B 958 -14.34 14.08 -5.93
CA ILE B 958 -13.88 12.73 -5.62
C ILE B 958 -15.10 11.97 -5.13
N PHE B 959 -15.46 10.91 -5.85
CA PHE B 959 -16.61 10.07 -5.48
C PHE B 959 -16.11 8.77 -4.87
N GLY B 960 -16.88 8.24 -3.93
CA GLY B 960 -16.52 6.98 -3.32
C GLY B 960 -17.54 6.57 -2.28
N GLY B 961 -17.60 5.27 -2.01
CA GLY B 961 -18.52 4.76 -1.02
C GLY B 961 -17.95 4.84 0.39
N ASP B 962 -18.67 4.29 1.36
CA ASP B 962 -18.23 4.34 2.75
C ASP B 962 -17.01 3.46 3.02
N GLY B 963 -16.93 2.32 2.32
CA GLY B 963 -15.79 1.44 2.48
C GLY B 963 -14.52 2.19 2.15
N TRP B 964 -14.55 2.89 1.02
CA TRP B 964 -13.41 3.69 0.58
C TRP B 964 -13.09 4.79 1.59
N ALA B 965 -14.09 5.61 1.92
CA ALA B 965 -13.89 6.75 2.82
C ALA B 965 -13.58 6.47 4.28
N TYR B 966 -14.23 5.48 4.88
CA TYR B 966 -14.02 5.14 6.28
C TYR B 966 -12.88 4.13 6.49
N ASP B 967 -12.58 3.33 5.46
CA ASP B 967 -11.54 2.32 5.62
C ASP B 967 -10.30 2.44 4.74
N ILE B 968 -10.26 1.71 3.63
CA ILE B 968 -9.10 1.68 2.76
C ILE B 968 -8.52 3.01 2.31
N GLY B 969 -9.38 3.93 1.87
CA GLY B 969 -8.90 5.23 1.41
C GLY B 969 -8.93 6.35 2.44
N TYR B 970 -9.26 6.04 3.69
CA TYR B 970 -9.33 7.05 4.75
C TYR B 970 -8.03 7.85 4.98
N GLY B 971 -6.91 7.16 5.07
CA GLY B 971 -5.64 7.86 5.27
C GLY B 971 -5.39 8.89 4.18
N GLY B 972 -5.77 8.52 2.95
CA GLY B 972 -5.59 9.44 1.83
C GLY B 972 -6.60 10.57 1.91
N LEU B 973 -7.85 10.22 2.22
CA LEU B 973 -8.92 11.21 2.29
C LEU B 973 -8.58 12.23 3.37
N ASP B 974 -8.17 11.73 4.52
CA ASP B 974 -7.80 12.58 5.64
C ASP B 974 -6.70 13.56 5.22
N HIS B 975 -5.65 13.04 4.60
CA HIS B 975 -4.53 13.88 4.17
C HIS B 975 -4.90 14.93 3.13
N VAL B 976 -5.73 14.55 2.17
CA VAL B 976 -6.16 15.48 1.14
C VAL B 976 -7.07 16.58 1.72
N LEU B 977 -7.92 16.22 2.67
CA LEU B 977 -8.80 17.23 3.26
C LEU B 977 -7.95 18.20 4.07
N ALA B 978 -6.89 17.69 4.69
CA ALA B 978 -6.00 18.52 5.49
C ALA B 978 -5.10 19.43 4.65
N SER B 979 -5.00 19.15 3.35
CA SER B 979 -4.15 19.93 2.46
C SER B 979 -4.63 21.35 2.31
N GLY B 980 -5.93 21.56 2.50
CA GLY B 980 -6.51 22.88 2.38
C GLY B 980 -6.85 23.29 0.96
N GLU B 981 -6.62 22.43 -0.01
CA GLU B 981 -6.90 22.79 -1.38
C GLU B 981 -8.36 22.65 -1.75
N ASP B 982 -8.74 23.30 -2.84
CA ASP B 982 -10.12 23.31 -3.33
C ASP B 982 -10.54 22.05 -4.09
N VAL B 983 -11.04 21.06 -3.36
CA VAL B 983 -11.53 19.83 -3.93
C VAL B 983 -12.79 19.45 -3.13
N ASN B 984 -13.67 18.68 -3.75
CA ASN B 984 -14.92 18.27 -3.15
C ASN B 984 -15.04 16.77 -3.08
N VAL B 985 -15.34 16.24 -1.90
CA VAL B 985 -15.52 14.80 -1.82
C VAL B 985 -16.93 14.45 -1.42
N PHE B 986 -17.52 13.56 -2.19
CA PHE B 986 -18.89 13.13 -1.97
C PHE B 986 -18.92 11.65 -1.64
N VAL B 987 -19.32 11.34 -0.41
CA VAL B 987 -19.38 9.97 0.03
C VAL B 987 -20.80 9.43 0.04
N MET B 988 -21.02 8.35 -0.71
CA MET B 988 -22.32 7.69 -0.74
C MET B 988 -22.15 6.59 0.31
N ASP B 989 -22.80 6.78 1.44
CA ASP B 989 -22.72 5.87 2.57
C ASP B 989 -23.83 4.82 2.53
N THR B 990 -23.48 3.56 2.20
CA THR B 990 -24.47 2.49 2.20
C THR B 990 -24.30 1.70 3.50
N GLU B 991 -23.34 2.14 4.31
CA GLU B 991 -23.04 1.52 5.60
C GLU B 991 -22.64 0.04 5.44
N VAL B 992 -21.97 -0.25 4.32
CA VAL B 992 -21.52 -1.59 4.02
C VAL B 992 -20.72 -1.54 2.71
N TYR B 993 -19.88 -2.57 2.48
CA TYR B 993 -19.12 -2.67 1.23
C TYR B 993 -20.17 -3.31 0.33
N SER B 994 -20.85 -2.51 -0.49
CA SER B 994 -21.91 -3.08 -1.32
C SER B 994 -21.50 -3.96 -2.49
N ASN B 995 -20.85 -3.37 -3.48
CA ASN B 995 -20.47 -4.08 -4.69
C ASN B 995 -19.84 -5.47 -4.54
N THR B 996 -18.91 -5.64 -3.60
CA THR B 996 -18.24 -6.93 -3.41
C THR B 996 -19.05 -7.98 -2.64
N GLY B 997 -20.23 -7.62 -2.14
CA GLY B 997 -21.04 -8.60 -1.45
C GLY B 997 -21.58 -8.34 -0.04
N GLY B 998 -21.62 -7.08 0.39
CA GLY B 998 -22.17 -6.79 1.70
C GLY B 998 -21.30 -7.02 2.93
N GLN B 999 -20.01 -6.74 2.85
CA GLN B 999 -19.13 -6.91 3.99
C GLN B 999 -19.19 -5.67 4.87
N SER B 1000 -18.97 -5.85 6.17
CA SER B 1000 -18.96 -4.77 7.13
C SER B 1000 -17.83 -3.77 6.89
N SER B 1001 -18.09 -2.50 7.21
CA SER B 1001 -17.07 -1.45 7.09
C SER B 1001 -17.19 -0.67 8.39
N LYS B 1002 -16.27 0.23 8.66
CA LYS B 1002 -16.40 0.96 9.91
C LYS B 1002 -17.62 1.88 9.87
N ALA B 1003 -18.27 1.97 8.72
CA ALA B 1003 -19.46 2.80 8.56
C ALA B 1003 -20.72 1.99 8.91
N THR B 1004 -20.56 0.68 9.05
CA THR B 1004 -21.67 -0.20 9.42
C THR B 1004 -22.03 0.13 10.88
N PRO B 1005 -23.33 0.31 11.18
CA PRO B 1005 -23.80 0.65 12.53
C PRO B 1005 -23.91 -0.53 13.48
N THR B 1006 -24.01 -0.21 14.76
CA THR B 1006 -24.17 -1.19 15.83
C THR B 1006 -25.37 -2.11 15.55
N GLY B 1007 -25.18 -3.41 15.69
CA GLY B 1007 -26.27 -4.36 15.49
C GLY B 1007 -26.70 -4.73 14.08
N ALA B 1008 -26.08 -4.13 13.07
CA ALA B 1008 -26.41 -4.45 11.68
C ALA B 1008 -25.71 -5.75 11.30
N VAL B 1009 -26.41 -6.63 10.61
CA VAL B 1009 -25.83 -7.89 10.17
C VAL B 1009 -25.18 -7.69 8.80
N ALA B 1010 -23.94 -8.14 8.65
CA ALA B 1010 -23.19 -8.02 7.39
C ALA B 1010 -22.06 -9.05 7.44
N LYS B 1011 -21.46 -9.38 6.30
CA LYS B 1011 -20.36 -10.35 6.33
C LYS B 1011 -19.33 -9.81 7.32
N PHE B 1012 -18.83 -10.68 8.21
CA PHE B 1012 -17.85 -10.31 9.24
C PHE B 1012 -18.49 -9.52 10.40
N ALA B 1013 -19.83 -9.58 10.42
CA ALA B 1013 -20.67 -8.98 11.44
C ALA B 1013 -21.94 -9.83 11.40
N ALA B 1014 -21.73 -11.15 11.36
CA ALA B 1014 -22.80 -12.15 11.28
C ALA B 1014 -23.68 -12.35 12.54
N ALA B 1015 -23.39 -11.60 13.60
CA ALA B 1015 -24.19 -11.68 14.81
C ALA B 1015 -24.54 -10.25 15.18
N GLY B 1016 -24.38 -9.35 14.20
CA GLY B 1016 -24.63 -7.94 14.41
C GLY B 1016 -23.30 -7.31 14.77
N LYS B 1017 -22.95 -6.19 14.14
CA LYS B 1017 -21.67 -5.52 14.42
C LYS B 1017 -21.65 -5.08 15.89
N ARG B 1018 -20.54 -5.36 16.57
CA ARG B 1018 -20.43 -5.05 17.99
C ARG B 1018 -19.63 -3.80 18.35
N THR B 1019 -19.36 -2.97 17.36
CA THR B 1019 -18.68 -1.69 17.54
C THR B 1019 -19.59 -0.74 16.77
N GLY B 1020 -19.65 0.51 17.21
CA GLY B 1020 -20.51 1.48 16.55
C GLY B 1020 -19.92 2.11 15.31
N LYS B 1021 -20.75 2.86 14.60
CA LYS B 1021 -20.34 3.56 13.39
C LYS B 1021 -19.21 4.54 13.69
N LYS B 1022 -18.17 4.51 12.87
CA LYS B 1022 -17.06 5.44 13.03
C LYS B 1022 -17.66 6.80 12.70
N ASP B 1023 -17.33 7.83 13.48
CA ASP B 1023 -17.88 9.15 13.19
C ASP B 1023 -16.93 9.95 12.29
N LEU B 1024 -16.91 9.62 11.02
CA LEU B 1024 -16.05 10.31 10.06
C LEU B 1024 -16.25 11.84 10.07
N ALA B 1025 -17.51 12.26 10.09
CA ALA B 1025 -17.85 13.68 10.07
C ALA B 1025 -17.24 14.48 11.22
N ARG B 1026 -17.49 14.04 12.46
CA ARG B 1026 -16.94 14.77 13.59
C ARG B 1026 -15.42 14.70 13.55
N MET B 1027 -14.88 13.62 12.99
CA MET B 1027 -13.43 13.53 12.91
C MET B 1027 -12.83 14.60 11.98
N VAL B 1028 -13.38 14.79 10.78
CA VAL B 1028 -12.76 15.80 9.94
C VAL B 1028 -13.17 17.22 10.33
N MET B 1029 -14.22 17.35 11.15
CA MET B 1029 -14.65 18.66 11.61
C MET B 1029 -13.65 19.23 12.61
N THR B 1030 -12.74 18.40 13.13
CA THR B 1030 -11.74 18.89 14.10
C THR B 1030 -10.67 19.79 13.46
N TYR B 1031 -10.51 19.72 12.15
CA TYR B 1031 -9.53 20.56 11.47
C TYR B 1031 -9.95 22.03 11.56
N GLY B 1032 -11.25 22.27 11.35
CA GLY B 1032 -11.77 23.63 11.42
C GLY B 1032 -11.82 24.34 10.09
N TYR B 1033 -10.94 23.97 9.16
CA TYR B 1033 -10.91 24.62 7.86
C TYR B 1033 -11.45 23.77 6.71
N VAL B 1034 -12.16 22.70 7.05
CA VAL B 1034 -12.76 21.82 6.04
C VAL B 1034 -14.27 21.95 6.11
N TYR B 1035 -14.91 22.14 4.98
CA TYR B 1035 -16.37 22.23 4.98
C TYR B 1035 -16.90 20.80 5.09
N VAL B 1036 -17.77 20.55 6.07
CA VAL B 1036 -18.36 19.24 6.28
C VAL B 1036 -19.88 19.29 6.38
N ALA B 1037 -20.55 18.35 5.71
CA ALA B 1037 -22.01 18.30 5.73
C ALA B 1037 -22.52 16.87 5.52
N THR B 1038 -23.74 16.62 5.99
CA THR B 1038 -24.36 15.33 5.81
C THR B 1038 -25.69 15.64 5.15
N VAL B 1039 -26.15 14.73 4.29
CA VAL B 1039 -27.40 14.94 3.59
C VAL B 1039 -28.22 13.64 3.52
N SER B 1040 -29.47 13.77 3.09
CA SER B 1040 -30.41 12.67 2.94
C SER B 1040 -31.54 13.20 2.08
N MET B 1041 -31.49 12.87 0.79
CA MET B 1041 -32.45 13.33 -0.18
C MET B 1041 -33.91 13.23 0.25
N GLY B 1042 -34.30 12.06 0.75
CA GLY B 1042 -35.67 11.82 1.16
C GLY B 1042 -36.21 12.71 2.27
N TYR B 1043 -35.34 13.22 3.11
CA TYR B 1043 -35.76 14.09 4.19
C TYR B 1043 -35.89 15.52 3.68
N SER B 1044 -34.92 15.95 2.86
CA SER B 1044 -34.95 17.30 2.32
C SER B 1044 -34.12 17.47 1.05
N LYS B 1045 -34.79 17.71 -0.08
CA LYS B 1045 -34.08 17.91 -1.33
C LYS B 1045 -33.47 19.30 -1.34
N GLN B 1046 -34.15 20.23 -0.69
CA GLN B 1046 -33.69 21.61 -0.63
C GLN B 1046 -32.35 21.69 0.13
N GLN B 1047 -32.27 21.01 1.28
CA GLN B 1047 -31.05 21.01 2.09
C GLN B 1047 -29.90 20.36 1.33
N PHE B 1048 -30.22 19.39 0.47
CA PHE B 1048 -29.20 18.72 -0.31
C PHE B 1048 -28.63 19.72 -1.32
N LEU B 1049 -29.50 20.44 -2.02
CA LEU B 1049 -29.04 21.41 -3.00
C LEU B 1049 -28.17 22.49 -2.36
N LYS B 1050 -28.61 23.00 -1.21
CA LYS B 1050 -27.90 24.05 -0.48
C LYS B 1050 -26.48 23.57 -0.12
N VAL B 1051 -26.38 22.35 0.38
CA VAL B 1051 -25.09 21.77 0.72
C VAL B 1051 -24.20 21.69 -0.53
N LEU B 1052 -24.75 21.24 -1.66
CA LEU B 1052 -23.94 21.13 -2.88
C LEU B 1052 -23.34 22.52 -3.19
N LYS B 1053 -24.21 23.52 -3.28
CA LYS B 1053 -23.80 24.90 -3.54
C LYS B 1053 -22.71 25.39 -2.56
N GLU B 1054 -22.90 25.19 -1.26
CA GLU B 1054 -21.93 25.65 -0.24
C GLU B 1054 -20.61 24.86 -0.26
N ALA B 1055 -20.70 23.56 -0.44
CA ALA B 1055 -19.51 22.73 -0.47
C ALA B 1055 -18.64 23.08 -1.68
N GLU B 1056 -19.25 23.11 -2.87
CA GLU B 1056 -18.52 23.42 -4.09
C GLU B 1056 -17.92 24.83 -4.09
N SER B 1057 -18.70 25.83 -3.65
CA SER B 1057 -18.22 27.22 -3.61
C SER B 1057 -17.16 27.46 -2.54
N PHE B 1058 -17.10 26.60 -1.53
CA PHE B 1058 -16.11 26.77 -0.48
C PHE B 1058 -14.72 26.71 -1.09
N PRO B 1059 -13.94 27.80 -1.02
CA PRO B 1059 -12.58 27.80 -1.60
C PRO B 1059 -11.62 27.00 -0.73
N GLY B 1060 -11.86 25.71 -0.64
CA GLY B 1060 -11.02 24.86 0.19
C GLY B 1060 -11.62 23.47 0.17
N PRO B 1061 -11.18 22.58 1.06
CA PRO B 1061 -11.73 21.22 1.08
C PRO B 1061 -13.17 21.07 1.60
N SER B 1062 -13.92 20.22 0.91
CA SER B 1062 -15.32 19.92 1.21
C SER B 1062 -15.58 18.44 1.32
N LEU B 1063 -16.36 18.06 2.34
CA LEU B 1063 -16.73 16.66 2.59
C LEU B 1063 -18.24 16.58 2.73
N VAL B 1064 -18.87 15.78 1.89
CA VAL B 1064 -20.31 15.63 1.94
C VAL B 1064 -20.63 14.15 2.02
N ILE B 1065 -21.40 13.75 3.04
CA ILE B 1065 -21.77 12.35 3.22
C ILE B 1065 -23.28 12.20 3.10
N ALA B 1066 -23.72 11.38 2.15
CA ALA B 1066 -25.14 11.16 1.92
C ALA B 1066 -25.58 9.78 2.35
N TYR B 1067 -26.82 9.66 2.80
CA TYR B 1067 -27.35 8.35 3.19
C TYR B 1067 -27.85 7.72 1.90
N ALA B 1068 -27.30 6.57 1.55
CA ALA B 1068 -27.73 5.90 0.33
C ALA B 1068 -28.30 4.53 0.68
N THR B 1069 -29.54 4.31 0.29
CA THR B 1069 -30.19 3.05 0.54
C THR B 1069 -29.52 2.05 -0.39
N CYS B 1070 -29.70 0.76 -0.11
CA CYS B 1070 -29.05 -0.26 -0.92
C CYS B 1070 -29.72 -1.61 -0.70
N ILE B 1071 -29.77 -2.43 -1.75
CA ILE B 1071 -30.38 -3.76 -1.65
C ILE B 1071 -29.77 -4.57 -0.50
N ASN B 1072 -28.48 -4.40 -0.22
CA ASN B 1072 -27.86 -5.16 0.88
C ASN B 1072 -28.57 -4.92 2.22
N GLN B 1073 -29.16 -3.74 2.38
CA GLN B 1073 -29.85 -3.37 3.61
C GLN B 1073 -31.16 -4.11 3.86
N GLY B 1074 -31.77 -4.60 2.78
CA GLY B 1074 -33.01 -5.34 2.91
C GLY B 1074 -34.26 -4.56 3.29
N LEU B 1075 -34.53 -3.45 2.61
CA LEU B 1075 -35.73 -2.68 2.91
C LEU B 1075 -36.92 -3.63 2.68
N ARG B 1076 -37.66 -3.89 3.75
CA ARG B 1076 -38.81 -4.80 3.77
C ARG B 1076 -39.94 -4.58 2.79
N LYS B 1077 -40.18 -3.34 2.37
CA LYS B 1077 -41.27 -3.06 1.44
C LYS B 1077 -40.80 -2.67 0.03
N GLY B 1078 -39.49 -2.80 -0.22
CA GLY B 1078 -38.96 -2.48 -1.53
C GLY B 1078 -38.09 -1.23 -1.60
N MET B 1079 -37.21 -1.19 -2.60
CA MET B 1079 -36.31 -0.05 -2.78
C MET B 1079 -37.09 1.18 -3.23
N GLY B 1080 -38.35 0.96 -3.62
CA GLY B 1080 -39.20 2.07 -4.03
C GLY B 1080 -39.57 2.93 -2.82
N LYS B 1081 -39.12 2.49 -1.64
CA LYS B 1081 -39.36 3.21 -0.39
C LYS B 1081 -38.07 3.91 0.06
N SER B 1082 -37.05 3.90 -0.79
CA SER B 1082 -35.78 4.53 -0.45
C SER B 1082 -35.98 5.97 0.05
N GLN B 1083 -36.66 6.80 -0.74
CA GLN B 1083 -36.87 8.18 -0.32
C GLN B 1083 -37.55 8.23 1.05
N ASP B 1084 -38.57 7.41 1.26
CA ASP B 1084 -39.23 7.41 2.55
C ASP B 1084 -38.26 6.94 3.65
N VAL B 1085 -37.47 5.90 3.35
CA VAL B 1085 -36.52 5.40 4.34
C VAL B 1085 -35.46 6.48 4.65
N MET B 1086 -35.00 7.18 3.62
CA MET B 1086 -34.02 8.25 3.84
C MET B 1086 -34.64 9.34 4.74
N ASN B 1087 -35.93 9.57 4.56
CA ASN B 1087 -36.66 10.57 5.35
C ASN B 1087 -36.70 10.14 6.83
N THR B 1088 -37.09 8.89 7.08
CA THR B 1088 -37.16 8.36 8.44
C THR B 1088 -35.79 8.26 9.08
N ALA B 1089 -34.77 8.01 8.25
CA ALA B 1089 -33.40 7.89 8.73
C ALA B 1089 -33.06 9.14 9.53
N VAL B 1090 -33.53 10.29 9.04
CA VAL B 1090 -33.29 11.57 9.68
C VAL B 1090 -34.28 11.87 10.82
N LYS B 1091 -35.57 11.72 10.53
CA LYS B 1091 -36.58 12.00 11.54
C LYS B 1091 -36.37 11.20 12.81
N SER B 1092 -35.90 9.97 12.66
CA SER B 1092 -35.64 9.07 13.78
C SER B 1092 -34.41 9.51 14.57
N GLY B 1093 -33.60 10.38 13.97
CA GLY B 1093 -32.40 10.84 14.63
C GLY B 1093 -31.23 9.92 14.30
N TYR B 1094 -31.51 8.87 13.54
CA TYR B 1094 -30.49 7.90 13.16
C TYR B 1094 -29.40 8.59 12.34
N TRP B 1095 -29.83 9.39 11.36
CA TRP B 1095 -28.92 10.10 10.47
C TRP B 1095 -29.22 11.59 10.47
N PRO B 1096 -28.76 12.31 11.51
CA PRO B 1096 -28.99 13.75 11.59
C PRO B 1096 -28.23 14.55 10.55
N LEU B 1097 -28.88 15.56 9.98
CA LEU B 1097 -28.26 16.42 8.98
C LEU B 1097 -27.66 17.69 9.60
N PHE B 1098 -26.51 18.10 9.10
CA PHE B 1098 -25.87 19.31 9.61
C PHE B 1098 -24.84 19.88 8.64
N ARG B 1099 -24.39 21.10 8.90
CA ARG B 1099 -23.41 21.77 8.07
C ARG B 1099 -22.39 22.48 8.92
N TYR B 1100 -21.12 22.26 8.58
CA TYR B 1100 -20.00 22.89 9.27
C TYR B 1100 -19.34 23.76 8.20
N ASP B 1101 -19.53 25.08 8.26
CA ASP B 1101 -18.97 25.97 7.25
C ASP B 1101 -17.94 26.92 7.84
N PRO B 1102 -16.64 26.68 7.56
CA PRO B 1102 -15.56 27.52 8.07
C PRO B 1102 -15.68 29.02 7.81
N ARG B 1103 -16.28 29.42 6.71
CA ARG B 1103 -16.35 30.85 6.46
C ARG B 1103 -17.33 31.59 7.38
N LEU B 1104 -18.20 30.88 8.10
CA LEU B 1104 -19.11 31.56 9.02
C LEU B 1104 -18.25 31.96 10.21
N ALA B 1105 -17.32 31.08 10.57
CA ALA B 1105 -16.43 31.34 11.68
C ALA B 1105 -15.56 32.56 11.38
N ALA B 1106 -15.26 32.80 10.11
CA ALA B 1106 -14.45 33.96 9.77
C ALA B 1106 -15.28 35.22 10.00
N GLN B 1107 -16.61 35.06 9.98
CA GLN B 1107 -17.54 36.16 10.17
C GLN B 1107 -17.92 36.30 11.65
N GLY B 1108 -17.29 35.49 12.49
CA GLY B 1108 -17.60 35.53 13.91
C GLY B 1108 -18.87 34.80 14.27
N LYS B 1109 -19.38 33.97 13.35
CA LYS B 1109 -20.59 33.19 13.58
C LYS B 1109 -20.19 31.73 13.81
N ASN B 1110 -21.08 30.94 14.41
CA ASN B 1110 -20.77 29.53 14.66
C ASN B 1110 -20.75 28.80 13.34
N PRO B 1111 -19.62 28.15 13.01
CA PRO B 1111 -19.51 27.40 11.76
C PRO B 1111 -20.47 26.21 11.67
N PHE B 1112 -20.80 25.63 12.83
CA PHE B 1112 -21.68 24.47 12.87
C PHE B 1112 -23.18 24.75 12.99
N GLN B 1113 -23.96 24.28 12.02
CA GLN B 1113 -25.41 24.47 12.04
C GLN B 1113 -26.10 23.10 11.94
N LEU B 1114 -27.05 22.84 12.85
CA LEU B 1114 -27.83 21.59 12.85
C LEU B 1114 -29.01 21.81 11.91
N ASP B 1115 -29.22 20.92 10.94
CA ASP B 1115 -30.32 21.07 10.00
C ASP B 1115 -31.53 20.18 10.23
N SER B 1116 -31.41 19.20 11.11
CA SER B 1116 -32.56 18.33 11.37
C SER B 1116 -32.96 18.43 12.84
N LYS B 1117 -34.02 17.73 13.23
CA LYS B 1117 -34.52 17.81 14.59
C LYS B 1117 -34.21 16.63 15.50
N ALA B 1118 -34.48 16.81 16.79
CA ALA B 1118 -34.25 15.79 17.81
C ALA B 1118 -34.95 14.47 17.48
N PRO B 1119 -34.32 13.34 17.82
CA PRO B 1119 -34.90 12.02 17.55
C PRO B 1119 -36.42 12.03 17.83
N ASP B 1120 -37.21 11.55 16.87
CA ASP B 1120 -38.66 11.57 17.05
C ASP B 1120 -39.24 10.29 17.65
N GLY B 1121 -38.37 9.35 18.01
CA GLY B 1121 -38.82 8.11 18.61
C GLY B 1121 -39.18 6.96 17.69
N SER B 1122 -38.93 7.09 16.39
CA SER B 1122 -39.28 6.01 15.48
C SER B 1122 -38.12 5.13 15.04
N VAL B 1123 -36.98 5.20 15.74
CA VAL B 1123 -35.86 4.37 15.30
C VAL B 1123 -36.18 2.88 15.22
N GLU B 1124 -36.83 2.38 16.26
CA GLU B 1124 -37.18 0.97 16.34
C GLU B 1124 -37.88 0.47 15.08
N GLU B 1125 -38.93 1.17 14.64
CA GLU B 1125 -39.63 0.74 13.45
C GLU B 1125 -38.71 0.95 12.25
N PHE B 1126 -37.85 1.95 12.31
CA PHE B 1126 -36.89 2.22 11.24
C PHE B 1126 -35.94 1.01 11.08
N LEU B 1127 -35.36 0.56 12.18
CA LEU B 1127 -34.44 -0.58 12.16
C LEU B 1127 -35.15 -1.87 11.75
N MET B 1128 -36.26 -2.18 12.42
CA MET B 1128 -37.01 -3.40 12.13
C MET B 1128 -37.57 -3.48 10.72
N ALA B 1129 -37.60 -2.35 10.01
CA ALA B 1129 -38.09 -2.36 8.63
C ALA B 1129 -36.98 -2.73 7.65
N GLN B 1130 -35.80 -3.06 8.17
CA GLN B 1130 -34.67 -3.45 7.34
C GLN B 1130 -34.14 -4.83 7.72
N ASN B 1131 -34.04 -5.72 6.76
CA ASN B 1131 -33.60 -7.06 7.09
C ASN B 1131 -32.23 -7.12 7.77
N ARG B 1132 -31.34 -6.17 7.45
CA ARG B 1132 -30.03 -6.17 8.07
C ARG B 1132 -30.12 -6.09 9.59
N PHE B 1133 -31.30 -5.67 10.10
CA PHE B 1133 -31.52 -5.60 11.54
C PHE B 1133 -32.52 -6.69 11.94
N ALA B 1134 -33.55 -6.84 11.13
CA ALA B 1134 -34.60 -7.82 11.35
C ALA B 1134 -34.15 -9.28 11.45
N VAL B 1135 -33.20 -9.72 10.60
CA VAL B 1135 -32.76 -11.12 10.71
C VAL B 1135 -32.19 -11.37 12.08
N LEU B 1136 -31.46 -10.40 12.61
CA LEU B 1136 -30.85 -10.57 13.91
C LEU B 1136 -31.97 -10.82 14.91
N ASP B 1137 -33.04 -10.05 14.78
CA ASP B 1137 -34.15 -10.21 15.71
C ASP B 1137 -34.74 -11.60 15.62
N ARG B 1138 -34.91 -12.09 14.41
CA ARG B 1138 -35.49 -13.41 14.22
C ARG B 1138 -34.61 -14.55 14.70
N SER B 1139 -33.28 -14.36 14.67
CA SER B 1139 -32.36 -15.41 15.09
C SER B 1139 -31.83 -15.27 16.51
N PHE B 1140 -31.53 -14.06 16.94
CA PHE B 1140 -31.01 -13.82 18.29
C PHE B 1140 -31.77 -12.67 18.94
N PRO B 1141 -33.04 -12.91 19.31
CA PRO B 1141 -33.94 -11.94 19.95
C PRO B 1141 -33.31 -11.11 21.05
N GLU B 1142 -32.76 -11.80 22.05
CA GLU B 1142 -32.18 -11.14 23.20
C GLU B 1142 -31.08 -10.15 22.82
N ASP B 1143 -30.06 -10.62 22.10
CA ASP B 1143 -28.96 -9.76 21.68
C ASP B 1143 -29.46 -8.61 20.80
N ALA B 1144 -30.38 -8.90 19.89
CA ALA B 1144 -30.90 -7.90 18.98
C ALA B 1144 -31.62 -6.74 19.69
N LYS B 1145 -32.43 -7.04 20.70
CA LYS B 1145 -33.15 -6.00 21.41
C LYS B 1145 -32.14 -5.11 22.14
N ARG B 1146 -31.11 -5.74 22.69
CA ARG B 1146 -30.05 -5.00 23.37
C ARG B 1146 -29.35 -4.07 22.40
N LEU B 1147 -29.02 -4.61 21.22
CA LEU B 1147 -28.31 -3.83 20.20
C LEU B 1147 -29.16 -2.74 19.58
N ARG B 1148 -30.46 -2.97 19.44
CA ARG B 1148 -31.31 -1.92 18.89
C ARG B 1148 -31.51 -0.84 19.96
N ALA B 1149 -31.50 -1.25 21.22
CA ALA B 1149 -31.64 -0.30 22.31
C ALA B 1149 -30.34 0.49 22.35
N GLN B 1150 -29.23 -0.19 22.13
CA GLN B 1150 -27.94 0.49 22.13
C GLN B 1150 -27.87 1.55 21.03
N VAL B 1151 -28.42 1.25 19.85
CA VAL B 1151 -28.42 2.22 18.75
C VAL B 1151 -29.24 3.46 19.13
N ALA B 1152 -30.39 3.27 19.77
CA ALA B 1152 -31.22 4.39 20.18
C ALA B 1152 -30.47 5.23 21.20
N HIS B 1153 -29.62 4.59 21.98
CA HIS B 1153 -28.87 5.33 22.97
C HIS B 1153 -27.80 6.16 22.30
N GLU B 1154 -27.03 5.53 21.42
CA GLU B 1154 -25.95 6.22 20.68
C GLU B 1154 -26.42 7.48 19.96
N LEU B 1155 -27.47 7.34 19.17
CA LEU B 1155 -27.97 8.48 18.41
C LEU B 1155 -28.51 9.54 19.34
N ASP B 1156 -28.95 9.13 20.53
CA ASP B 1156 -29.49 10.08 21.49
C ASP B 1156 -28.36 10.98 21.98
N VAL B 1157 -27.26 10.36 22.36
CA VAL B 1157 -26.08 11.06 22.86
C VAL B 1157 -25.47 11.92 21.75
N ARG B 1158 -25.34 11.36 20.55
CA ARG B 1158 -24.76 12.09 19.42
C ARG B 1158 -25.55 13.37 19.16
N PHE B 1159 -26.87 13.24 19.06
CA PHE B 1159 -27.70 14.40 18.81
C PHE B 1159 -27.50 15.50 19.86
N LYS B 1160 -27.46 15.11 21.13
CA LYS B 1160 -27.23 16.09 22.20
C LYS B 1160 -25.89 16.79 22.00
N GLU B 1161 -24.89 16.04 21.53
CA GLU B 1161 -23.57 16.59 21.30
C GLU B 1161 -23.60 17.56 20.12
N LEU B 1162 -24.40 17.23 19.10
CA LEU B 1162 -24.52 18.10 17.95
C LEU B 1162 -25.21 19.39 18.40
N GLU B 1163 -26.22 19.25 19.26
CA GLU B 1163 -26.95 20.41 19.78
C GLU B 1163 -25.98 21.31 20.55
N HIS B 1164 -25.08 20.72 21.34
CA HIS B 1164 -24.13 21.54 22.07
C HIS B 1164 -23.19 22.27 21.10
N MET B 1165 -22.77 21.60 20.03
CA MET B 1165 -21.89 22.22 19.05
C MET B 1165 -22.56 23.42 18.42
N ALA B 1166 -23.88 23.32 18.26
CA ALA B 1166 -24.65 24.40 17.65
C ALA B 1166 -24.82 25.59 18.57
N ALA B 1167 -24.72 25.37 19.87
CA ALA B 1167 -24.88 26.45 20.83
C ALA B 1167 -23.60 27.00 21.42
N THR B 1168 -22.46 26.39 21.10
CA THR B 1168 -21.21 26.88 21.64
C THR B 1168 -20.83 28.23 21.02
N ASN B 1169 -20.03 28.99 21.74
CA ASN B 1169 -19.57 30.27 21.24
C ASN B 1169 -18.05 30.18 21.25
N ILE B 1170 -17.57 28.93 21.20
CA ILE B 1170 -16.14 28.64 21.19
C ILE B 1170 -15.76 28.02 19.84
N PHE B 1171 -15.28 28.86 18.93
CA PHE B 1171 -14.89 28.36 17.63
C PHE B 1171 -13.64 29.04 17.07
N GLU B 1172 -12.82 28.23 16.41
CA GLU B 1172 -11.57 28.66 15.80
C GLU B 1172 -11.86 29.70 14.72
N SER B 1173 -10.93 30.64 14.55
CA SER B 1173 -11.06 31.68 13.54
C SER B 1173 -10.96 31.00 12.17
N PHE B 1174 -10.38 31.68 11.18
CA PHE B 1174 -10.23 31.08 9.85
C PHE B 1174 -9.51 31.93 8.80
N ALA B 1175 -8.31 31.51 8.44
CA ALA B 1175 -7.52 32.19 7.43
C ALA B 1175 -7.52 31.31 6.17
N PRO B 1176 -8.16 31.77 5.07
CA PRO B 1176 -8.26 31.06 3.79
C PRO B 1176 -6.92 30.75 3.10
N ALA B 1177 -5.91 31.59 3.37
CA ALA B 1177 -4.55 31.47 2.83
C ALA B 1177 -3.91 32.87 2.81
N GLY B 1178 -2.82 33.02 2.05
CA GLY B 1178 -2.17 34.32 1.95
C GLY B 1178 -0.88 34.51 2.76
N GLY B 1179 0.23 34.72 2.06
CA GLY B 1179 1.49 34.92 2.75
C GLY B 1179 2.67 34.31 2.02
N LYS B 1180 3.33 33.35 2.68
CA LYS B 1180 4.49 32.64 2.16
C LYS B 1180 5.43 33.47 1.27
N ALA B 1181 5.04 33.64 0.01
CA ALA B 1181 5.83 34.41 -0.94
C ALA B 1181 7.19 33.75 -1.14
N ASP B 1182 8.00 34.34 -2.02
CA ASP B 1182 9.33 33.81 -2.32
C ASP B 1182 10.22 33.76 -1.08
N GLY B 1183 10.90 32.64 -0.91
CA GLY B 1183 11.78 32.50 0.23
C GLY B 1183 11.51 31.23 1.01
N SER B 1184 12.59 30.62 1.49
CA SER B 1184 12.50 29.41 2.28
C SER B 1184 13.77 29.35 3.11
N VAL B 1185 13.66 28.81 4.31
CA VAL B 1185 14.82 28.71 5.17
C VAL B 1185 14.89 27.30 5.78
N ASP B 1186 16.11 26.81 5.94
CA ASP B 1186 16.31 25.48 6.53
C ASP B 1186 16.15 25.57 8.04
N PHE B 1187 15.45 24.61 8.62
CA PHE B 1187 15.21 24.58 10.06
C PHE B 1187 16.50 24.51 10.88
N GLY B 1188 17.62 24.27 10.20
CA GLY B 1188 18.89 24.20 10.90
C GLY B 1188 19.68 25.51 10.96
N GLU B 1189 19.36 26.44 10.07
CA GLU B 1189 20.06 27.72 9.99
C GLU B 1189 20.16 28.51 11.29
N GLY B 1190 21.39 28.86 11.65
CA GLY B 1190 21.64 29.65 12.85
C GLY B 1190 21.33 29.02 14.18
N ALA B 1191 21.19 27.71 14.23
CA ALA B 1191 20.89 27.00 15.48
C ALA B 1191 22.15 26.89 16.37
N GLU B 1192 21.98 27.07 17.68
CA GLU B 1192 23.10 26.99 18.60
C GLU B 1192 23.69 25.59 18.77
N PHE B 1193 22.88 24.56 18.60
CA PHE B 1193 23.35 23.19 18.73
C PHE B 1193 23.02 22.40 17.46
N CYS B 1194 23.77 21.32 17.21
CA CYS B 1194 23.55 20.49 16.03
C CYS B 1194 22.07 20.15 15.87
N THR B 1195 21.61 20.24 14.64
CA THR B 1195 20.23 20.02 14.31
C THR B 1195 20.00 18.69 13.56
N ARG B 1196 21.09 18.05 13.19
CA ARG B 1196 21.04 16.77 12.49
C ARG B 1196 21.99 15.79 13.19
N ASP B 1197 21.74 14.51 13.02
CA ASP B 1197 22.57 13.48 13.65
C ASP B 1197 23.75 13.04 12.78
N ASP B 1198 24.46 12.00 13.23
CA ASP B 1198 25.63 11.48 12.51
C ASP B 1198 25.26 10.27 11.67
N THR B 1199 24.02 10.28 11.19
CA THR B 1199 23.47 9.19 10.41
C THR B 1199 23.50 9.44 8.90
N PRO B 1200 23.47 8.36 8.09
CA PRO B 1200 23.48 8.52 6.63
C PRO B 1200 22.14 9.06 6.17
N MET B 1201 21.12 8.83 6.99
CA MET B 1201 19.76 9.26 6.71
C MET B 1201 19.57 10.78 6.72
N MET B 1202 20.28 11.46 7.62
CA MET B 1202 20.16 12.91 7.69
C MET B 1202 21.21 13.62 6.83
N ALA B 1203 22.13 12.86 6.25
CA ALA B 1203 23.16 13.47 5.42
C ALA B 1203 22.55 14.17 4.20
N ARG B 1204 23.03 15.36 3.90
CA ARG B 1204 22.56 16.14 2.76
C ARG B 1204 23.74 16.79 2.07
N PRO B 1205 23.56 17.24 0.82
CA PRO B 1205 24.67 17.88 0.10
C PRO B 1205 25.37 18.98 0.90
N ASP B 1206 24.59 19.80 1.59
CA ASP B 1206 25.17 20.90 2.35
C ASP B 1206 25.42 20.64 3.82
N SER B 1207 25.35 19.39 4.27
CA SER B 1207 25.61 19.13 5.69
C SER B 1207 27.08 18.78 5.88
N GLY B 1208 27.53 18.73 7.12
CA GLY B 1208 28.91 18.40 7.38
C GLY B 1208 29.67 19.43 8.21
N GLU B 1209 29.02 20.54 8.55
CA GLU B 1209 29.66 21.59 9.35
C GLU B 1209 29.68 21.29 10.85
N ALA B 1210 30.73 21.76 11.53
CA ALA B 1210 30.88 21.56 12.98
C ALA B 1210 29.80 22.29 13.77
N CYS B 1211 29.39 21.70 14.89
CA CYS B 1211 28.36 22.26 15.76
C CYS B 1211 28.39 21.56 17.12
N ASP B 1212 27.70 22.12 18.11
CA ASP B 1212 27.64 21.55 19.46
C ASP B 1212 26.60 20.41 19.44
N GLN B 1213 27.10 19.19 19.55
CA GLN B 1213 26.28 17.98 19.51
C GLN B 1213 25.60 17.57 20.82
N ASN B 1214 25.53 18.49 21.78
CA ASN B 1214 24.90 18.21 23.07
C ASN B 1214 25.57 17.14 23.92
N ARG B 1215 26.88 16.97 23.77
CA ARG B 1215 27.60 15.99 24.57
C ARG B 1215 28.41 16.63 25.69
N ALA B 1216 28.28 17.95 25.82
CA ALA B 1216 29.00 18.70 26.84
C ALA B 1216 28.05 19.34 27.85
N GLY B 1217 26.76 19.11 27.66
CA GLY B 1217 25.77 19.67 28.56
C GLY B 1217 25.19 20.98 28.06
N THR B 1218 24.31 21.55 28.86
CA THR B 1218 23.66 22.82 28.55
C THR B 1218 24.61 24.01 28.33
N SER B 1219 24.06 25.13 27.85
CA SER B 1219 24.85 26.33 27.64
C SER B 1219 25.26 26.87 29.00
N GLU B 1220 24.32 26.93 29.94
CA GLU B 1220 24.67 27.43 31.25
C GLU B 1220 25.61 26.45 31.95
N GLN B 1221 25.36 25.15 31.79
CA GLN B 1221 26.21 24.14 32.41
C GLN B 1221 27.64 24.29 31.88
N GLN B 1222 27.77 24.41 30.56
CA GLN B 1222 29.08 24.60 29.97
C GLN B 1222 29.64 25.93 30.49
N GLY B 1223 28.78 26.95 30.51
CA GLY B 1223 29.18 28.26 30.98
C GLY B 1223 29.69 28.24 32.41
N ASP B 1224 28.96 27.57 33.29
CA ASP B 1224 29.36 27.48 34.68
C ASP B 1224 30.61 26.61 34.86
N LEU B 1225 30.76 25.57 34.05
CA LEU B 1225 31.93 24.70 34.15
C LEU B 1225 33.16 25.55 33.83
N SER B 1226 33.04 26.38 32.80
CA SER B 1226 34.11 27.28 32.37
C SER B 1226 34.54 28.13 33.58
N LYS B 1227 33.57 28.80 34.18
CA LYS B 1227 33.78 29.64 35.34
C LYS B 1227 34.50 28.91 36.47
N ARG B 1228 34.11 27.67 36.71
CA ARG B 1228 34.70 26.86 37.77
C ARG B 1228 36.08 26.30 37.49
N THR B 1229 36.48 26.29 36.23
CA THR B 1229 37.79 25.75 35.86
C THR B 1229 38.70 26.80 35.22
N LYS B 1230 38.13 27.96 34.92
CA LYS B 1230 38.85 29.08 34.30
C LYS B 1230 40.31 28.86 33.91
N LYS B 1231 41.20 28.92 34.89
CA LYS B 1231 42.65 28.73 34.67
C LYS B 1231 43.32 30.00 34.14
#